data_7JIM
# 
_entry.id   7JIM 
# 
_audit_conform.dict_name       mmcif_pdbx.dic 
_audit_conform.dict_version    5.380 
_audit_conform.dict_location   http://mmcif.pdb.org/dictionaries/ascii/mmcif_pdbx.dic 
# 
loop_
_database_2.database_id 
_database_2.database_code 
_database_2.pdbx_database_accession 
_database_2.pdbx_DOI 
PDB   7JIM         pdb_00007jim 10.2210/pdb7jim/pdb 
WWPDB D_1000250821 ?            ?                   
# 
_pdbx_database_status.status_code                     REL 
_pdbx_database_status.status_code_sf                  REL 
_pdbx_database_status.status_code_mr                  ? 
_pdbx_database_status.entry_id                        7JIM 
_pdbx_database_status.recvd_initial_deposition_date   2020-07-23 
_pdbx_database_status.SG_entry                        N 
_pdbx_database_status.deposit_site                    RCSB 
_pdbx_database_status.process_site                    RCSB 
_pdbx_database_status.status_code_cs                  ? 
_pdbx_database_status.status_code_nmr_data            ? 
_pdbx_database_status.methods_development_category    ? 
_pdbx_database_status.pdb_format_compatible           Y 
# 
loop_
_audit_author.name 
_audit_author.pdbx_ordinal 
_audit_author.identifier_ORCID 
'Simmons, C.R.'      1 0000-0002-2290-6132 
'MacCulloch, T.'     2 0000-0001-5875-3361 
'Stephanopoulos, N.' 3 0000-0001-7859-410X 
'Yan, H.'            4 0000-0001-7397-9852 
# 
_citation.abstract                  ? 
_citation.abstract_id_CAS           ? 
_citation.book_id_ISBN              ? 
_citation.book_publisher            ? 
_citation.book_publisher_city       ? 
_citation.book_title                ? 
_citation.coordinate_linkage        ? 
_citation.country                   UK 
_citation.database_id_Medline       ? 
_citation.details                   ? 
_citation.id                        primary 
_citation.journal_abbrev            'Nat Commun' 
_citation.journal_id_ASTM           ? 
_citation.journal_id_CSD            ? 
_citation.journal_id_ISSN           2041-1723 
_citation.journal_full              ? 
_citation.journal_issue             ? 
_citation.journal_volume            13 
_citation.language                  ? 
_citation.page_first                3112 
_citation.page_last                 3112 
_citation.title                     'The influence of Holliday junction sequence and dynamics on DNA crystal self-assembly.' 
_citation.year                      2022 
_citation.database_id_CSD           ? 
_citation.pdbx_database_id_DOI      10.1038/s41467-022-30779-6 
_citation.pdbx_database_id_PubMed   35662248 
_citation.unpublished_flag          ? 
# 
loop_
_citation_author.citation_id 
_citation_author.name 
_citation_author.ordinal 
_citation_author.identifier_ORCID 
primary 'Simmons, C.R.'      1  ?                   
primary 'MacCulloch, T.'     2  ?                   
primary 'Krepl, M.'          3  0000-0002-9833-4281 
primary 'Matthies, M.'       4  ?                   
primary 'Buchberger, A.'     5  ?                   
primary 'Crawford, I.'       6  ?                   
primary 'Sponer, J.'         7  0000-0001-6558-6186 
primary 'Sulc, P.'           8  0000-0003-1565-6769 
primary 'Stephanopoulos, N.' 9  0000-0001-7859-410X 
primary 'Yan, H.'            10 0000-0001-7397-9852 
# 
_cell.angle_alpha                  90.000 
_cell.angle_alpha_esd              ? 
_cell.angle_beta                   90.000 
_cell.angle_beta_esd               ? 
_cell.angle_gamma                  120.000 
_cell.angle_gamma_esd              ? 
_cell.entry_id                     7JIM 
_cell.details                      ? 
_cell.formula_units_Z              ? 
_cell.length_a                     112.088 
_cell.length_a_esd                 ? 
_cell.length_b                     112.088 
_cell.length_b_esd                 ? 
_cell.length_c                     51.133 
_cell.length_c_esd                 ? 
_cell.volume                       ? 
_cell.volume_esd                   ? 
_cell.Z_PDB                        9 
_cell.reciprocal_angle_alpha       ? 
_cell.reciprocal_angle_beta        ? 
_cell.reciprocal_angle_gamma       ? 
_cell.reciprocal_angle_alpha_esd   ? 
_cell.reciprocal_angle_beta_esd    ? 
_cell.reciprocal_angle_gamma_esd   ? 
_cell.reciprocal_length_a          ? 
_cell.reciprocal_length_b          ? 
_cell.reciprocal_length_c          ? 
_cell.reciprocal_length_a_esd      ? 
_cell.reciprocal_length_b_esd      ? 
_cell.reciprocal_length_c_esd      ? 
_cell.pdbx_unique_axis             ? 
# 
_symmetry.entry_id                         7JIM 
_symmetry.cell_setting                     ? 
_symmetry.Int_Tables_number                146 
_symmetry.space_group_name_Hall            ? 
_symmetry.space_group_name_H-M             'H 3' 
_symmetry.pdbx_full_space_group_name_H-M   ? 
# 
loop_
_entity.id 
_entity.type 
_entity.src_method 
_entity.pdbx_description 
_entity.formula_weight 
_entity.pdbx_number_of_molecules 
_entity.pdbx_ec 
_entity.pdbx_mutation 
_entity.pdbx_fragment 
_entity.details 
1 polymer     syn 
;DNA (5'-D(*GP*AP*AP*CP*GP*AP*CP*AP*TP*TP*GP*A)-3')
;
3695.443 1 ? ? ? ? 
2 polymer     syn 
;DNA (5'-D(P*CP*GP*AP*CP*GP*AP*CP*TP*C)-3')
;
2700.788 1 ? ? ? ? 
3 polymer     syn 
;DNA (5'-D(P*TP*CP*AP*TP*CP*G)-3')
;
1784.204 1 ? ? ? ? 
4 polymer     syn 
;DNA (5'-D(*TP*CP*GP*AP*GP*TP*CP*AP*GP*TP*GP*TP*CP*GP*T)-3')
;
4615.994 1 ? ? ? ? 
5 non-polymer syn 'CACODYLATE ION'                                              136.989  2 ? ? ? ? 
# 
loop_
_entity_poly.entity_id 
_entity_poly.type 
_entity_poly.nstd_linkage 
_entity_poly.nstd_monomer 
_entity_poly.pdbx_seq_one_letter_code 
_entity_poly.pdbx_seq_one_letter_code_can 
_entity_poly.pdbx_strand_id 
_entity_poly.pdbx_target_identifier 
1 polydeoxyribonucleotide no no '(DG)(DA)(DA)(DC)(DG)(DA)(DC)(DA)(DT)(DT)(DG)(DA)'             GAACGACATTGA    A ? 
2 polydeoxyribonucleotide no no '(DC)(DG)(DA)(DC)(DG)(DA)(DC)(DT)(DC)'                         CGACGACTC       B ? 
3 polydeoxyribonucleotide no no '(DT)(DC)(DA)(DT)(DC)(DG)'                                     TCATCG          C ? 
4 polydeoxyribonucleotide no no '(DT)(DC)(DG)(DA)(DG)(DT)(DC)(DA)(DG)(DT)(DG)(DT)(DC)(DG)(DT)' TCGAGTCAGTGTCGT D ? 
# 
loop_
_entity_poly_seq.entity_id 
_entity_poly_seq.num 
_entity_poly_seq.mon_id 
_entity_poly_seq.hetero 
1 1  DG n 
1 2  DA n 
1 3  DA n 
1 4  DC n 
1 5  DG n 
1 6  DA n 
1 7  DC n 
1 8  DA n 
1 9  DT n 
1 10 DT n 
1 11 DG n 
1 12 DA n 
2 1  DC n 
2 2  DG n 
2 3  DA n 
2 4  DC n 
2 5  DG n 
2 6  DA n 
2 7  DC n 
2 8  DT n 
2 9  DC n 
3 1  DT n 
3 2  DC n 
3 3  DA n 
3 4  DT n 
3 5  DC n 
3 6  DG n 
4 1  DT n 
4 2  DC n 
4 3  DG n 
4 4  DA n 
4 5  DG n 
4 6  DT n 
4 7  DC n 
4 8  DA n 
4 9  DG n 
4 10 DT n 
4 11 DG n 
4 12 DT n 
4 13 DC n 
4 14 DG n 
4 15 DT n 
# 
loop_
_pdbx_entity_src_syn.entity_id 
_pdbx_entity_src_syn.pdbx_src_id 
_pdbx_entity_src_syn.pdbx_alt_source_flag 
_pdbx_entity_src_syn.pdbx_beg_seq_num 
_pdbx_entity_src_syn.pdbx_end_seq_num 
_pdbx_entity_src_syn.organism_scientific 
_pdbx_entity_src_syn.organism_common_name 
_pdbx_entity_src_syn.ncbi_taxonomy_id 
_pdbx_entity_src_syn.details 
1 1 sample 1 12 'synthetic construct' ? 32630 ? 
2 1 sample 1 9  'synthetic construct' ? 32630 ? 
3 1 sample 1 6  'synthetic construct' ? 32630 ? 
4 1 sample 1 15 'synthetic construct' ? 32630 ? 
# 
loop_
_struct_ref.id 
_struct_ref.db_name 
_struct_ref.db_code 
_struct_ref.pdbx_db_accession 
_struct_ref.pdbx_db_isoform 
_struct_ref.entity_id 
_struct_ref.pdbx_seq_one_letter_code 
_struct_ref.pdbx_align_begin 
1 PDB 7JIM 7JIM ? 1 ? 1 
2 PDB 7JIM 7JIM ? 2 ? 1 
3 PDB 7JIM 7JIM ? 3 ? 1 
4 PDB 7JIM 7JIM ? 4 ? 1 
# 
loop_
_struct_ref_seq.align_id 
_struct_ref_seq.ref_id 
_struct_ref_seq.pdbx_PDB_id_code 
_struct_ref_seq.pdbx_strand_id 
_struct_ref_seq.seq_align_beg 
_struct_ref_seq.pdbx_seq_align_beg_ins_code 
_struct_ref_seq.seq_align_end 
_struct_ref_seq.pdbx_seq_align_end_ins_code 
_struct_ref_seq.pdbx_db_accession 
_struct_ref_seq.db_align_beg 
_struct_ref_seq.pdbx_db_align_beg_ins_code 
_struct_ref_seq.db_align_end 
_struct_ref_seq.pdbx_db_align_end_ins_code 
_struct_ref_seq.pdbx_auth_seq_align_beg 
_struct_ref_seq.pdbx_auth_seq_align_end 
1 1 7JIM A 1 ? 12 ? 7JIM 1  ? 12 ? 1  12 
2 2 7JIM B 1 ? 9  ? 7JIM 12 ? 20 ? 12 20 
3 3 7JIM C 1 ? 6  ? 7JIM 0  ? 5  ? 0  5  
4 4 7JIM D 1 ? 15 ? 7JIM 2  ? 16 ? 2  16 
# 
loop_
_chem_comp.id 
_chem_comp.type 
_chem_comp.mon_nstd_flag 
_chem_comp.name 
_chem_comp.pdbx_synonyms 
_chem_comp.formula 
_chem_comp.formula_weight 
CAC non-polymer   . 'CACODYLATE ION'                     dimethylarsinate 'C2 H6 As O2 -1'  136.989 
DA  'DNA linking' y "2'-DEOXYADENOSINE-5'-MONOPHOSPHATE" ?                'C10 H14 N5 O6 P' 331.222 
DC  'DNA linking' y "2'-DEOXYCYTIDINE-5'-MONOPHOSPHATE"  ?                'C9 H14 N3 O7 P'  307.197 
DG  'DNA linking' y "2'-DEOXYGUANOSINE-5'-MONOPHOSPHATE" ?                'C10 H14 N5 O7 P' 347.221 
DT  'DNA linking' y "THYMIDINE-5'-MONOPHOSPHATE"         ?                'C10 H15 N2 O8 P' 322.208 
# 
_exptl.absorpt_coefficient_mu     ? 
_exptl.absorpt_correction_T_max   ? 
_exptl.absorpt_correction_T_min   ? 
_exptl.absorpt_correction_type    ? 
_exptl.absorpt_process_details    ? 
_exptl.entry_id                   7JIM 
_exptl.crystals_number            1 
_exptl.details                    ? 
_exptl.method                     'X-RAY DIFFRACTION' 
_exptl.method_details             ? 
# 
_exptl_crystal.colour                      ? 
_exptl_crystal.density_diffrn              ? 
_exptl_crystal.density_Matthews            4.83 
_exptl_crystal.density_method              ? 
_exptl_crystal.density_percent_sol         74.54 
_exptl_crystal.description                 ? 
_exptl_crystal.F_000                       ? 
_exptl_crystal.id                          1 
_exptl_crystal.preparation                 ? 
_exptl_crystal.size_max                    ? 
_exptl_crystal.size_mid                    ? 
_exptl_crystal.size_min                    ? 
_exptl_crystal.size_rad                    ? 
_exptl_crystal.colour_lustre               ? 
_exptl_crystal.colour_modifier             ? 
_exptl_crystal.colour_primary              ? 
_exptl_crystal.density_meas                ? 
_exptl_crystal.density_meas_esd            ? 
_exptl_crystal.density_meas_gt             ? 
_exptl_crystal.density_meas_lt             ? 
_exptl_crystal.density_meas_temp           ? 
_exptl_crystal.density_meas_temp_esd       ? 
_exptl_crystal.density_meas_temp_gt        ? 
_exptl_crystal.density_meas_temp_lt        ? 
_exptl_crystal.pdbx_crystal_image_url      ? 
_exptl_crystal.pdbx_crystal_image_format   ? 
_exptl_crystal.pdbx_mosaicity              ? 
_exptl_crystal.pdbx_mosaicity_esd          ? 
# 
_exptl_crystal_grow.apparatus       ? 
_exptl_crystal_grow.atmosphere      ? 
_exptl_crystal_grow.crystal_id      1 
_exptl_crystal_grow.details         ? 
_exptl_crystal_grow.method          'VAPOR DIFFUSION, SITTING DROP' 
_exptl_crystal_grow.method_ref      ? 
_exptl_crystal_grow.pH              ? 
_exptl_crystal_grow.pressure        ? 
_exptl_crystal_grow.pressure_esd    ? 
_exptl_crystal_grow.seeding         ? 
_exptl_crystal_grow.seeding_ref     ? 
_exptl_crystal_grow.temp            298 
_exptl_crystal_grow.temp_details    'temperature gradient generated from 60 to 25 C at 0.3 degrees per hour' 
_exptl_crystal_grow.temp_esd        ? 
_exptl_crystal_grow.time            ? 
_exptl_crystal_grow.pdbx_details    
;0.5 mL of 0.05 M HEPES pH 7.5 with 15 mM MgCl2, 1.0 mM spermidine, and 10% dioxane was added to the reservoir with 2 uL added to the drop containing 4 uL of DNA stock
;
_exptl_crystal_grow.pdbx_pH_range   ? 
# 
_diffrn.ambient_environment              ? 
_diffrn.ambient_temp                     100 
_diffrn.ambient_temp_details             ? 
_diffrn.ambient_temp_esd                 ? 
_diffrn.crystal_id                       1 
_diffrn.crystal_support                  ? 
_diffrn.crystal_treatment                ? 
_diffrn.details                          ? 
_diffrn.id                               1 
_diffrn.ambient_pressure                 ? 
_diffrn.ambient_pressure_esd             ? 
_diffrn.ambient_pressure_gt              ? 
_diffrn.ambient_pressure_lt              ? 
_diffrn.ambient_temp_gt                  ? 
_diffrn.ambient_temp_lt                  ? 
_diffrn.pdbx_serial_crystal_experiment   N 
# 
_diffrn_detector.details                      ? 
_diffrn_detector.detector                     PIXEL 
_diffrn_detector.diffrn_id                    1 
_diffrn_detector.type                         'DECTRIS EIGER X 16M' 
_diffrn_detector.area_resol_mean              ? 
_diffrn_detector.dtime                        ? 
_diffrn_detector.pdbx_frames_total            ? 
_diffrn_detector.pdbx_collection_time_total   ? 
_diffrn_detector.pdbx_collection_date         2019-08-15 
_diffrn_detector.pdbx_frequency               ? 
# 
_diffrn_radiation.collimation                      ? 
_diffrn_radiation.diffrn_id                        1 
_diffrn_radiation.filter_edge                      ? 
_diffrn_radiation.inhomogeneity                    ? 
_diffrn_radiation.monochromator                    ? 
_diffrn_radiation.polarisn_norm                    ? 
_diffrn_radiation.polarisn_ratio                   ? 
_diffrn_radiation.probe                            ? 
_diffrn_radiation.type                             ? 
_diffrn_radiation.xray_symbol                      ? 
_diffrn_radiation.wavelength_id                    1 
_diffrn_radiation.pdbx_monochromatic_or_laue_m_l   M 
_diffrn_radiation.pdbx_wavelength_list             ? 
_diffrn_radiation.pdbx_wavelength                  ? 
_diffrn_radiation.pdbx_diffrn_protocol             'SINGLE WAVELENGTH' 
_diffrn_radiation.pdbx_analyzer                    ? 
_diffrn_radiation.pdbx_scattering_type             x-ray 
# 
_diffrn_radiation_wavelength.id           1 
_diffrn_radiation_wavelength.wavelength   1 
_diffrn_radiation_wavelength.wt           1.0 
# 
_diffrn_source.current                     ? 
_diffrn_source.details                     ? 
_diffrn_source.diffrn_id                   1 
_diffrn_source.power                       ? 
_diffrn_source.size                        ? 
_diffrn_source.source                      SYNCHROTRON 
_diffrn_source.target                      ? 
_diffrn_source.type                        'NSLS-II BEAMLINE 17-ID-1' 
_diffrn_source.voltage                     ? 
_diffrn_source.take-off_angle              ? 
_diffrn_source.pdbx_wavelength_list        1 
_diffrn_source.pdbx_wavelength             ? 
_diffrn_source.pdbx_synchrotron_beamline   17-ID-1 
_diffrn_source.pdbx_synchrotron_site       NSLS-II 
# 
_reflns.B_iso_Wilson_estimate            62.590 
_reflns.entry_id                         7JIM 
_reflns.data_reduction_details           ? 
_reflns.data_reduction_method            ? 
_reflns.d_resolution_high                3.000 
_reflns.d_resolution_low                 50.000 
_reflns.details                          ? 
_reflns.limit_h_max                      ? 
_reflns.limit_h_min                      ? 
_reflns.limit_k_max                      ? 
_reflns.limit_k_min                      ? 
_reflns.limit_l_max                      ? 
_reflns.limit_l_min                      ? 
_reflns.number_all                       ? 
_reflns.number_obs                       4461 
_reflns.observed_criterion               ? 
_reflns.observed_criterion_F_max         ? 
_reflns.observed_criterion_F_min         ? 
_reflns.observed_criterion_I_max         ? 
_reflns.observed_criterion_I_min         ? 
_reflns.observed_criterion_sigma_F       ? 
_reflns.observed_criterion_sigma_I       ? 
_reflns.percent_possible_obs             94.900 
_reflns.R_free_details                   ? 
_reflns.Rmerge_F_all                     ? 
_reflns.Rmerge_F_obs                     ? 
_reflns.Friedel_coverage                 ? 
_reflns.number_gt                        ? 
_reflns.threshold_expression             ? 
_reflns.pdbx_redundancy                  8.400 
_reflns.pdbx_Rmerge_I_obs                0.158 
_reflns.pdbx_Rmerge_I_all                ? 
_reflns.pdbx_Rsym_value                  ? 
_reflns.pdbx_netI_over_av_sigmaI         ? 
_reflns.pdbx_netI_over_sigmaI            4.300 
_reflns.pdbx_res_netI_over_av_sigmaI_2   ? 
_reflns.pdbx_res_netI_over_sigmaI_2      ? 
_reflns.pdbx_chi_squared                 1.878 
_reflns.pdbx_scaling_rejects             ? 
_reflns.pdbx_d_res_high_opt              ? 
_reflns.pdbx_d_res_low_opt               ? 
_reflns.pdbx_d_res_opt_method            ? 
_reflns.phase_calculation_details        ? 
_reflns.pdbx_Rrim_I_all                  0.166 
_reflns.pdbx_Rpim_I_all                  0.053 
_reflns.pdbx_d_opt                       ? 
_reflns.pdbx_number_measured_all         ? 
_reflns.pdbx_diffrn_id                   1 
_reflns.pdbx_ordinal                     1 
_reflns.pdbx_CC_half                     0.931 
_reflns.pdbx_CC_star                     ? 
_reflns.pdbx_R_split                     ? 
# 
loop_
_reflns_shell.d_res_high 
_reflns_shell.d_res_low 
_reflns_shell.meanI_over_sigI_all 
_reflns_shell.meanI_over_sigI_obs 
_reflns_shell.number_measured_all 
_reflns_shell.number_measured_obs 
_reflns_shell.number_possible 
_reflns_shell.number_unique_all 
_reflns_shell.number_unique_obs 
_reflns_shell.percent_possible_all 
_reflns_shell.percent_possible_obs 
_reflns_shell.Rmerge_F_all 
_reflns_shell.Rmerge_F_obs 
_reflns_shell.Rmerge_I_all 
_reflns_shell.Rmerge_I_obs 
_reflns_shell.meanI_over_sigI_gt 
_reflns_shell.meanI_over_uI_all 
_reflns_shell.meanI_over_uI_gt 
_reflns_shell.number_measured_gt 
_reflns_shell.number_unique_gt 
_reflns_shell.percent_possible_gt 
_reflns_shell.Rmerge_F_gt 
_reflns_shell.Rmerge_I_gt 
_reflns_shell.pdbx_redundancy 
_reflns_shell.pdbx_Rsym_value 
_reflns_shell.pdbx_chi_squared 
_reflns_shell.pdbx_netI_over_sigmaI_all 
_reflns_shell.pdbx_netI_over_sigmaI_obs 
_reflns_shell.pdbx_Rrim_I_all 
_reflns_shell.pdbx_Rpim_I_all 
_reflns_shell.pdbx_rejects 
_reflns_shell.pdbx_ordinal 
_reflns_shell.pdbx_diffrn_id 
_reflns_shell.pdbx_CC_half 
_reflns_shell.pdbx_CC_star 
_reflns_shell.pdbx_R_split 
3.000 3.050  ? ? ? ? ? ? 147 64.200  ? ? ? ? 1.184 ? ? ? ? ? ? ? ? 5.300  ? 0.322  ? ? 1.283 0.475 ? 1  1 0.525 ? ? 
3.050 3.110  ? ? ? ? ? ? 159 70.400  ? ? ? ? 0.498 ? ? ? ? ? ? ? ? 4.900  ? 0.362  ? ? 0.540 0.201 ? 2  1 0.914 ? ? 
3.110 3.170  ? ? ? ? ? ? 194 77.900  ? ? ? ? 0.219 ? ? ? ? ? ? ? ? 5.700  ? 0.599  ? ? 0.234 0.080 ? 3  1 0.990 ? ? 
3.170 3.230  ? ? ? ? ? ? 210 92.100  ? ? ? ? 0.347 ? ? ? ? ? ? ? ? 4.900  ? 0.595  ? ? 0.374 0.136 ? 4  1 0.982 ? ? 
3.230 3.300  ? ? ? ? ? ? 233 96.300  ? ? ? ? 0.272 ? ? ? ? ? ? ? ? 5.500  ? 1.019  ? ? 0.290 0.097 ? 5  1 0.978 ? ? 
3.300 3.380  ? ? ? ? ? ? 221 97.800  ? ? ? ? 0.226 ? ? ? ? ? ? ? ? 5.900  ? 0.737  ? ? 0.241 0.083 ? 6  1 0.985 ? ? 
3.380 3.460  ? ? ? ? ? ? 239 99.200  ? ? ? ? 0.227 ? ? ? ? ? ? ? ? 6.300  ? 0.776  ? ? 0.242 0.083 ? 7  1 0.988 ? ? 
3.460 3.560  ? ? ? ? ? ? 225 100.000 ? ? ? ? 0.249 ? ? ? ? ? ? ? ? 7.300  ? 0.619  ? ? 0.265 0.090 ? 8  1 0.983 ? ? 
3.560 3.660  ? ? ? ? ? ? 235 100.000 ? ? ? ? 0.340 ? ? ? ? ? ? ? ? 8.200  ? 0.608  ? ? 0.361 0.120 ? 9  1 0.959 ? ? 
3.660 3.780  ? ? ? ? ? ? 233 100.000 ? ? ? ? 0.443 ? ? ? ? ? ? ? ? 9.100  ? 0.578  ? ? 0.469 0.153 ? 10 1 0.933 ? ? 
3.780 3.910  ? ? ? ? ? ? 248 100.000 ? ? ? ? 0.408 ? ? ? ? ? ? ? ? 9.500  ? 0.712  ? ? 0.431 0.138 ? 11 1 0.928 ? ? 
3.910 4.070  ? ? ? ? ? ? 236 100.000 ? ? ? ? 0.305 ? ? ? ? ? ? ? ? 9.900  ? 0.892  ? ? 0.322 0.101 ? 12 1 0.965 ? ? 
4.070 4.260  ? ? ? ? ? ? 234 100.000 ? ? ? ? 0.299 ? ? ? ? ? ? ? ? 10.200 ? 1.021  ? ? 0.314 0.098 ? 13 1 0.966 ? ? 
4.260 4.480  ? ? ? ? ? ? 236 100.000 ? ? ? ? 0.258 ? ? ? ? ? ? ? ? 10.300 ? 0.827  ? ? 0.271 0.084 ? 14 1 0.975 ? ? 
4.480 4.760  ? ? ? ? ? ? 234 100.000 ? ? ? ? 0.261 ? ? ? ? ? ? ? ? 10.400 ? 1.352  ? ? 0.275 0.085 ? 15 1 0.949 ? ? 
4.760 5.130  ? ? ? ? ? ? 241 100.000 ? ? ? ? 0.201 ? ? ? ? ? ? ? ? 10.200 ? 1.387  ? ? 0.212 0.066 ? 16 1 0.984 ? ? 
5.130 5.640  ? ? ? ? ? ? 230 100.000 ? ? ? ? 0.162 ? ? ? ? ? ? ? ? 9.600  ? 2.050  ? ? 0.171 0.055 ? 17 1 0.984 ? ? 
5.640 6.460  ? ? ? ? ? ? 237 100.000 ? ? ? ? 0.127 ? ? ? ? ? ? ? ? 9.600  ? 1.837  ? ? 0.134 0.043 ? 18 1 0.991 ? ? 
6.460 8.130  ? ? ? ? ? ? 234 100.000 ? ? ? ? 0.122 ? ? ? ? ? ? ? ? 10.300 ? 3.605  ? ? 0.129 0.041 ? 19 1 0.964 ? ? 
8.130 50.000 ? ? ? ? ? ? 235 100.000 ? ? ? ? 0.111 ? ? ? ? ? ? ? ? 11.000 ? 10.806 ? ? 0.117 0.036 ? 20 1 0.986 ? ? 
# 
_refine.aniso_B[1][1]                            ? 
_refine.aniso_B[1][2]                            ? 
_refine.aniso_B[1][3]                            ? 
_refine.aniso_B[2][2]                            ? 
_refine.aniso_B[2][3]                            ? 
_refine.aniso_B[3][3]                            ? 
_refine.B_iso_max                                152.110 
_refine.B_iso_mean                               71.4773 
_refine.B_iso_min                                43.390 
_refine.correlation_coeff_Fo_to_Fc               ? 
_refine.correlation_coeff_Fo_to_Fc_free          ? 
_refine.details                                  ? 
_refine.diff_density_max                         ? 
_refine.diff_density_max_esd                     ? 
_refine.diff_density_min                         ? 
_refine.diff_density_min_esd                     ? 
_refine.diff_density_rms                         ? 
_refine.diff_density_rms_esd                     ? 
_refine.entry_id                                 7JIM 
_refine.pdbx_refine_id                           'X-RAY DIFFRACTION' 
_refine.ls_abs_structure_details                 ? 
_refine.ls_abs_structure_Flack                   ? 
_refine.ls_abs_structure_Flack_esd               ? 
_refine.ls_abs_structure_Rogers                  ? 
_refine.ls_abs_structure_Rogers_esd              ? 
_refine.ls_d_res_high                            3.0150 
_refine.ls_d_res_low                             45.2400 
_refine.ls_extinction_coef                       ? 
_refine.ls_extinction_coef_esd                   ? 
_refine.ls_extinction_expression                 ? 
_refine.ls_extinction_method                     ? 
_refine.ls_goodness_of_fit_all                   ? 
_refine.ls_goodness_of_fit_all_esd               ? 
_refine.ls_goodness_of_fit_obs                   ? 
_refine.ls_goodness_of_fit_obs_esd               ? 
_refine.ls_hydrogen_treatment                    ? 
_refine.ls_matrix_type                           ? 
_refine.ls_number_constraints                    ? 
_refine.ls_number_parameters                     ? 
_refine.ls_number_reflns_all                     ? 
_refine.ls_number_reflns_obs                     4406 
_refine.ls_number_reflns_R_free                  449 
_refine.ls_number_reflns_R_work                  3957 
_refine.ls_number_restraints                     ? 
_refine.ls_percent_reflns_obs                    93.1900 
_refine.ls_percent_reflns_R_free                 10.1900 
_refine.ls_R_factor_all                          ? 
_refine.ls_R_factor_obs                          0.2294 
_refine.ls_R_factor_R_free                       0.2613 
_refine.ls_R_factor_R_free_error                 ? 
_refine.ls_R_factor_R_free_error_details         ? 
_refine.ls_R_factor_R_work                       0.2259 
_refine.ls_R_Fsqd_factor_obs                     ? 
_refine.ls_R_I_factor_obs                        ? 
_refine.ls_redundancy_reflns_all                 ? 
_refine.ls_redundancy_reflns_obs                 ? 
_refine.ls_restrained_S_all                      ? 
_refine.ls_restrained_S_obs                      ? 
_refine.ls_shift_over_esd_max                    ? 
_refine.ls_shift_over_esd_mean                   ? 
_refine.ls_structure_factor_coef                 ? 
_refine.ls_weighting_details                     ? 
_refine.ls_weighting_scheme                      ? 
_refine.ls_wR_factor_all                         ? 
_refine.ls_wR_factor_obs                         ? 
_refine.ls_wR_factor_R_free                      ? 
_refine.ls_wR_factor_R_work                      ? 
_refine.occupancy_max                            ? 
_refine.occupancy_min                            ? 
_refine.solvent_model_details                    'FLAT BULK SOLVENT MODEL' 
_refine.solvent_model_param_bsol                 ? 
_refine.solvent_model_param_ksol                 ? 
_refine.pdbx_R_complete                          ? 
_refine.ls_R_factor_gt                           ? 
_refine.ls_goodness_of_fit_gt                    ? 
_refine.ls_goodness_of_fit_ref                   ? 
_refine.ls_shift_over_su_max                     ? 
_refine.ls_shift_over_su_max_lt                  ? 
_refine.ls_shift_over_su_mean                    ? 
_refine.ls_shift_over_su_mean_lt                 ? 
_refine.pdbx_ls_sigma_I                          ? 
_refine.pdbx_ls_sigma_F                          1.960 
_refine.pdbx_ls_sigma_Fsqd                       ? 
_refine.pdbx_data_cutoff_high_absF               ? 
_refine.pdbx_data_cutoff_high_rms_absF           ? 
_refine.pdbx_data_cutoff_low_absF                ? 
_refine.pdbx_isotropic_thermal_model             ? 
_refine.pdbx_ls_cross_valid_method               THROUGHOUT 
_refine.pdbx_method_to_determine_struct          'MOLECULAR REPLACEMENT' 
_refine.pdbx_starting_model                      6XNA 
_refine.pdbx_stereochemistry_target_values       ML 
_refine.pdbx_R_Free_selection_details            ? 
_refine.pdbx_stereochem_target_val_spec_case     ? 
_refine.pdbx_overall_ESU_R                       ? 
_refine.pdbx_overall_ESU_R_Free                  ? 
_refine.pdbx_solvent_vdw_probe_radii             1.1100 
_refine.pdbx_solvent_ion_probe_radii             ? 
_refine.pdbx_solvent_shrinkage_radii             0.9000 
_refine.pdbx_real_space_R                        ? 
_refine.pdbx_density_correlation                 ? 
_refine.pdbx_pd_number_of_powder_patterns        ? 
_refine.pdbx_pd_number_of_points                 ? 
_refine.pdbx_pd_meas_number_of_points            ? 
_refine.pdbx_pd_proc_ls_prof_R_factor            ? 
_refine.pdbx_pd_proc_ls_prof_wR_factor           ? 
_refine.pdbx_pd_Marquardt_correlation_coeff      ? 
_refine.pdbx_pd_Fsqrd_R_factor                   ? 
_refine.pdbx_pd_ls_matrix_band_width             ? 
_refine.pdbx_overall_phase_error                 35.3700 
_refine.pdbx_overall_SU_R_free_Cruickshank_DPI   ? 
_refine.pdbx_overall_SU_R_free_Blow_DPI          ? 
_refine.pdbx_overall_SU_R_Blow_DPI               ? 
_refine.pdbx_TLS_residual_ADP_flag               ? 
_refine.pdbx_diffrn_id                           1 
_refine.overall_SU_B                             ? 
_refine.overall_SU_ML                            0.1900 
_refine.overall_SU_R_Cruickshank_DPI             ? 
_refine.overall_SU_R_free                        ? 
_refine.overall_FOM_free_R_set                   ? 
_refine.overall_FOM_work_R_set                   ? 
_refine.pdbx_average_fsc_overall                 ? 
_refine.pdbx_average_fsc_work                    ? 
_refine.pdbx_average_fsc_free                    ? 
# 
_refine_hist.pdbx_refine_id                   'X-RAY DIFFRACTION' 
_refine_hist.cycle_id                         final 
_refine_hist.details                          ? 
_refine_hist.d_res_high                       3.0150 
_refine_hist.d_res_low                        45.2400 
_refine_hist.number_atoms_solvent             0 
_refine_hist.number_atoms_total               857 
_refine_hist.number_reflns_all                ? 
_refine_hist.number_reflns_obs                ? 
_refine_hist.number_reflns_R_free             ? 
_refine_hist.number_reflns_R_work             ? 
_refine_hist.R_factor_all                     ? 
_refine_hist.R_factor_obs                     ? 
_refine_hist.R_factor_R_free                  ? 
_refine_hist.R_factor_R_work                  ? 
_refine_hist.pdbx_number_residues_total       42 
_refine_hist.pdbx_B_iso_mean_ligand           135.43 
_refine_hist.pdbx_B_iso_mean_solvent          ? 
_refine_hist.pdbx_number_atoms_protein        0 
_refine_hist.pdbx_number_atoms_nucleic_acid   855 
_refine_hist.pdbx_number_atoms_ligand         2 
_refine_hist.pdbx_number_atoms_lipid          ? 
_refine_hist.pdbx_number_atoms_carb           ? 
_refine_hist.pdbx_pseudo_atom_details         ? 
# 
loop_
_refine_ls_restr.pdbx_refine_id 
_refine_ls_restr.criterion 
_refine_ls_restr.dev_ideal 
_refine_ls_restr.dev_ideal_target 
_refine_ls_restr.number 
_refine_ls_restr.rejects 
_refine_ls_restr.type 
_refine_ls_restr.weight 
_refine_ls_restr.pdbx_restraint_function 
'X-RAY DIFFRACTION' ? 0.005  ? 956  ? f_bond_d           ? ? 
'X-RAY DIFFRACTION' ? 0.680  ? 1467 ? f_angle_d          ? ? 
'X-RAY DIFFRACTION' ? 0.031  ? 166  ? f_chiral_restr     ? ? 
'X-RAY DIFFRACTION' ? 0.003  ? 42   ? f_plane_restr      ? ? 
'X-RAY DIFFRACTION' ? 33.677 ? 406  ? f_dihedral_angle_d ? ? 
# 
loop_
_refine_ls_shell.pdbx_refine_id 
_refine_ls_shell.d_res_high 
_refine_ls_shell.d_res_low 
_refine_ls_shell.number_reflns_all 
_refine_ls_shell.number_reflns_obs 
_refine_ls_shell.number_reflns_R_free 
_refine_ls_shell.number_reflns_R_work 
_refine_ls_shell.percent_reflns_obs 
_refine_ls_shell.percent_reflns_R_free 
_refine_ls_shell.R_factor_all 
_refine_ls_shell.R_factor_obs 
_refine_ls_shell.R_factor_R_free 
_refine_ls_shell.R_factor_R_free_error 
_refine_ls_shell.R_factor_R_work 
_refine_ls_shell.redundancy_reflns_all 
_refine_ls_shell.redundancy_reflns_obs 
_refine_ls_shell.wR_factor_all 
_refine_ls_shell.wR_factor_obs 
_refine_ls_shell.wR_factor_R_free 
_refine_ls_shell.wR_factor_R_work 
_refine_ls_shell.pdbx_R_complete 
_refine_ls_shell.pdbx_total_number_of_bins_used 
_refine_ls_shell.pdbx_phase_error 
_refine_ls_shell.pdbx_fsc_work 
_refine_ls_shell.pdbx_fsc_free 
'X-RAY DIFFRACTION' 3.0150 3.4511 . . 132 1131 80.0000  . . . 0.2586 0.0000 0.2804 . . . . . . . . . . . 
'X-RAY DIFFRACTION' 3.4511 4.3475 . . 160 1417 100.0000 . . . 0.3251 0.0000 0.2917 . . . . . . . . . . . 
'X-RAY DIFFRACTION' 4.3475 45.24  . . 157 1409 99.0000  . . . 0.2342 0.0000 0.1849 . . . . . . . . . . . 
# 
_struct.entry_id                     7JIM 
_struct.title                        
;Self-assembly of a 3D DNA crystal lattice (4x6 scramble junction version) containing the J26 immobile Holliday junction with R3 symmetry
;
_struct.pdbx_model_details           ? 
_struct.pdbx_formula_weight          ? 
_struct.pdbx_formula_weight_method   ? 
_struct.pdbx_model_type_details      ? 
_struct.pdbx_CASP_flag               N 
# 
_struct_keywords.entry_id        7JIM 
_struct_keywords.text            
'Structural DNA nanotechnology, immobile Holliday junctions, 3D DNA self-assembly, designer DNA crystals, DNA' 
_struct_keywords.pdbx_keywords   DNA 
# 
loop_
_struct_asym.id 
_struct_asym.pdbx_blank_PDB_chainid_flag 
_struct_asym.pdbx_modified 
_struct_asym.entity_id 
_struct_asym.details 
A N N 1 ? 
B N N 2 ? 
C N N 3 ? 
D N N 4 ? 
E N N 5 ? 
F N N 5 ? 
# 
loop_
_struct_conn.id 
_struct_conn.conn_type_id 
_struct_conn.pdbx_leaving_atom_flag 
_struct_conn.pdbx_PDB_id 
_struct_conn.ptnr1_label_asym_id 
_struct_conn.ptnr1_label_comp_id 
_struct_conn.ptnr1_label_seq_id 
_struct_conn.ptnr1_label_atom_id 
_struct_conn.pdbx_ptnr1_label_alt_id 
_struct_conn.pdbx_ptnr1_PDB_ins_code 
_struct_conn.pdbx_ptnr1_standard_comp_id 
_struct_conn.ptnr1_symmetry 
_struct_conn.ptnr2_label_asym_id 
_struct_conn.ptnr2_label_comp_id 
_struct_conn.ptnr2_label_seq_id 
_struct_conn.ptnr2_label_atom_id 
_struct_conn.pdbx_ptnr2_label_alt_id 
_struct_conn.pdbx_ptnr2_PDB_ins_code 
_struct_conn.ptnr1_auth_asym_id 
_struct_conn.ptnr1_auth_comp_id 
_struct_conn.ptnr1_auth_seq_id 
_struct_conn.ptnr2_auth_asym_id 
_struct_conn.ptnr2_auth_comp_id 
_struct_conn.ptnr2_auth_seq_id 
_struct_conn.ptnr2_symmetry 
_struct_conn.pdbx_ptnr3_label_atom_id 
_struct_conn.pdbx_ptnr3_label_seq_id 
_struct_conn.pdbx_ptnr3_label_comp_id 
_struct_conn.pdbx_ptnr3_label_asym_id 
_struct_conn.pdbx_ptnr3_label_alt_id 
_struct_conn.pdbx_ptnr3_PDB_ins_code 
_struct_conn.details 
_struct_conn.pdbx_dist_value 
_struct_conn.pdbx_value_order 
_struct_conn.pdbx_role 
hydrog1  hydrog ? ? A DA 3  N1 ? ? ? 1_555 D DT 15 N3 ? ? A DA 3  D DT 16 1_555 ? ? ? ? ? ? WATSON-CRICK    ? ? ? 
hydrog2  hydrog ? ? A DA 3  N6 ? ? ? 1_555 D DT 15 O4 ? ? A DA 3  D DT 16 1_555 ? ? ? ? ? ? WATSON-CRICK    ? ? ? 
hydrog3  hydrog ? ? A DC 4  N3 ? ? ? 1_555 D DG 14 N1 ? ? A DC 4  D DG 15 1_555 ? ? ? ? ? ? WATSON-CRICK    ? ? ? 
hydrog4  hydrog ? ? A DC 4  N4 ? ? ? 1_555 D DG 14 O6 ? ? A DC 4  D DG 15 1_555 ? ? ? ? ? ? WATSON-CRICK    ? ? ? 
hydrog5  hydrog ? ? A DC 4  O2 ? ? ? 1_555 D DG 14 N2 ? ? A DC 4  D DG 15 1_555 ? ? ? ? ? ? WATSON-CRICK    ? ? ? 
hydrog6  hydrog ? ? A DG 5  N1 ? ? ? 1_555 D DC 13 N3 ? ? A DG 5  D DC 14 1_555 ? ? ? ? ? ? WATSON-CRICK    ? ? ? 
hydrog7  hydrog ? ? A DG 5  N2 ? ? ? 1_555 D DC 13 O2 ? ? A DG 5  D DC 14 1_555 ? ? ? ? ? ? WATSON-CRICK    ? ? ? 
hydrog8  hydrog ? ? A DG 5  O6 ? ? ? 1_555 D DC 13 N4 ? ? A DG 5  D DC 14 1_555 ? ? ? ? ? ? WATSON-CRICK    ? ? ? 
hydrog9  hydrog ? ? A DA 6  N1 ? ? ? 1_555 D DT 12 N3 ? ? A DA 6  D DT 13 1_555 ? ? ? ? ? ? WATSON-CRICK    ? ? ? 
hydrog10 hydrog ? ? A DA 6  N6 ? ? ? 1_555 D DT 12 O4 ? ? A DA 6  D DT 13 1_555 ? ? ? ? ? ? WATSON-CRICK    ? ? ? 
hydrog11 hydrog ? ? A DC 7  N3 ? ? ? 1_555 D DG 11 N1 ? ? A DC 7  D DG 12 1_555 ? ? ? ? ? ? WATSON-CRICK    ? ? ? 
hydrog12 hydrog ? ? A DC 7  N4 ? ? ? 1_555 D DG 11 O6 ? ? A DC 7  D DG 12 1_555 ? ? ? ? ? ? WATSON-CRICK    ? ? ? 
hydrog13 hydrog ? ? A DC 7  O2 ? ? ? 1_555 D DG 11 N2 ? ? A DC 7  D DG 12 1_555 ? ? ? ? ? ? WATSON-CRICK    ? ? ? 
hydrog14 hydrog ? ? A DA 8  N1 ? ? ? 1_555 D DG 9  N1 ? ? A DA 8  D DG 10 1_555 ? ? ? ? ? ? TYPE_8_PAIR     ? ? ? 
hydrog15 hydrog ? ? A DA 8  N6 ? ? ? 1_555 D DG 9  O6 ? ? A DA 8  D DG 10 1_555 ? ? ? ? ? ? TYPE_8_PAIR     ? ? ? 
hydrog16 hydrog ? ? A DA 8  N1 ? ? ? 1_555 D DT 10 N3 ? ? A DA 8  D DT 11 1_555 ? ? ? ? ? ? WATSON-CRICK    ? ? ? 
hydrog17 hydrog ? ? A DA 8  N6 ? ? ? 1_555 D DT 10 O4 ? ? A DA 8  D DT 11 1_555 ? ? ? ? ? ? WATSON-CRICK    ? ? ? 
hydrog18 hydrog ? ? A DT 9  O2 ? ? ? 1_555 D DG 9  N2 ? ? A DT 9  D DG 10 1_555 ? ? ? ? ? ? 'DT-DG MISPAIR' ? ? ? 
hydrog19 hydrog ? ? A DT 10 N3 ? ? ? 1_555 C DA 3  N1 ? ? A DT 10 C DA 2  1_555 ? ? ? ? ? ? WATSON-CRICK    ? ? ? 
hydrog20 hydrog ? ? A DT 10 O4 ? ? ? 1_555 C DA 3  N6 ? ? A DT 10 C DA 2  1_555 ? ? ? ? ? ? WATSON-CRICK    ? ? ? 
hydrog21 hydrog ? ? A DG 11 N1 ? ? ? 1_555 C DC 2  N3 ? ? A DG 11 C DC 1  1_555 ? ? ? ? ? ? WATSON-CRICK    ? ? ? 
hydrog22 hydrog ? ? A DG 11 N2 ? ? ? 1_555 C DC 2  O2 ? ? A DG 11 C DC 1  1_555 ? ? ? ? ? ? WATSON-CRICK    ? ? ? 
hydrog23 hydrog ? ? A DG 11 O6 ? ? ? 1_555 C DC 2  N4 ? ? A DG 11 C DC 1  1_555 ? ? ? ? ? ? WATSON-CRICK    ? ? ? 
hydrog24 hydrog ? ? A DA 12 N1 ? ? ? 1_555 C DT 1  N3 ? ? A DA 12 C DT 0  1_555 ? ? ? ? ? ? WATSON-CRICK    ? ? ? 
hydrog25 hydrog ? ? A DA 12 N6 ? ? ? 1_555 C DT 1  O4 ? ? A DA 12 C DT 0  1_555 ? ? ? ? ? ? WATSON-CRICK    ? ? ? 
hydrog26 hydrog ? ? B DC 1  N3 ? ? ? 1_555 C DG 6  N1 ? ? B DC 12 C DG 5  1_555 ? ? ? ? ? ? WATSON-CRICK    ? ? ? 
hydrog27 hydrog ? ? B DC 1  N4 ? ? ? 1_555 C DG 6  O6 ? ? B DC 12 C DG 5  1_555 ? ? ? ? ? ? WATSON-CRICK    ? ? ? 
hydrog28 hydrog ? ? B DC 1  O2 ? ? ? 1_555 C DG 6  N2 ? ? B DC 12 C DG 5  1_555 ? ? ? ? ? ? WATSON-CRICK    ? ? ? 
hydrog29 hydrog ? ? B DG 2  N1 ? ? ? 1_555 C DC 5  N3 ? ? B DG 13 C DC 4  1_555 ? ? ? ? ? ? WATSON-CRICK    ? ? ? 
hydrog30 hydrog ? ? B DG 2  N2 ? ? ? 1_555 C DC 5  O2 ? ? B DG 13 C DC 4  1_555 ? ? ? ? ? ? WATSON-CRICK    ? ? ? 
hydrog31 hydrog ? ? B DG 2  O6 ? ? ? 1_555 C DC 5  N4 ? ? B DG 13 C DC 4  1_555 ? ? ? ? ? ? WATSON-CRICK    ? ? ? 
hydrog32 hydrog ? ? B DA 3  N1 ? ? ? 1_555 C DT 4  N3 ? ? B DA 14 C DT 3  1_555 ? ? ? ? ? ? WATSON-CRICK    ? ? ? 
hydrog33 hydrog ? ? B DA 3  N6 ? ? ? 1_555 C DT 4  O4 ? ? B DA 14 C DT 3  1_555 ? ? ? ? ? ? WATSON-CRICK    ? ? ? 
hydrog34 hydrog ? ? B DC 4  N4 ? ? ? 1_555 D DA 8  N1 ? ? B DC 15 D DA 9  1_555 ? ? ? ? ? ? 'DC-DA MISPAIR' ? ? ? 
hydrog35 hydrog ? ? B DG 5  N1 ? ? ? 1_555 D DC 7  N3 ? ? B DG 16 D DC 8  1_555 ? ? ? ? ? ? WATSON-CRICK    ? ? ? 
hydrog36 hydrog ? ? B DG 5  N2 ? ? ? 1_555 D DC 7  O2 ? ? B DG 16 D DC 8  1_555 ? ? ? ? ? ? WATSON-CRICK    ? ? ? 
hydrog37 hydrog ? ? B DG 5  O6 ? ? ? 1_555 D DC 7  N4 ? ? B DG 16 D DC 8  1_555 ? ? ? ? ? ? WATSON-CRICK    ? ? ? 
hydrog38 hydrog ? ? B DA 6  N1 ? ? ? 1_555 D DT 6  N3 ? ? B DA 17 D DT 7  1_555 ? ? ? ? ? ? WATSON-CRICK    ? ? ? 
hydrog39 hydrog ? ? B DA 6  N6 ? ? ? 1_555 D DT 6  O4 ? ? B DA 17 D DT 7  1_555 ? ? ? ? ? ? WATSON-CRICK    ? ? ? 
hydrog40 hydrog ? ? B DC 7  N3 ? ? ? 1_555 D DG 5  N1 ? ? B DC 18 D DG 6  1_555 ? ? ? ? ? ? WATSON-CRICK    ? ? ? 
hydrog41 hydrog ? ? B DC 7  N4 ? ? ? 1_555 D DG 5  O6 ? ? B DC 18 D DG 6  1_555 ? ? ? ? ? ? WATSON-CRICK    ? ? ? 
hydrog42 hydrog ? ? B DC 7  O2 ? ? ? 1_555 D DG 5  N2 ? ? B DC 18 D DG 6  1_555 ? ? ? ? ? ? WATSON-CRICK    ? ? ? 
hydrog43 hydrog ? ? B DT 8  N3 ? ? ? 1_555 D DA 4  N1 ? ? B DT 19 D DA 5  1_555 ? ? ? ? ? ? WATSON-CRICK    ? ? ? 
hydrog44 hydrog ? ? B DT 8  O4 ? ? ? 1_555 D DA 4  N6 ? ? B DT 19 D DA 5  1_555 ? ? ? ? ? ? WATSON-CRICK    ? ? ? 
hydrog45 hydrog ? ? B DC 9  N3 ? ? ? 1_555 D DG 3  N1 ? ? B DC 20 D DG 4  1_555 ? ? ? ? ? ? WATSON-CRICK    ? ? ? 
hydrog46 hydrog ? ? B DC 9  N4 ? ? ? 1_555 D DG 3  O6 ? ? B DC 20 D DG 4  1_555 ? ? ? ? ? ? WATSON-CRICK    ? ? ? 
hydrog47 hydrog ? ? B DC 9  O2 ? ? ? 1_555 D DG 3  N2 ? ? B DC 20 D DG 4  1_555 ? ? ? ? ? ? WATSON-CRICK    ? ? ? 
# 
_struct_conn_type.id          hydrog 
_struct_conn_type.criteria    ? 
_struct_conn_type.reference   ? 
# 
_atom_sites.entry_id                    7JIM 
_atom_sites.Cartn_transf_matrix[1][1]   ? 
_atom_sites.Cartn_transf_matrix[1][2]   ? 
_atom_sites.Cartn_transf_matrix[1][3]   ? 
_atom_sites.Cartn_transf_matrix[2][1]   ? 
_atom_sites.Cartn_transf_matrix[2][2]   ? 
_atom_sites.Cartn_transf_matrix[2][3]   ? 
_atom_sites.Cartn_transf_matrix[3][1]   ? 
_atom_sites.Cartn_transf_matrix[3][2]   ? 
_atom_sites.Cartn_transf_matrix[3][3]   ? 
_atom_sites.Cartn_transf_vector[1]      ? 
_atom_sites.Cartn_transf_vector[2]      ? 
_atom_sites.Cartn_transf_vector[3]      ? 
_atom_sites.fract_transf_matrix[1][1]   0.00792116 
_atom_sites.fract_transf_matrix[1][2]   -0.00651234 
_atom_sites.fract_transf_matrix[1][3]   -0.00098974 
_atom_sites.fract_transf_matrix[2][1]   0.00299531 
_atom_sites.fract_transf_matrix[2][2]   -0.00572469 
_atom_sites.fract_transf_matrix[2][3]   0.00802417 
_atom_sites.fract_transf_matrix[3][1]   -0.01232429 
_atom_sites.fract_transf_matrix[3][2]   -0.01415485 
_atom_sites.fract_transf_matrix[3][3]   -0.00549801 
_atom_sites.fract_transf_vector[1]      0.162638 
_atom_sites.fract_transf_vector[2]      0.327273 
_atom_sites.fract_transf_vector[3]      0.086331 
_atom_sites.solution_primary            ? 
_atom_sites.solution_secondary          ? 
_atom_sites.solution_hydrogens          ? 
_atom_sites.special_details             ? 
# 
loop_
_atom_type.symbol 
AS 
C  
N  
O  
P  
# 
loop_
_atom_site.group_PDB 
_atom_site.id 
_atom_site.type_symbol 
_atom_site.label_atom_id 
_atom_site.label_alt_id 
_atom_site.label_comp_id 
_atom_site.label_asym_id 
_atom_site.label_entity_id 
_atom_site.label_seq_id 
_atom_site.pdbx_PDB_ins_code 
_atom_site.Cartn_x 
_atom_site.Cartn_y 
_atom_site.Cartn_z 
_atom_site.occupancy 
_atom_site.B_iso_or_equiv 
_atom_site.pdbx_formal_charge 
_atom_site.auth_seq_id 
_atom_site.auth_comp_id 
_atom_site.auth_asym_id 
_atom_site.auth_atom_id 
_atom_site.pdbx_PDB_model_num 
ATOM   1   O  "O5'" . DG  A 1 1  ? 14.892  19.771  -9.890  1.00 101.30 ? 1   DG  A "O5'" 1 
ATOM   2   C  "C5'" . DG  A 1 1  ? 16.139  19.472  -10.506 1.00 95.93  ? 1   DG  A "C5'" 1 
ATOM   3   C  "C4'" . DG  A 1 1  ? 15.931  18.664  -11.772 1.00 95.80  ? 1   DG  A "C4'" 1 
ATOM   4   O  "O4'" . DG  A 1 1  ? 17.197  18.129  -12.204 1.00 86.91  ? 1   DG  A "O4'" 1 
ATOM   5   C  "C3'" . DG  A 1 1  ? 15.001  17.472  -11.612 1.00 95.18  ? 1   DG  A "C3'" 1 
ATOM   6   O  "O3'" . DG  A 1 1  ? 13.683  17.856  -11.982 1.00 100.01 ? 1   DG  A "O3'" 1 
ATOM   7   C  "C2'" . DG  A 1 1  ? 15.565  16.431  -12.580 1.00 89.48  ? 1   DG  A "C2'" 1 
ATOM   8   C  "C1'" . DG  A 1 1  ? 17.028  16.843  -12.757 1.00 84.20  ? 1   DG  A "C1'" 1 
ATOM   9   N  N9    . DG  A 1 1  ? 17.992  15.955  -12.118 1.00 75.71  ? 1   DG  A N9    1 
ATOM   10  C  C8    . DG  A 1 1  ? 18.927  16.307  -11.175 1.00 75.94  ? 1   DG  A C8    1 
ATOM   11  N  N7    . DG  A 1 1  ? 19.677  15.316  -10.790 1.00 76.10  ? 1   DG  A N7    1 
ATOM   12  C  C5    . DG  A 1 1  ? 19.216  14.235  -11.529 1.00 78.51  ? 1   DG  A C5    1 
ATOM   13  C  C6    . DG  A 1 1  ? 19.651  12.889  -11.536 1.00 80.56  ? 1   DG  A C6    1 
ATOM   14  O  O6    . DG  A 1 1  ? 20.559  12.373  -10.865 1.00 81.51  ? 1   DG  A O6    1 
ATOM   15  N  N1    . DG  A 1 1  ? 18.917  12.115  -12.432 1.00 78.56  ? 1   DG  A N1    1 
ATOM   16  C  C2    . DG  A 1 1  ? 17.892  12.582  -13.222 1.00 80.34  ? 1   DG  A C2    1 
ATOM   17  N  N2    . DG  A 1 1  ? 17.305  11.680  -14.025 1.00 79.01  ? 1   DG  A N2    1 
ATOM   18  N  N3    . DG  A 1 1  ? 17.474  13.844  -13.227 1.00 80.23  ? 1   DG  A N3    1 
ATOM   19  C  C4    . DG  A 1 1  ? 18.180  14.611  -12.357 1.00 78.21  ? 1   DG  A C4    1 
ATOM   20  P  P     . DA  A 1 2  ? 12.420  17.339  -11.139 1.00 108.23 ? 2   DA  A P     1 
ATOM   21  O  OP1   . DA  A 1 2  ? 11.273  18.215  -11.469 1.00 103.05 ? 2   DA  A OP1   1 
ATOM   22  O  OP2   . DA  A 1 2  ? 12.851  17.184  -9.732  1.00 101.90 ? 2   DA  A OP2   1 
ATOM   23  O  "O5'" . DA  A 1 2  ? 12.149  15.876  -11.722 1.00 95.18  ? 2   DA  A "O5'" 1 
ATOM   24  C  "C5'" . DA  A 1 2  ? 11.969  15.690  -13.119 1.00 91.34  ? 2   DA  A "C5'" 1 
ATOM   25  C  "C4'" . DA  A 1 2  ? 12.087  14.221  -13.478 1.00 93.61  ? 2   DA  A "C4'" 1 
ATOM   26  O  "O4'" . DA  A 1 2  ? 13.426  13.755  -13.162 1.00 88.12  ? 2   DA  A "O4'" 1 
ATOM   27  C  "C3'" . DA  A 1 2  ? 11.125  13.298  -12.731 1.00 92.77  ? 2   DA  A "C3'" 1 
ATOM   28  O  "O3'" . DA  A 1 2  ? 10.627  12.297  -13.607 1.00 95.85  ? 2   DA  A "O3'" 1 
ATOM   29  C  "C2'" . DA  A 1 2  ? 11.997  12.699  -11.631 1.00 87.56  ? 2   DA  A "C2'" 1 
ATOM   30  C  "C1'" . DA  A 1 2  ? 13.356  12.634  -12.311 1.00 83.83  ? 2   DA  A "C1'" 1 
ATOM   31  N  N9    . DA  A 1 2  ? 14.471  12.707  -11.373 1.00 82.65  ? 2   DA  A N9    1 
ATOM   32  C  C8    . DA  A 1 2  ? 14.873  13.800  -10.658 1.00 84.84  ? 2   DA  A C8    1 
ATOM   33  N  N7    . DA  A 1 2  ? 15.909  13.576  -9.886  1.00 82.58  ? 2   DA  A N7    1 
ATOM   34  C  C5    . DA  A 1 2  ? 16.205  12.243  -10.109 1.00 80.02  ? 2   DA  A C5    1 
ATOM   35  C  C6    . DA  A 1 2  ? 17.201  11.394  -9.589  1.00 79.97  ? 2   DA  A C6    1 
ATOM   36  N  N6    . DA  A 1 2  ? 18.115  11.793  -8.699  1.00 78.86  ? 2   DA  A N6    1 
ATOM   37  N  N1    . DA  A 1 2  ? 17.221  10.114  -10.020 1.00 78.31  ? 2   DA  A N1    1 
ATOM   38  C  C2    . DA  A 1 2  ? 16.303  9.721   -10.913 1.00 78.94  ? 2   DA  A C2    1 
ATOM   39  N  N3    . DA  A 1 2  ? 15.321  10.427  -11.472 1.00 77.94  ? 2   DA  A N3    1 
ATOM   40  C  C4    . DA  A 1 2  ? 15.328  11.692  -11.023 1.00 79.43  ? 2   DA  A C4    1 
ATOM   41  P  P     . DA  A 1 3  ? 9.434   11.331  -13.132 1.00 96.50  ? 3   DA  A P     1 
ATOM   42  O  OP1   . DA  A 1 3  ? 8.667   10.926  -14.330 1.00 99.56  ? 3   DA  A OP1   1 
ATOM   43  O  OP2   . DA  A 1 3  ? 8.745   11.995  -12.002 1.00 98.08  ? 3   DA  A OP2   1 
ATOM   44  O  "O5'" . DA  A 1 3  ? 10.190  10.051  -12.555 1.00 87.31  ? 3   DA  A "O5'" 1 
ATOM   45  C  "C5'" . DA  A 1 3  ? 11.219  9.441   -13.317 1.00 87.45  ? 3   DA  A "C5'" 1 
ATOM   46  C  "C4'" . DA  A 1 3  ? 11.315  7.956   -13.014 1.00 87.79  ? 3   DA  A "C4'" 1 
ATOM   47  O  "O4'" . DA  A 1 3  ? 12.466  7.700   -12.179 1.00 88.12  ? 3   DA  A "O4'" 1 
ATOM   48  C  "C3'" . DA  A 1 3  ? 10.132  7.365   -12.270 1.00 86.18  ? 3   DA  A "C3'" 1 
ATOM   49  O  "O3'" . DA  A 1 3  ? 9.972   6.004   -12.636 1.00 87.06  ? 3   DA  A "O3'" 1 
ATOM   50  C  "C2'" . DA  A 1 3  ? 10.534  7.515   -10.799 1.00 80.97  ? 3   DA  A "C2'" 1 
ATOM   51  C  "C1'" . DA  A 1 3  ? 12.063  7.445   -10.846 1.00 78.98  ? 3   DA  A "C1'" 1 
ATOM   52  N  N9    . DA  A 1 3  ? 12.715  8.428   -9.984  1.00 75.76  ? 3   DA  A N9    1 
ATOM   53  C  C8    . DA  A 1 3  ? 12.388  9.748   -9.851  1.00 77.65  ? 3   DA  A C8    1 
ATOM   54  N  N7    . DA  A 1 3  ? 13.153  10.401  -9.008  1.00 73.81  ? 3   DA  A N7    1 
ATOM   55  C  C5    . DA  A 1 3  ? 14.047  9.443   -8.560  1.00 75.29  ? 3   DA  A C5    1 
ATOM   56  C  C6    . DA  A 1 3  ? 15.121  9.499   -7.649  1.00 76.54  ? 3   DA  A C6    1 
ATOM   57  N  N6    . DA  A 1 3  ? 15.480  10.614  -7.002  1.00 75.64  ? 3   DA  A N6    1 
ATOM   58  N  N1    . DA  A 1 3  ? 15.813  8.360   -7.428  1.00 73.56  ? 3   DA  A N1    1 
ATOM   59  C  C2    . DA  A 1 3  ? 15.450  7.247   -8.078  1.00 72.97  ? 3   DA  A C2    1 
ATOM   60  N  N3    . DA  A 1 3  ? 14.461  7.073   -8.956  1.00 70.93  ? 3   DA  A N3    1 
ATOM   61  C  C4    . DA  A 1 3  ? 13.794  8.221   -9.156  1.00 74.10  ? 3   DA  A C4    1 
ATOM   62  P  P     . DC  A 1 4  ? 8.779   5.129   -12.011 1.00 91.89  ? 4   DC  A P     1 
ATOM   63  O  OP1   . DC  A 1 4  ? 8.384   4.131   -13.030 1.00 88.73  ? 4   DC  A OP1   1 
ATOM   64  O  OP2   . DC  A 1 4  ? 7.768   6.057   -11.454 1.00 85.69  ? 4   DC  A OP2   1 
ATOM   65  O  "O5'" . DC  A 1 4  ? 9.477   4.359   -10.799 1.00 82.74  ? 4   DC  A "O5'" 1 
ATOM   66  C  "C5'" . DC  A 1 4  ? 10.613  3.548   -11.051 1.00 81.04  ? 4   DC  A "C5'" 1 
ATOM   67  C  "C4'" . DC  A 1 4  ? 11.220  3.049   -9.756  1.00 80.93  ? 4   DC  A "C4'" 1 
ATOM   68  O  "O4'" . DC  A 1 4  ? 11.935  4.120   -9.102  1.00 81.51  ? 4   DC  A "O4'" 1 
ATOM   69  C  "C3'" . DC  A 1 4  ? 10.215  2.515   -8.733  1.00 80.43  ? 4   DC  A "C3'" 1 
ATOM   70  O  "O3'" . DC  A 1 4  ? 10.483  1.146   -8.479  1.00 84.14  ? 4   DC  A "O3'" 1 
ATOM   71  C  "C2'" . DC  A 1 4  ? 10.439  3.388   -7.485  1.00 77.27  ? 4   DC  A "C2'" 1 
ATOM   72  C  "C1'" . DC  A 1 4  ? 11.836  3.941   -7.715  1.00 74.82  ? 4   DC  A "C1'" 1 
ATOM   73  N  N1    . DC  A 1 4  ? 12.093  5.260   -7.055  1.00 69.45  ? 4   DC  A N1    1 
ATOM   74  C  C2    . DC  A 1 4  ? 13.144  5.384   -6.137  1.00 69.00  ? 4   DC  A C2    1 
ATOM   75  O  O2    . DC  A 1 4  ? 13.834  4.393   -5.870  1.00 71.08  ? 4   DC  A O2    1 
ATOM   76  N  N3    . DC  A 1 4  ? 13.371  6.590   -5.559  1.00 68.89  ? 4   DC  A N3    1 
ATOM   77  C  C4    . DC  A 1 4  ? 12.605  7.637   -5.871  1.00 70.22  ? 4   DC  A C4    1 
ATOM   78  N  N4    . DC  A 1 4  ? 12.868  8.806   -5.275  1.00 67.37  ? 4   DC  A N4    1 
ATOM   79  C  C5    . DC  A 1 4  ? 11.534  7.531   -6.807  1.00 67.53  ? 4   DC  A C5    1 
ATOM   80  C  C6    . DC  A 1 4  ? 11.318  6.338   -7.373  1.00 69.93  ? 4   DC  A C6    1 
ATOM   81  P  P     . DG  A 1 5  ? 9.492   0.271   -7.567  1.00 94.20  ? 5   DG  A P     1 
ATOM   82  O  OP1   . DG  A 1 5  ? 9.399   -1.074  -8.182  1.00 86.36  ? 5   DG  A OP1   1 
ATOM   83  O  OP2   . DG  A 1 5  ? 8.261   1.060   -7.330  1.00 88.64  ? 5   DG  A OP2   1 
ATOM   84  O  "O5'" . DG  A 1 5  ? 10.277  0.147   -6.181  1.00 81.74  ? 5   DG  A "O5'" 1 
ATOM   85  C  "C5'" . DG  A 1 5  ? 11.627  -0.292  -6.176  1.00 79.50  ? 5   DG  A "C5'" 1 
ATOM   86  C  "C4'" . DG  A 1 5  ? 12.270  -0.045  -4.826  1.00 83.03  ? 5   DG  A "C4'" 1 
ATOM   87  O  "O4'" . DG  A 1 5  ? 12.443  1.380   -4.620  1.00 79.05  ? 5   DG  A "O4'" 1 
ATOM   88  C  "C3'" . DG  A 1 5  ? 11.475  -0.564  -3.628  1.00 83.18  ? 5   DG  A "C3'" 1 
ATOM   89  O  "O3'" . DG  A 1 5  ? 12.333  -1.286  -2.756  1.00 86.33  ? 5   DG  A "O3'" 1 
ATOM   90  C  "C2'" . DG  A 1 5  ? 10.933  0.707   -2.970  1.00 80.53  ? 5   DG  A "C2'" 1 
ATOM   91  C  "C1'" . DG  A 1 5  ? 11.988  1.738   -3.337  1.00 76.45  ? 5   DG  A "C1'" 1 
ATOM   92  N  N9    . DG  A 1 5  ? 11.469  3.100   -3.412  1.00 69.52  ? 5   DG  A N9    1 
ATOM   93  C  C8    . DG  A 1 5  ? 10.399  3.531   -4.155  1.00 70.45  ? 5   DG  A C8    1 
ATOM   94  N  N7    . DG  A 1 5  ? 10.164  4.808   -4.041  1.00 68.65  ? 5   DG  A N7    1 
ATOM   95  C  C5    . DG  A 1 5  ? 11.143  5.256   -3.168  1.00 66.92  ? 5   DG  A C5    1 
ATOM   96  C  C6    . DG  A 1 5  ? 11.389  6.556   -2.671  1.00 66.01  ? 5   DG  A C6    1 
ATOM   97  O  O6    . DG  A 1 5  ? 10.768  7.601   -2.914  1.00 65.36  ? 5   DG  A O6    1 
ATOM   98  N  N1    . DG  A 1 5  ? 12.484  6.579   -1.808  1.00 64.97  ? 5   DG  A N1    1 
ATOM   99  C  C2    . DG  A 1 5  ? 13.242  5.482   -1.470  1.00 69.22  ? 5   DG  A C2    1 
ATOM   100 N  N2    . DG  A 1 5  ? 14.260  5.704   -0.622  1.00 69.36  ? 5   DG  A N2    1 
ATOM   101 N  N3    . DG  A 1 5  ? 13.022  4.254   -1.930  1.00 66.85  ? 5   DG  A N3    1 
ATOM   102 C  C4    . DG  A 1 5  ? 11.959  4.217   -2.771  1.00 66.51  ? 5   DG  A C4    1 
ATOM   103 P  P     . DA  A 1 6  ? 11.720  -2.266  -1.639  1.00 94.39  ? 6   DA  A P     1 
ATOM   104 O  OP1   . DA  A 1 6  ? 12.326  -3.606  -1.816  1.00 94.06  ? 6   DA  A OP1   1 
ATOM   105 O  OP2   . DA  A 1 6  ? 10.247  -2.123  -1.669  1.00 93.67  ? 6   DA  A OP2   1 
ATOM   106 O  "O5'" . DA  A 1 6  ? 12.259  -1.646  -0.269  1.00 82.01  ? 6   DA  A "O5'" 1 
ATOM   107 C  "C5'" . DA  A 1 6  ? 13.617  -1.242  -0.170  1.00 80.02  ? 6   DA  A "C5'" 1 
ATOM   108 C  "C4'" . DA  A 1 6  ? 13.806  -0.278  0.983   1.00 80.48  ? 6   DA  A "C4'" 1 
ATOM   109 O  "O4'" . DA  A 1 6  ? 13.334  1.039   0.604   1.00 77.15  ? 6   DA  A "O4'" 1 
ATOM   110 C  "C3'" . DA  A 1 6  ? 13.060  -0.656  2.259   1.00 84.10  ? 6   DA  A "C3'" 1 
ATOM   111 O  "O3'" . DA  A 1 6  ? 13.926  -0.548  3.366   1.00 86.22  ? 6   DA  A "O3'" 1 
ATOM   112 C  "C2'" . DA  A 1 6  ? 11.915  0.357   2.332   1.00 78.77  ? 6   DA  A "C2'" 1 
ATOM   113 C  "C1'" . DA  A 1 6  ? 12.508  1.561   1.620   1.00 75.78  ? 6   DA  A "C1'" 1 
ATOM   114 N  N9    . DA  A 1 6  ? 11.505  2.414   0.989   1.00 68.81  ? 6   DA  A N9    1 
ATOM   115 C  C8    . DA  A 1 6  ? 10.521  2.024   0.126   1.00 70.08  ? 6   DA  A C8    1 
ATOM   116 N  N7    . DA  A 1 6  ? 9.763   3.009   -0.296  1.00 66.40  ? 6   DA  A N7    1 
ATOM   117 C  C5    . DA  A 1 6  ? 10.290  4.125   0.333   1.00 65.46  ? 6   DA  A C5    1 
ATOM   118 C  C6    . DA  A 1 6  ? 9.932   5.488   0.303   1.00 66.58  ? 6   DA  A C6    1 
ATOM   119 N  N6    . DA  A 1 6  ? 8.914   5.968   -0.421  1.00 64.00  ? 6   DA  A N6    1 
ATOM   120 N  N1    . DA  A 1 6  ? 10.664  6.343   1.048   1.00 65.75  ? 6   DA  A N1    1 
ATOM   121 C  C2    . DA  A 1 6  ? 11.682  5.858   1.771   1.00 67.46  ? 6   DA  A C2    1 
ATOM   122 N  N3    . DA  A 1 6  ? 12.112  4.601   1.878   1.00 64.42  ? 6   DA  A N3    1 
ATOM   123 C  C4    . DA  A 1 6  ? 11.365  3.777   1.128   1.00 63.72  ? 6   DA  A C4    1 
ATOM   124 P  P     . DC  A 1 7  ? 13.449  -1.062  4.808   1.00 93.41  ? 7   DC  A P     1 
ATOM   125 O  OP1   . DC  A 1 7  ? 14.627  -1.647  5.490   1.00 92.27  ? 7   DC  A OP1   1 
ATOM   126 O  OP2   . DC  A 1 7  ? 12.230  -1.878  4.608   1.00 93.49  ? 7   DC  A OP2   1 
ATOM   127 O  "O5'" . DC  A 1 7  ? 13.031  0.284   5.559   1.00 87.28  ? 7   DC  A "O5'" 1 
ATOM   128 C  "C5'" . DC  A 1 7  ? 13.921  1.388   5.558   1.00 82.43  ? 7   DC  A "C5'" 1 
ATOM   129 C  "C4'" . DC  A 1 7  ? 13.212  2.657   5.985   1.00 83.20  ? 7   DC  A "C4'" 1 
ATOM   130 O  "O4'" . DC  A 1 7  ? 12.317  3.091   4.946   1.00 80.73  ? 7   DC  A "O4'" 1 
ATOM   131 C  "C3'" . DC  A 1 7  ? 12.354  2.531   7.248   1.00 78.75  ? 7   DC  A "C3'" 1 
ATOM   132 O  "O3'" . DC  A 1 7  ? 12.982  3.227   8.320   1.00 81.50  ? 7   DC  A "O3'" 1 
ATOM   133 C  "C2'" . DC  A 1 7  ? 11.000  3.162   6.861   1.00 78.56  ? 7   DC  A "C2'" 1 
ATOM   134 C  "C1'" . DC  A 1 7  ? 11.312  3.859   5.543   1.00 73.26  ? 7   DC  A "C1'" 1 
ATOM   135 N  N1    . DC  A 1 7  ? 10.155  3.932   4.609   1.00 65.67  ? 7   DC  A N1    1 
ATOM   136 C  C2    . DC  A 1 7  ? 9.559   5.169   4.348   1.00 65.99  ? 7   DC  A C2    1 
ATOM   137 O  O2    . DC  A 1 7  ? 10.000  6.181   4.907   1.00 66.76  ? 7   DC  A O2    1 
ATOM   138 N  N3    . DC  A 1 7  ? 8.512   5.225   3.488   1.00 64.71  ? 7   DC  A N3    1 
ATOM   139 C  C4    . DC  A 1 7  ? 8.068   4.110   2.903   1.00 64.11  ? 7   DC  A C4    1 
ATOM   140 N  N4    . DC  A 1 7  ? 7.034   4.214   2.062   1.00 62.20  ? 7   DC  A N4    1 
ATOM   141 C  C5    . DC  A 1 7  ? 8.666   2.839   3.156   1.00 63.85  ? 7   DC  A C5    1 
ATOM   142 C  C6    . DC  A 1 7  ? 9.697   2.797   4.005   1.00 65.30  ? 7   DC  A C6    1 
ATOM   143 P  P     . DA  A 1 8  ? 12.222  3.449   9.720   1.00 95.41  ? 8   DA  A P     1 
ATOM   144 O  OP1   . DA  A 1 8  ? 13.260  3.624   10.762  1.00 88.17  ? 8   DA  A OP1   1 
ATOM   145 O  OP2   . DA  A 1 8  ? 11.204  2.385   9.878   1.00 92.28  ? 8   DA  A OP2   1 
ATOM   146 O  "O5'" . DA  A 1 8  ? 11.464  4.843   9.520   1.00 80.99  ? 8   DA  A "O5'" 1 
ATOM   147 C  "C5'" . DA  A 1 8  ? 12.176  5.967   9.016   1.00 77.86  ? 8   DA  A "C5'" 1 
ATOM   148 C  "C4'" . DA  A 1 8  ? 11.253  7.160   8.863   1.00 80.20  ? 8   DA  A "C4'" 1 
ATOM   149 O  "O4'" . DA  A 1 8  ? 10.315  6.905   7.795   1.00 78.52  ? 8   DA  A "O4'" 1 
ATOM   150 C  "C3'" . DA  A 1 8  ? 10.420  7.488   10.105  1.00 79.81  ? 8   DA  A "C3'" 1 
ATOM   151 O  "O3'" . DA  A 1 8  ? 10.742  8.788   10.579  1.00 80.83  ? 8   DA  A "O3'" 1 
ATOM   152 C  "C2'" . DA  A 1 8  ? 8.961   7.397   9.637   1.00 74.94  ? 8   DA  A "C2'" 1 
ATOM   153 C  "C1'" . DA  A 1 8  ? 9.073   7.469   8.121   1.00 73.21  ? 8   DA  A "C1'" 1 
ATOM   154 N  N9    . DA  A 1 8  ? 8.039   6.701   7.430   1.00 69.11  ? 8   DA  A N9    1 
ATOM   155 C  C8    . DA  A 1 8  ? 7.914   5.340   7.398   1.00 67.92  ? 8   DA  A C8    1 
ATOM   156 N  N7    . DA  A 1 8  ? 6.892   4.920   6.693   1.00 66.39  ? 8   DA  A N7    1 
ATOM   157 C  C5    . DA  A 1 8  ? 6.306   6.085   6.228   1.00 64.06  ? 8   DA  A C5    1 
ATOM   158 C  C6    . DA  A 1 8  ? 5.178   6.321   5.418   1.00 64.52  ? 8   DA  A C6    1 
ATOM   159 N  N6    . DA  A 1 8  ? 4.414   5.344   4.920   1.00 64.48  ? 8   DA  A N6    1 
ATOM   160 N  N1    . DA  A 1 8  ? 4.865   7.603   5.138   1.00 67.79  ? 8   DA  A N1    1 
ATOM   161 C  C2    . DA  A 1 8  ? 5.633   8.577   5.640   1.00 68.59  ? 8   DA  A C2    1 
ATOM   162 N  N3    . DA  A 1 8  ? 6.716   8.480   6.412   1.00 66.94  ? 8   DA  A N3    1 
ATOM   163 C  C4    . DA  A 1 8  ? 7.002   7.194   6.670   1.00 65.11  ? 8   DA  A C4    1 
ATOM   164 P  P     . DT  A 1 9  ? 10.095  9.331   11.947  1.00 88.70  ? 9   DT  A P     1 
ATOM   165 O  OP1   . DT  A 1 9  ? 11.058  10.266  12.570  1.00 85.87  ? 9   DT  A OP1   1 
ATOM   166 O  OP2   . DT  A 1 9  ? 9.613   8.157   12.708  1.00 81.10  ? 9   DT  A OP2   1 
ATOM   167 O  "O5'" . DT  A 1 9  ? 8.828   10.165  11.451  1.00 73.20  ? 9   DT  A "O5'" 1 
ATOM   168 C  "C5'" . DT  A 1 9  ? 8.983   11.085  10.385  1.00 79.76  ? 9   DT  A "C5'" 1 
ATOM   169 C  "C4'" . DT  A 1 9  ? 7.635   11.541  9.864   1.00 82.94  ? 9   DT  A "C4'" 1 
ATOM   170 O  "O4'" . DT  A 1 9  ? 6.993   10.460  9.148   1.00 84.60  ? 9   DT  A "O4'" 1 
ATOM   171 C  "C3'" . DT  A 1 9  ? 6.643   11.987  10.941  1.00 76.10  ? 9   DT  A "C3'" 1 
ATOM   172 O  "O3'" . DT  A 1 9  ? 6.256   13.332  10.704  1.00 78.37  ? 9   DT  A "O3'" 1 
ATOM   173 C  "C2'" . DT  A 1 9  ? 5.461   11.018  10.790  1.00 76.73  ? 9   DT  A "C2'" 1 
ATOM   174 C  "C1'" . DT  A 1 9  ? 5.611   10.560  9.351   1.00 75.43  ? 9   DT  A "C1'" 1 
ATOM   175 N  N1    . DT  A 1 9  ? 4.988   9.233   9.074   1.00 73.34  ? 9   DT  A N1    1 
ATOM   176 C  C2    . DT  A 1 9  ? 3.860   9.174   8.286   1.00 72.23  ? 9   DT  A C2    1 
ATOM   177 O  O2    . DT  A 1 9  ? 3.334   10.161  7.799   1.00 71.37  ? 9   DT  A O2    1 
ATOM   178 N  N3    . DT  A 1 9  ? 3.365   7.912   8.089   1.00 69.54  ? 9   DT  A N3    1 
ATOM   179 C  C4    . DT  A 1 9  ? 3.875   6.727   8.586   1.00 67.99  ? 9   DT  A C4    1 
ATOM   180 O  O4    . DT  A 1 9  ? 3.359   5.639   8.350   1.00 65.01  ? 9   DT  A O4    1 
ATOM   181 C  C5    . DT  A 1 9  ? 5.059   6.858   9.401   1.00 67.71  ? 9   DT  A C5    1 
ATOM   182 C  C7    . DT  A 1 9  ? 5.699   5.640   9.995   1.00 66.56  ? 9   DT  A C7    1 
ATOM   183 C  C6    . DT  A 1 9  ? 5.554   8.090   9.602   1.00 69.02  ? 9   DT  A C6    1 
ATOM   184 P  P     . DT  A 1 10 ? 5.161   14.039  11.642  1.00 93.12  ? 10  DT  A P     1 
ATOM   185 O  OP1   . DT  A 1 10 ? 5.359   15.504  11.547  1.00 94.31  ? 10  DT  A OP1   1 
ATOM   186 O  OP2   . DT  A 1 10 ? 5.196   13.370  12.963  1.00 81.38  ? 10  DT  A OP2   1 
ATOM   187 O  "O5'" . DT  A 1 10 ? 3.774   13.682  10.936  1.00 80.52  ? 10  DT  A "O5'" 1 
ATOM   188 C  "C5'" . DT  A 1 10 ? 3.613   13.918  9.549   1.00 77.45  ? 10  DT  A "C5'" 1 
ATOM   189 C  "C4'" . DT  A 1 10 ? 2.143   13.977  9.191   1.00 81.12  ? 10  DT  A "C4'" 1 
ATOM   190 O  "O4'" . DT  A 1 10 ? 1.691   12.667  8.757   1.00 81.34  ? 10  DT  A "O4'" 1 
ATOM   191 C  "C3'" . DT  A 1 10 ? 1.223   14.393  10.338  1.00 78.05  ? 10  DT  A "C3'" 1 
ATOM   192 O  "O3'" . DT  A 1 10 ? 0.258   15.317  9.868   1.00 78.24  ? 10  DT  A "O3'" 1 
ATOM   193 C  "C2'" . DT  A 1 10 ? 0.586   13.073  10.778  1.00 76.66  ? 10  DT  A "C2'" 1 
ATOM   194 C  "C1'" . DT  A 1 10 ? 0.527   12.305  9.466   1.00 73.89  ? 10  DT  A "C1'" 1 
ATOM   195 N  N1    . DT  A 1 10 ? 0.529   10.817  9.628   1.00 69.16  ? 10  DT  A N1    1 
ATOM   196 C  C2    . DT  A 1 10 ? -0.448  10.069  9.010   1.00 67.70  ? 10  DT  A C2    1 
ATOM   197 O  O2    . DT  A 1 10 ? -1.339  10.559  8.336   1.00 67.12  ? 10  DT  A O2    1 
ATOM   198 N  N3    . DT  A 1 10 ? -0.349  8.717   9.213   1.00 67.33  ? 10  DT  A N3    1 
ATOM   199 C  C4    . DT  A 1 10 ? 0.611   8.052   9.956   1.00 71.15  ? 10  DT  A C4    1 
ATOM   200 O  O4    . DT  A 1 10 ? 0.616   6.830   10.081  1.00 67.12  ? 10  DT  A O4    1 
ATOM   201 C  C5    . DT  A 1 10 ? 1.606   8.896   10.574  1.00 73.48  ? 10  DT  A C5    1 
ATOM   202 C  C7    . DT  A 1 10 ? 2.694   8.290   11.405  1.00 70.99  ? 10  DT  A C7    1 
ATOM   203 C  C6    . DT  A 1 10 ? 1.520   10.221  10.381  1.00 71.49  ? 10  DT  A C6    1 
ATOM   204 P  P     . DG  A 1 11 ? -0.533  16.257  10.903  1.00 87.35  ? 11  DG  A P     1 
ATOM   205 O  OP1   . DG  A 1 11 ? -0.538  17.630  10.350  1.00 84.46  ? 11  DG  A OP1   1 
ATOM   206 O  OP2   . DG  A 1 11 ? 0.006   16.004  12.258  1.00 80.71  ? 11  DG  A OP2   1 
ATOM   207 O  "O5'" . DG  A 1 11 ? -2.022  15.686  10.861  1.00 74.74  ? 11  DG  A "O5'" 1 
ATOM   208 C  "C5'" . DG  A 1 11 ? -2.685  15.565  9.616   1.00 69.91  ? 11  DG  A "C5'" 1 
ATOM   209 C  "C4'" . DG  A 1 11 ? -3.850  14.599  9.712   1.00 72.58  ? 11  DG  A "C4'" 1 
ATOM   210 O  "O4'" . DG  A 1 11 ? -3.368  13.231  9.732   1.00 77.78  ? 11  DG  A "O4'" 1 
ATOM   211 C  "C3'" . DG  A 1 11 ? -4.736  14.755  10.952  1.00 70.01  ? 11  DG  A "C3'" 1 
ATOM   212 O  "O3'" . DG  A 1 11 ? -6.084  14.805  10.534  1.00 70.97  ? 11  DG  A "O3'" 1 
ATOM   213 C  "C2'" . DG  A 1 11 ? -4.442  13.486  11.763  1.00 64.41  ? 11  DG  A "C2'" 1 
ATOM   214 C  "C1'" . DG  A 1 11 ? -4.136  12.499  10.656  1.00 68.29  ? 11  DG  A "C1'" 1 
ATOM   215 N  N9    . DG  A 1 11 ? -3.359  11.341  11.081  1.00 59.72  ? 11  DG  A N9    1 
ATOM   216 C  C8    . DG  A 1 11 ? -2.161  11.350  11.747  1.00 61.29  ? 11  DG  A C8    1 
ATOM   217 N  N7    . DG  A 1 11 ? -1.685  10.159  11.976  1.00 61.80  ? 11  DG  A N7    1 
ATOM   218 C  C5    . DG  A 1 11 ? -2.627  9.304   11.422  1.00 57.86  ? 11  DG  A C5    1 
ATOM   219 C  C6    . DG  A 1 11 ? -2.652  7.892   11.363  1.00 58.39  ? 11  DG  A C6    1 
ATOM   220 O  O6    . DG  A 1 11 ? -1.818  7.092   11.807  1.00 60.64  ? 11  DG  A O6    1 
ATOM   221 N  N1    . DG  A 1 11 ? -3.790  7.423   10.713  1.00 54.00  ? 11  DG  A N1    1 
ATOM   222 C  C2    . DG  A 1 11 ? -4.776  8.218   10.184  1.00 55.12  ? 11  DG  A C2    1 
ATOM   223 N  N2    . DG  A 1 11 ? -5.799  7.582   9.591   1.00 53.78  ? 11  DG  A N2    1 
ATOM   224 N  N3    . DG  A 1 11 ? -4.765  9.545   10.232  1.00 57.20  ? 11  DG  A N3    1 
ATOM   225 C  C4    . DG  A 1 11 ? -3.663  10.016  10.864  1.00 56.57  ? 11  DG  A C4    1 
ATOM   226 P  P     . DA  A 1 12 ? -7.259  15.230  11.543  1.00 79.97  ? 12  DA  A P     1 
ATOM   227 O  OP1   . DA  A 1 12 ? -7.666  16.608  11.194  1.00 68.80  ? 12  DA  A OP1   1 
ATOM   228 O  OP2   . DA  A 1 12 ? -6.864  14.907  12.932  1.00 76.60  ? 12  DA  A OP2   1 
ATOM   229 O  "O5'" . DA  A 1 12 ? -8.438  14.244  11.125  1.00 69.09  ? 12  DA  A "O5'" 1 
ATOM   230 C  "C5'" . DA  A 1 12 ? -8.143  13.132  10.295  1.00 63.33  ? 12  DA  A "C5'" 1 
ATOM   231 C  "C4'" . DA  A 1 12 ? -9.302  12.162  10.257  1.00 66.50  ? 12  DA  A "C4'" 1 
ATOM   232 O  "O4'" . DA  A 1 12 ? -8.834  10.845  10.612  1.00 69.64  ? 12  DA  A "O4'" 1 
ATOM   233 C  "C3'" . DA  A 1 12 ? -10.401 12.452  11.253  1.00 69.79  ? 12  DA  A "C3'" 1 
ATOM   234 O  "O3'" . DA  A 1 12 ? -11.597 11.829  10.826  1.00 66.55  ? 12  DA  A "O3'" 1 
ATOM   235 C  "C2'" . DA  A 1 12 ? -9.852  11.812  12.528  1.00 65.60  ? 12  DA  A "C2'" 1 
ATOM   236 C  "C1'" . DA  A 1 12 ? -9.076  10.606  11.988  1.00 64.38  ? 12  DA  A "C1'" 1 
ATOM   237 N  N9    . DA  A 1 12 ? -7.787  10.406  12.642  1.00 59.73  ? 12  DA  A N9    1 
ATOM   238 C  C8    . DA  A 1 12 ? -6.966  11.371  13.155  1.00 60.90  ? 12  DA  A C8    1 
ATOM   239 N  N7    . DA  A 1 12 ? -5.858  10.899  13.679  1.00 60.26  ? 12  DA  A N7    1 
ATOM   240 C  C5    . DA  A 1 12 ? -5.958  9.531   13.490  1.00 56.38  ? 12  DA  A C5    1 
ATOM   241 C  C6    . DA  A 1 12 ? -5.101  8.459   13.823  1.00 58.98  ? 12  DA  A C6    1 
ATOM   242 N  N6    . DA  A 1 12 ? -3.926  8.618   14.443  1.00 55.45  ? 12  DA  A N6    1 
ATOM   243 N  N1    . DA  A 1 12 ? -5.503  7.213   13.493  1.00 58.21  ? 12  DA  A N1    1 
ATOM   244 C  C2    . DA  A 1 12 ? -6.680  7.058   12.871  1.00 58.78  ? 12  DA  A C2    1 
ATOM   245 N  N3    . DA  A 1 12 ? -7.567  7.985   12.509  1.00 54.76  ? 12  DA  A N3    1 
ATOM   246 C  C4    . DA  A 1 12 ? -7.140  9.210   12.851  1.00 55.18  ? 12  DA  A C4    1 
ATOM   247 P  P     . DC  B 2 1  ? -20.266 -4.728  8.979   1.00 90.61  ? 12  DC  B P     1 
ATOM   248 O  OP1   . DC  B 2 1  ? -21.573 -5.046  9.596   1.00 86.63  ? 12  DC  B OP1   1 
ATOM   249 O  OP2   . DC  B 2 1  ? -19.307 -3.857  9.694   1.00 82.66  ? 12  DC  B OP2   1 
ATOM   250 O  "O5'" . DC  B 2 1  ? -20.530 -4.081  7.542   1.00 73.13  ? 12  DC  B "O5'" 1 
ATOM   251 C  "C5'" . DC  B 2 1  ? -21.809 -4.187  6.942   1.00 68.05  ? 12  DC  B "C5'" 1 
ATOM   252 C  "C4'" . DC  B 2 1  ? -21.681 -4.461  5.457   1.00 70.31  ? 12  DC  B "C4'" 1 
ATOM   253 O  "O4'" . DC  B 2 1  ? -21.199 -3.279  4.783   1.00 67.91  ? 12  DC  B "O4'" 1 
ATOM   254 C  "C3'" . DC  B 2 1  ? -20.709 -5.585  5.094   1.00 67.21  ? 12  DC  B "C3'" 1 
ATOM   255 O  "O3'" . DC  B 2 1  ? -21.400 -6.612  4.402   1.00 71.07  ? 12  DC  B "O3'" 1 
ATOM   256 C  "C2'" . DC  B 2 1  ? -19.655 -4.910  4.202   1.00 67.60  ? 12  DC  B "C2'" 1 
ATOM   257 C  "C1'" . DC  B 2 1  ? -20.385 -3.671  3.714   1.00 59.01  ? 12  DC  B "C1'" 1 
ATOM   258 N  N1    . DC  B 2 1  ? -19.484 -2.537  3.381   1.00 55.46  ? 12  DC  B N1    1 
ATOM   259 C  C2    . DC  B 2 1  ? -19.500 -1.996  2.092   1.00 55.46  ? 12  DC  B C2    1 
ATOM   260 O  O2    . DC  B 2 1  ? -20.263 -2.474  1.245   1.00 55.46  ? 12  DC  B O2    1 
ATOM   261 N  N3    . DC  B 2 1  ? -18.678 -0.957  1.808   1.00 55.46  ? 12  DC  B N3    1 
ATOM   262 C  C4    . DC  B 2 1  ? -17.872 -0.467  2.749   1.00 55.46  ? 12  DC  B C4    1 
ATOM   263 N  N4    . DC  B 2 1  ? -17.079 0.557   2.421   1.00 58.67  ? 12  DC  B N4    1 
ATOM   264 C  C5    . DC  B 2 1  ? -17.841 -1.006  4.068   1.00 55.46  ? 12  DC  B C5    1 
ATOM   265 C  C6    . DC  B 2 1  ? -18.657 -2.029  4.337   1.00 55.46  ? 12  DC  B C6    1 
ATOM   266 P  P     . DG  B 2 2  ? -20.707 -8.044  4.189   1.00 74.96  ? 13  DG  B P     1 
ATOM   267 O  OP1   . DG  B 2 2  ? -21.732 -9.083  4.436   1.00 72.98  ? 13  DG  B OP1   1 
ATOM   268 O  OP2   . DG  B 2 2  ? -19.444 -8.056  4.963   1.00 66.88  ? 13  DG  B OP2   1 
ATOM   269 O  "O5'" . DG  B 2 2  ? -20.333 -8.048  2.638   1.00 67.92  ? 13  DG  B "O5'" 1 
ATOM   270 C  "C5'" . DG  B 2 2  ? -21.345 -7.827  1.673   1.00 66.96  ? 13  DG  B "C5'" 1 
ATOM   271 C  "C4'" . DG  B 2 2  ? -20.745 -7.341  0.368   1.00 69.69  ? 13  DG  B "C4'" 1 
ATOM   272 O  "O4'" . DG  B 2 2  ? -20.020 -6.112  0.603   1.00 65.64  ? 13  DG  B "O4'" 1 
ATOM   273 C  "C3'" . DG  B 2 2  ? -19.748 -8.307  -0.290  1.00 68.45  ? 13  DG  B "C3'" 1 
ATOM   274 O  "O3'" . DG  B 2 2  ? -20.214 -8.696  -1.577  1.00 70.73  ? 13  DG  B "O3'" 1 
ATOM   275 C  "C2'" . DG  B 2 2  ? -18.444 -7.504  -0.383  1.00 67.94  ? 13  DG  B "C2'" 1 
ATOM   276 C  "C1'" . DG  B 2 2  ? -18.934 -6.067  -0.278  1.00 64.49  ? 13  DG  B "C1'" 1 
ATOM   277 N  N9    . DG  B 2 2  ? -17.935 -5.158  0.266   1.00 57.42  ? 13  DG  B N9    1 
ATOM   278 C  C8    . DG  B 2 2  ? -17.410 -5.173  1.534   1.00 54.77  ? 13  DG  B C8    1 
ATOM   279 N  N7    . DG  B 2 2  ? -16.523 -4.240  1.738   1.00 54.77  ? 13  DG  B N7    1 
ATOM   280 C  C5    . DG  B 2 2  ? -16.456 -3.565  0.528   1.00 54.77  ? 13  DG  B C5    1 
ATOM   281 C  C6    . DG  B 2 2  ? -15.667 -2.457  0.150   1.00 56.12  ? 13  DG  B C6    1 
ATOM   282 O  O6    . DG  B 2 2  ? -14.844 -1.834  0.835   1.00 54.78  ? 13  DG  B O6    1 
ATOM   283 N  N1    . DG  B 2 2  ? -15.904 -2.081  -1.171  1.00 58.39  ? 13  DG  B N1    1 
ATOM   284 C  C2    . DG  B 2 2  ? -16.793 -2.700  -2.018  1.00 56.44  ? 13  DG  B C2    1 
ATOM   285 N  N2    . DG  B 2 2  ? -16.884 -2.193  -3.257  1.00 55.21  ? 13  DG  B N2    1 
ATOM   286 N  N3    . DG  B 2 2  ? -17.540 -3.744  -1.675  1.00 54.77  ? 13  DG  B N3    1 
ATOM   287 C  C4    . DG  B 2 2  ? -17.318 -4.119  -0.391  1.00 54.77  ? 13  DG  B C4    1 
ATOM   288 P  P     . DA  B 2 3  ? -19.449 -9.846  -2.400  1.00 77.59  ? 14  DA  B P     1 
ATOM   289 O  OP1   . DA  B 2 3  ? -20.441 -10.506 -3.276  1.00 72.76  ? 14  DA  B OP1   1 
ATOM   290 O  OP2   . DA  B 2 3  ? -18.658 -10.643 -1.436  1.00 75.41  ? 14  DA  B OP2   1 
ATOM   291 O  "O5'" . DA  B 2 3  ? -18.423 -9.040  -3.320  1.00 65.78  ? 14  DA  B "O5'" 1 
ATOM   292 C  "C5'" . DA  B 2 3  ? -18.916 -8.179  -4.332  1.00 69.55  ? 14  DA  B "C5'" 1 
ATOM   293 C  "C4'" . DA  B 2 3  ? -17.823 -7.252  -4.825  1.00 69.21  ? 14  DA  B "C4'" 1 
ATOM   294 O  "O4'" . DA  B 2 3  ? -17.351 -6.450  -3.734  1.00 70.22  ? 14  DA  B "O4'" 1 
ATOM   295 C  "C3'" . DA  B 2 3  ? -16.581 -7.951  -5.353  1.00 66.76  ? 14  DA  B "C3'" 1 
ATOM   296 O  "O3'" . DA  B 2 3  ? -16.694 -8.136  -6.758  1.00 71.61  ? 14  DA  B "O3'" 1 
ATOM   297 C  "C2'" . DA  B 2 3  ? -15.436 -6.986  -5.006  1.00 64.67  ? 14  DA  B "C2'" 1 
ATOM   298 C  "C1'" . DA  B 2 3  ? -16.074 -5.966  -4.058  1.00 60.17  ? 14  DA  B "C1'" 1 
ATOM   299 N  N9    . DA  B 2 3  ? -15.331 -5.773  -2.820  1.00 57.61  ? 14  DA  B N9    1 
ATOM   300 C  C8    . DA  B 2 3  ? -15.464 -6.484  -1.661  1.00 59.32  ? 14  DA  B C8    1 
ATOM   301 N  N7    . DA  B 2 3  ? -14.669 -6.083  -0.698  1.00 56.67  ? 14  DA  B N7    1 
ATOM   302 C  C5    . DA  B 2 3  ? -13.965 -5.035  -1.265  1.00 55.03  ? 14  DA  B C5    1 
ATOM   303 C  C6    . DA  B 2 3  ? -12.963 -4.184  -0.764  1.00 54.15  ? 14  DA  B C6    1 
ATOM   304 N  N6    . DA  B 2 3  ? -12.482 -4.268  0.481   1.00 54.15  ? 14  DA  B N6    1 
ATOM   305 N  N1    . DA  B 2 3  ? -12.472 -3.240  -1.593  1.00 57.64  ? 14  DA  B N1    1 
ATOM   306 C  C2    . DA  B 2 3  ? -12.957 -3.159  -2.840  1.00 57.95  ? 14  DA  B C2    1 
ATOM   307 N  N3    . DA  B 2 3  ? -13.896 -3.901  -3.423  1.00 54.23  ? 14  DA  B N3    1 
ATOM   308 C  C4    . DA  B 2 3  ? -14.364 -4.828  -2.573  1.00 54.73  ? 14  DA  B C4    1 
ATOM   309 P  P     . DC  B 2 4  ? -15.634 -9.056  -7.536  1.00 76.71  ? 15  DC  B P     1 
ATOM   310 O  OP1   . DC  B 2 4  ? -16.221 -9.406  -8.849  1.00 70.82  ? 15  DC  B OP1   1 
ATOM   311 O  OP2   . DC  B 2 4  ? -15.207 -10.121 -6.600  1.00 67.00  ? 15  DC  B OP2   1 
ATOM   312 O  "O5'" . DC  B 2 4  ? -14.389 -8.086  -7.781  1.00 61.68  ? 15  DC  B "O5'" 1 
ATOM   313 C  "C5'" . DC  B 2 4  ? -14.552 -6.910  -8.555  1.00 60.88  ? 15  DC  B "C5'" 1 
ATOM   314 C  "C4'" . DC  B 2 4  ? -13.318 -6.035  -8.458  1.00 64.25  ? 15  DC  B "C4'" 1 
ATOM   315 O  "O4'" . DC  B 2 4  ? -13.164 -5.573  -7.108  1.00 62.87  ? 15  DC  B "O4'" 1 
ATOM   316 C  "C3'" . DC  B 2 4  ? -12.011 -6.743  -8.762  1.00 68.34  ? 15  DC  B "C3'" 1 
ATOM   317 O  "O3'" . DC  B 2 4  ? -11.717 -6.646  -10.146 1.00 69.22  ? 15  DC  B "O3'" 1 
ATOM   318 C  "C2'" . DC  B 2 4  ? -10.979 -5.975  -7.923  1.00 64.98  ? 15  DC  B "C2'" 1 
ATOM   319 C  "C1'" . DC  B 2 4  ? -11.822 -5.193  -6.915  1.00 57.33  ? 15  DC  B "C1'" 1 
ATOM   320 N  N1    . DC  B 2 4  ? -11.460 -5.444  -5.494  1.00 54.07  ? 15  DC  B N1    1 
ATOM   321 C  C2    . DC  B 2 4  ? -10.463 -4.676  -4.886  1.00 54.23  ? 15  DC  B C2    1 
ATOM   322 O  O2    . DC  B 2 4  ? -9.879  -3.808  -5.547  1.00 56.78  ? 15  DC  B O2    1 
ATOM   323 N  N3    . DC  B 2 4  ? -10.159 -4.910  -3.585  1.00 54.62  ? 15  DC  B N3    1 
ATOM   324 C  C4    . DC  B 2 4  ? -10.810 -5.856  -2.906  1.00 55.50  ? 15  DC  B C4    1 
ATOM   325 N  N4    . DC  B 2 4  ? -10.475 -6.053  -1.628  1.00 54.07  ? 15  DC  B N4    1 
ATOM   326 C  C5    . DC  B 2 4  ? -11.832 -6.644  -3.509  1.00 56.05  ? 15  DC  B C5    1 
ATOM   327 C  C6    . DC  B 2 4  ? -12.121 -6.405  -4.791  1.00 54.07  ? 15  DC  B C6    1 
ATOM   328 P  P     . DG  B 2 5  ? -10.560 -7.558  -10.782 1.00 75.85  ? 16  DG  B P     1 
ATOM   329 O  OP1   . DG  B 2 5  ? -10.723 -7.500  -12.251 1.00 84.19  ? 16  DG  B OP1   1 
ATOM   330 O  OP2   . DG  B 2 5  ? -10.572 -8.858  -10.075 1.00 70.71  ? 16  DG  B OP2   1 
ATOM   331 O  "O5'" . DG  B 2 5  ? -9.203  -6.814  -10.377 1.00 69.26  ? 16  DG  B "O5'" 1 
ATOM   332 C  "C5'" . DG  B 2 5  ? -8.928  -5.512  -10.874 1.00 63.80  ? 16  DG  B "C5'" 1 
ATOM   333 C  "C4'" . DG  B 2 5  ? -7.685  -4.940  -10.215 1.00 69.50  ? 16  DG  B "C4'" 1 
ATOM   334 O  "O4'" . DG  B 2 5  ? -7.846  -4.966  -8.772  1.00 68.28  ? 16  DG  B "O4'" 1 
ATOM   335 C  "C3'" . DG  B 2 5  ? -6.393  -5.701  -10.505 1.00 69.14  ? 16  DG  B "C3'" 1 
ATOM   336 O  "O3'" . DG  B 2 5  ? -5.319  -4.786  -10.637 1.00 71.20  ? 16  DG  B "O3'" 1 
ATOM   337 C  "C2'" . DG  B 2 5  ? -6.226  -6.575  -9.266  1.00 66.71  ? 16  DG  B "C2'" 1 
ATOM   338 C  "C1'" . DG  B 2 5  ? -6.764  -5.656  -8.184  1.00 62.45  ? 16  DG  B "C1'" 1 
ATOM   339 N  N9    . DG  B 2 5  ? -7.257  -6.363  -7.007  1.00 58.87  ? 16  DG  B N9    1 
ATOM   340 C  C8    . DG  B 2 5  ? -8.243  -7.317  -6.972  1.00 58.75  ? 16  DG  B C8    1 
ATOM   341 N  N7    . DG  B 2 5  ? -8.483  -7.773  -5.775  1.00 56.67  ? 16  DG  B N7    1 
ATOM   342 C  C5    . DG  B 2 5  ? -7.595  -7.083  -4.965  1.00 56.44  ? 16  DG  B C5    1 
ATOM   343 C  C6    . DG  B 2 5  ? -7.392  -7.160  -3.567  1.00 59.31  ? 16  DG  B C6    1 
ATOM   344 O  O6    . DG  B 2 5  ? -7.977  -7.881  -2.743  1.00 63.01  ? 16  DG  B O6    1 
ATOM   345 N  N1    . DG  B 2 5  ? -6.391  -6.291  -3.144  1.00 56.42  ? 16  DG  B N1    1 
ATOM   346 C  C2    . DG  B 2 5  ? -5.679  -5.451  -3.967  1.00 59.04  ? 16  DG  B C2    1 
ATOM   347 N  N2    . DG  B 2 5  ? -4.753  -4.684  -3.373  1.00 59.44  ? 16  DG  B N2    1 
ATOM   348 N  N3    . DG  B 2 5  ? -5.860  -5.369  -5.281  1.00 59.63  ? 16  DG  B N3    1 
ATOM   349 C  C4    . DG  B 2 5  ? -6.832  -6.210  -5.708  1.00 57.81  ? 16  DG  B C4    1 
ATOM   350 P  P     . DA  B 2 6  ? -3.970  -5.233  -11.384 1.00 81.30  ? 17  DA  B P     1 
ATOM   351 O  OP1   . DA  B 2 6  ? -3.504  -4.072  -12.174 1.00 79.39  ? 17  DA  B OP1   1 
ATOM   352 O  OP2   . DA  B 2 6  ? -4.235  -6.528  -12.050 1.00 86.87  ? 17  DA  B OP2   1 
ATOM   353 O  "O5'" . DA  B 2 6  ? -2.934  -5.501  -10.194 1.00 71.04  ? 17  DA  B "O5'" 1 
ATOM   354 C  "C5'" . DA  B 2 6  ? -2.202  -4.418  -9.645  1.00 69.17  ? 17  DA  B "C5'" 1 
ATOM   355 C  "C4'" . DA  B 2 6  ? -1.599  -4.783  -8.300  1.00 72.58  ? 17  DA  B "C4'" 1 
ATOM   356 O  "O4'" . DA  B 2 6  ? -2.606  -5.376  -7.449  1.00 73.05  ? 17  DA  B "O4'" 1 
ATOM   357 C  "C3'" . DA  B 2 6  ? -0.438  -5.782  -8.346  1.00 71.37  ? 17  DA  B "C3'" 1 
ATOM   358 O  "O3'" . DA  B 2 6  ? 0.694   -5.202  -7.722  1.00 75.05  ? 17  DA  B "O3'" 1 
ATOM   359 C  "C2'" . DA  B 2 6  ? -0.956  -6.998  -7.560  1.00 66.98  ? 17  DA  B "C2'" 1 
ATOM   360 C  "C1'" . DA  B 2 6  ? -1.996  -6.360  -6.658  1.00 68.07  ? 17  DA  B "C1'" 1 
ATOM   361 N  N9    . DA  B 2 6  ? -3.033  -7.276  -6.190  1.00 65.92  ? 17  DA  B N9    1 
ATOM   362 C  C8    . DA  B 2 6  ? -3.983  -7.902  -6.949  1.00 67.57  ? 17  DA  B C8    1 
ATOM   363 N  N7    . DA  B 2 6  ? -4.804  -8.656  -6.254  1.00 63.14  ? 17  DA  B N7    1 
ATOM   364 C  C5    . DA  B 2 6  ? -4.367  -8.507  -4.950  1.00 60.25  ? 17  DA  B C5    1 
ATOM   365 C  C6    . DA  B 2 6  ? -4.818  -9.051  -3.732  1.00 62.36  ? 17  DA  B C6    1 
ATOM   366 N  N6    . DA  B 2 6  ? -5.857  -9.888  -3.640  1.00 64.58  ? 17  DA  B N6    1 
ATOM   367 N  N1    . DA  B 2 6  ? -4.160  -8.698  -2.607  1.00 62.81  ? 17  DA  B N1    1 
ATOM   368 C  C2    . DA  B 2 6  ? -3.120  -7.858  -2.706  1.00 62.91  ? 17  DA  B C2    1 
ATOM   369 N  N3    . DA  B 2 6  ? -2.603  -7.287  -3.793  1.00 58.06  ? 17  DA  B N3    1 
ATOM   370 C  C4    . DA  B 2 6  ? -3.279  -7.656  -4.892  1.00 60.20  ? 17  DA  B C4    1 
ATOM   371 P  P     . DC  B 2 7  ? 2.141   -5.884  -7.855  1.00 80.01  ? 18  DC  B P     1 
ATOM   372 O  OP1   . DC  B 2 7  ? 3.141   -4.797  -7.757  1.00 80.34  ? 18  DC  B OP1   1 
ATOM   373 O  OP2   . DC  B 2 7  ? 2.121   -6.778  -9.033  1.00 77.25  ? 18  DC  B OP2   1 
ATOM   374 O  "O5'" . DC  B 2 7  ? 2.249   -6.791  -6.546  1.00 69.92  ? 18  DC  B "O5'" 1 
ATOM   375 C  "C5'" . DC  B 2 7  ? 2.069   -6.199  -5.273  1.00 71.99  ? 18  DC  B "C5'" 1 
ATOM   376 C  "C4'" . DC  B 2 7  ? 1.984   -7.258  -4.193  1.00 75.94  ? 18  DC  B "C4'" 1 
ATOM   377 O  "O4'" . DC  B 2 7  ? 0.673   -7.842  -4.183  1.00 71.66  ? 18  DC  B "O4'" 1 
ATOM   378 C  "C3'" . DC  B 2 7  ? 2.955   -8.426  -4.359  1.00 73.36  ? 18  DC  B "C3'" 1 
ATOM   379 O  "O3'" . DC  B 2 7  ? 4.001   -8.296  -3.412  1.00 74.12  ? 18  DC  B "O3'" 1 
ATOM   380 C  "C2'" . DC  B 2 7  ? 2.097   -9.687  -4.109  1.00 72.19  ? 18  DC  B "C2'" 1 
ATOM   381 C  "C1'" . DC  B 2 7  ? 0.770   -9.116  -3.616  1.00 67.02  ? 18  DC  B "C1'" 1 
ATOM   382 N  N1    . DC  B 2 7  ? -0.433  -9.893  -4.032  1.00 62.26  ? 18  DC  B N1    1 
ATOM   383 C  C2    . DC  B 2 7  ? -1.228  -10.512 -3.061  1.00 63.15  ? 18  DC  B C2    1 
ATOM   384 O  O2    . DC  B 2 7  ? -0.908  -10.421 -1.870  1.00 64.55  ? 18  DC  B O2    1 
ATOM   385 N  N3    . DC  B 2 7  ? -2.330  -11.197 -3.454  1.00 62.73  ? 18  DC  B N3    1 
ATOM   386 C  C4    . DC  B 2 7  ? -2.643  -11.271 -4.748  1.00 65.48  ? 18  DC  B C4    1 
ATOM   387 N  N4    . DC  B 2 7  ? -3.739  -11.960 -5.085  1.00 68.98  ? 18  DC  B N4    1 
ATOM   388 C  C5    . DC  B 2 7  ? -1.849  -10.640 -5.752  1.00 64.11  ? 18  DC  B C5    1 
ATOM   389 C  C6    . DC  B 2 7  ? -0.767  -9.965  -5.353  1.00 62.56  ? 18  DC  B C6    1 
ATOM   390 P  P     . DT  B 2 8  ? 5.194   -9.367  -3.361  1.00 90.72  ? 19  DT  B P     1 
ATOM   391 O  OP1   . DT  B 2 8  ? 6.413   -8.645  -2.933  1.00 88.69  ? 19  DT  B OP1   1 
ATOM   392 O  OP2   . DT  B 2 8  ? 5.192   -10.123 -4.635  1.00 82.77  ? 19  DT  B OP2   1 
ATOM   393 O  "O5'" . DT  B 2 8  ? 4.750   -10.354 -2.190  1.00 81.64  ? 19  DT  B "O5'" 1 
ATOM   394 C  "C5'" . DT  B 2 8  ? 4.283   -9.814  -0.964  1.00 80.19  ? 19  DT  B "C5'" 1 
ATOM   395 C  "C4'" . DT  B 2 8  ? 3.824   -10.917 -0.031  1.00 85.19  ? 19  DT  B "C4'" 1 
ATOM   396 O  "O4'" . DT  B 2 8  ? 2.503   -11.371 -0.420  1.00 81.95  ? 19  DT  B "O4'" 1 
ATOM   397 C  "C3'" . DT  B 2 8  ? 4.720   -12.156 -0.014  1.00 85.31  ? 19  DT  B "C3'" 1 
ATOM   398 O  "O3'" . DT  B 2 8  ? 5.014   -12.508 1.321   1.00 86.13  ? 19  DT  B "O3'" 1 
ATOM   399 C  "C2'" . DT  B 2 8  ? 3.879   -13.229 -0.714  1.00 81.88  ? 19  DT  B "C2'" 1 
ATOM   400 C  "C1'" . DT  B 2 8  ? 2.465   -12.778 -0.394  1.00 79.32  ? 19  DT  B "C1'" 1 
ATOM   401 N  N1    . DT  B 2 8  ? 1.451   -13.233 -1.389  1.00 71.98  ? 19  DT  B N1    1 
ATOM   402 C  C2    . DT  B 2 8  ? 0.329   -13.898 -0.952  1.00 71.27  ? 19  DT  B C2    1 
ATOM   403 O  O2    . DT  B 2 8  ? 0.115   -14.152 0.222   1.00 71.78  ? 19  DT  B O2    1 
ATOM   404 N  N3    . DT  B 2 8  ? -0.544  -14.262 -1.944  1.00 67.27  ? 19  DT  B N3    1 
ATOM   405 C  C4    . DT  B 2 8  ? -0.411  -14.029 -3.300  1.00 68.84  ? 19  DT  B C4    1 
ATOM   406 O  O4    . DT  B 2 8  ? -1.252  -14.396 -4.117  1.00 71.73  ? 19  DT  B O4    1 
ATOM   407 C  C5    . DT  B 2 8  ? 0.787   -13.324 -3.691  1.00 67.52  ? 19  DT  B C5    1 
ATOM   408 C  C7    . DT  B 2 8  ? 1.041   -13.015 -5.135  1.00 65.21  ? 19  DT  B C7    1 
ATOM   409 C  C6    . DT  B 2 8  ? 1.649   -12.962 -2.727  1.00 67.99  ? 19  DT  B C6    1 
ATOM   410 P  P     . DC  B 2 9  ? 6.030   -13.709 1.635   1.00 94.34  ? 20  DC  B P     1 
ATOM   411 O  OP1   . DC  B 2 9  ? 6.793   -13.323 2.842   1.00 97.41  ? 20  DC  B OP1   1 
ATOM   412 O  OP2   . DC  B 2 9  ? 6.745   -14.045 0.381   1.00 90.36  ? 20  DC  B OP2   1 
ATOM   413 O  "O5'" . DC  B 2 9  ? 5.065   -14.929 2.004   1.00 83.15  ? 20  DC  B "O5'" 1 
ATOM   414 C  "C5'" . DC  B 2 9  ? 4.161   -14.805 3.092   1.00 80.11  ? 20  DC  B "C5'" 1 
ATOM   415 C  "C4'" . DC  B 2 9  ? 3.280   -16.035 3.202   1.00 81.80  ? 20  DC  B "C4'" 1 
ATOM   416 O  "O4'" . DC  B 2 9  ? 2.360   -16.076 2.082   1.00 82.29  ? 20  DC  B "O4'" 1 
ATOM   417 C  "C3'" . DC  B 2 9  ? 4.029   -17.370 3.192   1.00 86.70  ? 20  DC  B "C3'" 1 
ATOM   418 O  "O3'" . DC  B 2 9  ? 3.561   -18.199 4.248   1.00 90.03  ? 20  DC  B "O3'" 1 
ATOM   419 C  "C2'" . DC  B 2 9  ? 3.693   -17.962 1.821   1.00 82.04  ? 20  DC  B "C2'" 1 
ATOM   420 C  "C1'" . DC  B 2 9  ? 2.310   -17.386 1.576   1.00 76.32  ? 20  DC  B "C1'" 1 
ATOM   421 N  N1    . DC  B 2 9  ? 1.936   -17.320 0.138   1.00 75.40  ? 20  DC  B N1    1 
ATOM   422 C  C2    . DC  B 2 9  ? 0.706   -17.839 -0.283  1.00 72.99  ? 20  DC  B C2    1 
ATOM   423 O  O2    . DC  B 2 9  ? -0.052  -18.346 0.554   1.00 72.23  ? 20  DC  B O2    1 
ATOM   424 N  N3    . DC  B 2 9  ? 0.381   -17.772 -1.597  1.00 69.84  ? 20  DC  B N3    1 
ATOM   425 C  C4    . DC  B 2 9  ? 1.228   -17.216 -2.465  1.00 73.48  ? 20  DC  B C4    1 
ATOM   426 N  N4    . DC  B 2 9  ? 0.864   -17.170 -3.752  1.00 76.07  ? 20  DC  B N4    1 
ATOM   427 C  C5    . DC  B 2 9  ? 2.484   -16.681 -2.055  1.00 72.24  ? 20  DC  B C5    1 
ATOM   428 C  C6    . DC  B 2 9  ? 2.794   -16.754 -0.757  1.00 73.65  ? 20  DC  B C6    1 
ATOM   429 P  P     . DT  C 3 1  ? -0.652  -1.960  15.470  1.00 89.35  ? 0   DT  C P     1 
ATOM   430 O  OP1   . DT  C 3 1  ? -0.941  -2.996  16.489  1.00 64.45  ? 0   DT  C OP1   1 
ATOM   431 O  OP2   . DT  C 3 1  ? 0.550   -1.106  15.598  1.00 85.61  ? 0   DT  C OP2   1 
ATOM   432 O  "O5'" . DT  C 3 1  ? -1.922  -0.999  15.333  1.00 68.04  ? 0   DT  C "O5'" 1 
ATOM   433 C  "C5'" . DT  C 3 1  ? -3.205  -1.465  15.721  1.00 67.74  ? 0   DT  C "C5'" 1 
ATOM   434 C  "C4'" . DT  C 3 1  ? -4.274  -0.956  14.774  1.00 65.48  ? 0   DT  C "C4'" 1 
ATOM   435 O  "O4'" . DT  C 3 1  ? -4.445  0.475   14.955  1.00 67.69  ? 0   DT  C "O4'" 1 
ATOM   436 C  "C3'" . DT  C 3 1  ? -3.972  -1.157  13.290  1.00 63.64  ? 0   DT  C "C3'" 1 
ATOM   437 O  "O3'" . DT  C 3 1  ? -5.167  -1.520  12.607  1.00 66.24  ? 0   DT  C "O3'" 1 
ATOM   438 C  "C2'" . DT  C 3 1  ? -3.476  0.222   12.860  1.00 60.64  ? 0   DT  C "C2'" 1 
ATOM   439 C  "C1'" . DT  C 3 1  ? -4.369  1.111   13.700  1.00 56.44  ? 0   DT  C "C1'" 1 
ATOM   440 N  N1    . DT  C 3 1  ? -3.859  2.500   13.904  1.00 53.37  ? 0   DT  C N1    1 
ATOM   441 C  C2    . DT  C 3 1  ? -4.645  3.562   13.520  1.00 58.24  ? 0   DT  C C2    1 
ATOM   442 O  O2    . DT  C 3 1  ? -5.740  3.428   12.995  1.00 61.24  ? 0   DT  C O2    1 
ATOM   443 N  N3    . DT  C 3 1  ? -4.102  4.796   13.764  1.00 56.07  ? 0   DT  C N3    1 
ATOM   444 C  C4    . DT  C 3 1  ? -2.879  5.068   14.347  1.00 59.07  ? 0   DT  C C4    1 
ATOM   445 O  O4    . DT  C 3 1  ? -2.477  6.215   14.522  1.00 57.28  ? 0   DT  C O4    1 
ATOM   446 C  C5    . DT  C 3 1  ? -2.107  3.909   14.736  1.00 57.79  ? 0   DT  C C5    1 
ATOM   447 C  C7    . DT  C 3 1  ? -0.762  4.077   15.380  1.00 52.33  ? 0   DT  C C7    1 
ATOM   448 C  C6    . DT  C 3 1  ? -2.630  2.695   14.502  1.00 56.53  ? 0   DT  C C6    1 
ATOM   449 P  P     . DC  C 3 2  ? -5.100  -2.202  11.154  1.00 74.28  ? 1   DC  C P     1 
ATOM   450 O  OP1   . DC  C 3 2  ? -5.857  -3.471  11.214  1.00 68.37  ? 1   DC  C OP1   1 
ATOM   451 O  OP2   . DC  C 3 2  ? -3.682  -2.207  10.726  1.00 63.17  ? 1   DC  C OP2   1 
ATOM   452 O  "O5'" . DC  C 3 2  ? -5.902  -1.180  10.222  1.00 66.28  ? 1   DC  C "O5'" 1 
ATOM   453 C  "C5'" . DC  C 3 2  ? -6.364  0.045   10.764  1.00 61.69  ? 1   DC  C "C5'" 1 
ATOM   454 C  "C4'" . DC  C 3 2  ? -7.255  0.782   9.783   1.00 61.08  ? 1   DC  C "C4'" 1 
ATOM   455 O  "O4'" . DC  C 3 2  ? -6.964  2.196   9.845   1.00 63.66  ? 1   DC  C "O4'" 1 
ATOM   456 C  "C3'" . DC  C 3 2  ? -7.037  0.446   8.331   1.00 54.81  ? 1   DC  C "C3'" 1 
ATOM   457 O  "O3'" . DC  C 3 2  ? -8.141  0.936   7.592   1.00 53.45  ? 1   DC  C "O3'" 1 
ATOM   458 C  "C2'" . DC  C 3 2  ? -5.770  1.245   8.031   1.00 58.40  ? 1   DC  C "C2'" 1 
ATOM   459 C  "C1'" . DC  C 3 2  ? -6.019  2.527   8.835   1.00 58.00  ? 1   DC  C "C1'" 1 
ATOM   460 N  N1    . DC  C 3 2  ? -4.814  3.071   9.519   1.00 51.66  ? 1   DC  C N1    1 
ATOM   461 C  C2    . DC  C 3 2  ? -4.686  4.455   9.696   1.00 53.34  ? 1   DC  C C2    1 
ATOM   462 O  O2    . DC  C 3 2  ? -5.566  5.205   9.254   1.00 54.68  ? 1   DC  C O2    1 
ATOM   463 N  N3    . DC  C 3 2  ? -3.596  4.936   10.341  1.00 51.62  ? 1   DC  C N3    1 
ATOM   464 C  C4    . DC  C 3 2  ? -2.672  4.096   10.805  1.00 53.57  ? 1   DC  C C4    1 
ATOM   465 N  N4    . DC  C 3 2  ? -1.615  4.615   11.438  1.00 53.58  ? 1   DC  C N4    1 
ATOM   466 C  C5    . DC  C 3 2  ? -2.787  2.686   10.638  1.00 56.10  ? 1   DC  C C5    1 
ATOM   467 C  C6    . DC  C 3 2  ? -3.866  2.222   9.999   1.00 51.53  ? 1   DC  C C6    1 
ATOM   468 P  P     . DA  C 3 3  ? -8.433  0.402   6.109   1.00 54.33  ? 2   DA  C P     1 
ATOM   469 O  OP1   . DA  C 3 3  ? -9.900  0.407   5.906   1.00 43.39  ? 2   DA  C OP1   1 
ATOM   470 O  OP2   . DA  C 3 3  ? -7.660  -0.850  5.938   1.00 64.06  ? 2   DA  C OP2   1 
ATOM   471 O  "O5'" . DA  C 3 3  ? -7.805  1.536   5.180   1.00 53.18  ? 2   DA  C "O5'" 1 
ATOM   472 C  "C5'" . DA  C 3 3  ? -8.322  2.855   5.233   1.00 58.19  ? 2   DA  C "C5'" 1 
ATOM   473 C  "C4'" . DA  C 3 3  ? -7.375  3.816   4.549   1.00 58.51  ? 2   DA  C "C4'" 1 
ATOM   474 O  "O4'" . DA  C 3 3  ? -6.394  4.266   5.495   1.00 60.58  ? 2   DA  C "O4'" 1 
ATOM   475 C  "C3'" . DA  C 3 3  ? -6.565  3.195   3.427   1.00 61.49  ? 2   DA  C "C3'" 1 
ATOM   476 O  "O3'" . DA  C 3 3  ? -7.249  3.320   2.171   1.00 62.29  ? 2   DA  C "O3'" 1 
ATOM   477 C  "C2'" . DA  C 3 3  ? -5.239  3.968   3.447   1.00 60.22  ? 2   DA  C "C2'" 1 
ATOM   478 C  "C1'" . DA  C 3 3  ? -5.257  4.704   4.793   1.00 57.49  ? 2   DA  C "C1'" 1 
ATOM   479 N  N9    . DA  C 3 3  ? -4.083  4.432   5.611   1.00 55.57  ? 2   DA  C N9    1 
ATOM   480 C  C8    . DA  C 3 3  ? -3.523  3.212   5.865   1.00 55.55  ? 2   DA  C C8    1 
ATOM   481 N  N7    . DA  C 3 3  ? -2.464  3.267   6.639   1.00 52.73  ? 2   DA  C N7    1 
ATOM   482 C  C5    . DA  C 3 3  ? -2.319  4.618   6.907   1.00 53.52  ? 2   DA  C C5    1 
ATOM   483 C  C6    . DA  C 3 3  ? -1.383  5.337   7.672   1.00 54.57  ? 2   DA  C C6    1 
ATOM   484 N  N6    . DA  C 3 3  ? -0.375  4.759   8.334   1.00 55.46  ? 2   DA  C N6    1 
ATOM   485 N  N1    . DA  C 3 3  ? -1.521  6.678   7.732   1.00 55.25  ? 2   DA  C N1    1 
ATOM   486 C  C2    . DA  C 3 3  ? -2.535  7.252   7.071   1.00 57.57  ? 2   DA  C C2    1 
ATOM   487 N  N3    . DA  C 3 3  ? -3.478  6.680   6.321   1.00 55.41  ? 2   DA  C N3    1 
ATOM   488 C  C4    . DA  C 3 3  ? -3.310  5.350   6.279   1.00 55.16  ? 2   DA  C C4    1 
ATOM   489 P  P     . DT  C 3 4  ? -7.980  4.686   1.735   1.00 62.06  ? 3   DT  C P     1 
ATOM   490 O  OP1   . DT  C 3 4  ? -7.075  5.838   1.944   1.00 56.61  ? 3   DT  C OP1   1 
ATOM   491 O  OP2   . DT  C 3 4  ? -9.339  4.678   2.316   1.00 68.98  ? 3   DT  C OP2   1 
ATOM   492 O  "O5'" . DT  C 3 4  ? -8.160  4.514   0.159   1.00 65.01  ? 3   DT  C "O5'" 1 
ATOM   493 C  "C5'" . DT  C 3 4  ? -7.084  4.033   -0.625  1.00 63.00  ? 3   DT  C "C5'" 1 
ATOM   494 C  "C4'" . DT  C 3 4  ? -7.600  3.348   -1.872  1.00 60.48  ? 3   DT  C "C4'" 1 
ATOM   495 O  "O4'" . DT  C 3 4  ? -7.620  1.927   -1.656  1.00 55.16  ? 3   DT  C "O4'" 1 
ATOM   496 C  "C3'" . DT  C 3 4  ? -9.022  3.711   -2.245  1.00 59.78  ? 3   DT  C "C3'" 1 
ATOM   497 O  "O3'" . DT  C 3 4  ? -9.014  4.860   -3.069  1.00 62.92  ? 3   DT  C "O3'" 1 
ATOM   498 C  "C2'" . DT  C 3 4  ? -9.502  2.478   -3.007  1.00 54.54  ? 3   DT  C "C2'" 1 
ATOM   499 C  "C1'" . DT  C 3 4  ? -8.684  1.346   -2.381  1.00 50.01  ? 3   DT  C "C1'" 1 
ATOM   500 N  N1    . DT  C 3 4  ? -9.447  0.481   -1.454  1.00 49.94  ? 3   DT  C N1    1 
ATOM   501 C  C2    . DT  C 3 4  ? -10.316 -0.444  -1.966  1.00 52.27  ? 3   DT  C C2    1 
ATOM   502 O  O2    . DT  C 3 4  ? -10.514 -0.583  -3.159  1.00 51.39  ? 3   DT  C O2    1 
ATOM   503 N  N3    . DT  C 3 4  ? -10.954 -1.207  -1.027  1.00 54.62  ? 3   DT  C N3    1 
ATOM   504 C  C4    . DT  C 3 4  ? -10.807 -1.141  0.346   1.00 53.09  ? 3   DT  C C4    1 
ATOM   505 O  O4    . DT  C 3 4  ? -11.428 -1.872  1.108   1.00 54.84  ? 3   DT  C O4    1 
ATOM   506 C  C5    . DT  C 3 4  ? -9.872  -0.150  0.818   1.00 52.48  ? 3   DT  C C5    1 
ATOM   507 C  C7    . DT  C 3 4  ? -9.628  0.019   2.288   1.00 55.25  ? 3   DT  C C7    1 
ATOM   508 C  C6    . DT  C 3 4  ? -9.240  0.601   -0.095  1.00 52.81  ? 3   DT  C C6    1 
ATOM   509 P  P     . DC  C 3 5  ? -10.293 5.823   -3.105  1.00 66.85  ? 4   DC  C P     1 
ATOM   510 O  OP1   . DC  C 3 5  ? -9.922  7.040   -3.861  1.00 68.82  ? 4   DC  C OP1   1 
ATOM   511 O  OP2   . DC  C 3 5  ? -10.800 5.931   -1.719  1.00 72.34  ? 4   DC  C OP2   1 
ATOM   512 O  "O5'" . DC  C 3 5  ? -11.355 4.997   -3.961  1.00 58.65  ? 4   DC  C "O5'" 1 
ATOM   513 C  "C5'" . DC  C 3 5  ? -11.067 4.667   -5.309  1.00 62.93  ? 4   DC  C "C5'" 1 
ATOM   514 C  "C4'" . DC  C 3 5  ? -12.130 3.744   -5.860  1.00 64.01  ? 4   DC  C "C4'" 1 
ATOM   515 O  "O4'" . DC  C 3 5  ? -12.095 2.495   -5.140  1.00 58.22  ? 4   DC  C "O4'" 1 
ATOM   516 C  "C3'" . DC  C 3 5  ? -13.548 4.255   -5.698  1.00 63.60  ? 4   DC  C "C3'" 1 
ATOM   517 O  "O3'" . DC  C 3 5  ? -13.897 5.049   -6.830  1.00 67.34  ? 4   DC  C "O3'" 1 
ATOM   518 C  "C2'" . DC  C 3 5  ? -14.367 2.969   -5.637  1.00 60.56  ? 4   DC  C "C2'" 1 
ATOM   519 C  "C1'" . DC  C 3 5  ? -13.401 1.962   -5.028  1.00 57.84  ? 4   DC  C "C1'" 1 
ATOM   520 N  N1    . DC  C 3 5  ? -13.650 1.651   -3.595  1.00 54.28  ? 4   DC  C N1    1 
ATOM   521 C  C2    . DC  C 3 5  ? -14.466 0.567   -3.250  1.00 53.82  ? 4   DC  C C2    1 
ATOM   522 O  O2    . DC  C 3 5  ? -15.006 -0.095  -4.147  1.00 55.92  ? 4   DC  C O2    1 
ATOM   523 N  N3    . DC  C 3 5  ? -14.653 0.282   -1.941  1.00 53.10  ? 4   DC  C N3    1 
ATOM   524 C  C4    . DC  C 3 5  ? -14.054 1.020   -1.004  1.00 56.79  ? 4   DC  C C4    1 
ATOM   525 N  N4    . DC  C 3 5  ? -14.272 0.700   0.277   1.00 60.10  ? 4   DC  C N4    1 
ATOM   526 C  C5    . DC  C 3 5  ? -13.209 2.117   -1.336  1.00 53.75  ? 4   DC  C C5    1 
ATOM   527 C  C6    . DC  C 3 5  ? -13.032 2.391   -2.631  1.00 53.54  ? 4   DC  C C6    1 
ATOM   528 P  P     . DG  C 3 6  ? -15.435 5.367   -7.171  1.00 78.79  ? 5   DG  C P     1 
ATOM   529 O  OP1   . DG  C 3 6  ? -15.446 6.572   -8.029  1.00 80.06  ? 5   DG  C OP1   1 
ATOM   530 O  OP2   . DG  C 3 6  ? -16.234 5.362   -5.923  1.00 67.69  ? 5   DG  C OP2   1 
ATOM   531 O  "O5'" . DG  C 3 6  ? -15.892 4.119   -8.057  1.00 65.43  ? 5   DG  C "O5'" 1 
ATOM   532 C  "C5'" . DG  C 3 6  ? -17.262 3.938   -8.354  1.00 71.17  ? 5   DG  C "C5'" 1 
ATOM   533 C  "C4'" . DG  C 3 6  ? -17.781 2.652   -7.742  1.00 68.57  ? 5   DG  C "C4'" 1 
ATOM   534 O  "O4'" . DG  C 3 6  ? -17.222 2.476   -6.422  1.00 66.11  ? 5   DG  C "O4'" 1 
ATOM   535 C  "C3'" . DG  C 3 6  ? -19.300 2.592   -7.566  1.00 67.77  ? 5   DG  C "C3'" 1 
ATOM   536 O  "O3'" . DG  C 3 6  ? -19.795 1.386   -8.122  1.00 74.10  ? 5   DG  C "O3'" 1 
ATOM   537 C  "C2'" . DG  C 3 6  ? -19.493 2.633   -6.045  1.00 65.61  ? 5   DG  C "C2'" 1 
ATOM   538 C  "C1'" . DG  C 3 6  ? -18.217 1.967   -5.579  1.00 62.57  ? 5   DG  C "C1'" 1 
ATOM   539 N  N9    . DG  C 3 6  ? -17.856 2.261   -4.197  1.00 57.53  ? 5   DG  C N9    1 
ATOM   540 C  C8    . DG  C 3 6  ? -17.079 3.298   -3.742  1.00 57.55  ? 5   DG  C C8    1 
ATOM   541 N  N7    . DG  C 3 6  ? -16.916 3.296   -2.447  1.00 54.83  ? 5   DG  C N7    1 
ATOM   542 C  C5    . DG  C 3 6  ? -17.624 2.181   -2.021  1.00 53.25  ? 5   DG  C C5    1 
ATOM   543 C  C6    . DG  C 3 6  ? -17.807 1.664   -0.719  1.00 56.33  ? 5   DG  C C6    1 
ATOM   544 O  O6    . DG  C 3 6  ? -17.366 2.106   0.352   1.00 59.68  ? 5   DG  C O6    1 
ATOM   545 N  N1    . DG  C 3 6  ? -18.595 0.515   -0.728  1.00 56.45  ? 5   DG  C N1    1 
ATOM   546 C  C2    . DG  C 3 6  ? -19.135 -0.060  -1.855  1.00 56.89  ? 5   DG  C C2    1 
ATOM   547 N  N2    . DG  C 3 6  ? -19.868 -1.167  -1.666  1.00 55.37  ? 5   DG  C N2    1 
ATOM   548 N  N3    . DG  C 3 6  ? -18.969 0.417   -3.081  1.00 56.51  ? 5   DG  C N3    1 
ATOM   549 C  C4    . DG  C 3 6  ? -18.206 1.533   -3.087  1.00 55.15  ? 5   DG  C C4    1 
ATOM   550 O  "O5'" . DT  D 4 1  ? -0.540  -20.341 -15.751 1.00 88.97  ? 2   DT  D "O5'" 1 
ATOM   551 C  "C5'" . DT  D 4 1  ? 0.068   -20.866 -14.575 1.00 85.92  ? 2   DT  D "C5'" 1 
ATOM   552 C  "C4'" . DT  D 4 1  ? -0.787  -21.965 -13.973 1.00 87.34  ? 2   DT  D "C4'" 1 
ATOM   553 O  "O4'" . DT  D 4 1  ? -0.051  -22.634 -12.913 1.00 83.22  ? 2   DT  D "O4'" 1 
ATOM   554 C  "C3'" . DT  D 4 1  ? -2.103  -21.494 -13.348 1.00 87.23  ? 2   DT  D "C3'" 1 
ATOM   555 O  "O3'" . DT  D 4 1  ? -3.165  -22.391 -13.728 1.00 90.88  ? 2   DT  D "O3'" 1 
ATOM   556 C  "C2'" . DT  D 4 1  ? -1.802  -21.529 -11.852 1.00 84.57  ? 2   DT  D "C2'" 1 
ATOM   557 C  "C1'" . DT  D 4 1  ? -0.858  -22.712 -11.763 1.00 78.40  ? 2   DT  D "C1'" 1 
ATOM   558 N  N1    . DT  D 4 1  ? 0.017   -22.681 -10.562 1.00 74.20  ? 2   DT  D N1    1 
ATOM   559 C  C2    . DT  D 4 1  ? -0.350  -23.398 -9.448  1.00 75.21  ? 2   DT  D C2    1 
ATOM   560 O  O2    . DT  D 4 1  ? -1.367  -24.068 -9.390  1.00 77.60  ? 2   DT  D O2    1 
ATOM   561 N  N3    . DT  D 4 1  ? 0.519   -23.303 -8.394  1.00 73.53  ? 2   DT  D N3    1 
ATOM   562 C  C4    . DT  D 4 1  ? 1.695   -22.576 -8.344  1.00 74.81  ? 2   DT  D C4    1 
ATOM   563 O  O4    . DT  D 4 1  ? 2.412   -22.555 -7.348  1.00 75.97  ? 2   DT  D O4    1 
ATOM   564 C  C5    . DT  D 4 1  ? 2.021   -21.848 -9.547  1.00 72.55  ? 2   DT  D C5    1 
ATOM   565 C  C7    . DT  D 4 1  ? 3.268   -21.020 -9.610  1.00 70.20  ? 2   DT  D C7    1 
ATOM   566 C  C6    . DT  D 4 1  ? 1.174   -21.932 -10.585 1.00 73.41  ? 2   DT  D C6    1 
ATOM   567 P  P     . DC  D 4 2  ? -4.406  -22.717 -12.752 1.00 103.03 ? 3   DC  D P     1 
ATOM   568 O  OP1   . DC  D 4 2  ? -3.903  -23.633 -11.697 1.00 95.10  ? 3   DC  D OP1   1 
ATOM   569 O  OP2   . DC  D 4 2  ? -5.486  -23.219 -13.633 1.00 108.56 ? 3   DC  D OP2   1 
ATOM   570 O  "O5'" . DC  D 4 2  ? -4.921  -21.276 -12.243 1.00 90.31  ? 3   DC  D "O5'" 1 
ATOM   571 C  "C5'" . DC  D 4 2  ? -5.042  -20.948 -10.844 1.00 87.96  ? 3   DC  D "C5'" 1 
ATOM   572 C  "C4'" . DC  D 4 2  ? -5.721  -22.048 -10.041 1.00 93.15  ? 3   DC  D "C4'" 1 
ATOM   573 O  "O4'" . DC  D 4 2  ? -4.713  -22.733 -9.254  1.00 87.43  ? 3   DC  D "O4'" 1 
ATOM   574 C  "C3'" . DC  D 4 2  ? -6.721  -21.557 -9.011  1.00 97.62  ? 3   DC  D "C3'" 1 
ATOM   575 O  "O3'" . DC  D 4 2  ? -7.576  -22.627 -8.607  1.00 101.66 ? 3   DC  D "O3'" 1 
ATOM   576 C  "C2'" . DC  D 4 2  ? -5.797  -21.139 -7.880  1.00 93.90  ? 3   DC  D "C2'" 1 
ATOM   577 C  "C1'" . DC  D 4 2  ? -4.738  -22.243 -7.922  1.00 87.38  ? 3   DC  D "C1'" 1 
ATOM   578 N  N1    . DC  D 4 2  ? -3.372  -21.760 -7.563  1.00 78.81  ? 3   DC  D N1    1 
ATOM   579 C  C2    . DC  D 4 2  ? -2.832  -22.064 -6.309  1.00 77.85  ? 3   DC  D C2    1 
ATOM   580 O  O2    . DC  D 4 2  ? -3.494  -22.743 -5.513  1.00 78.94  ? 3   DC  D O2    1 
ATOM   581 N  N3    . DC  D 4 2  ? -1.591  -21.607 -6.002  1.00 77.56  ? 3   DC  D N3    1 
ATOM   582 C  C4    . DC  D 4 2  ? -0.910  -20.879 -6.890  1.00 78.19  ? 3   DC  D C4    1 
ATOM   583 N  N4    . DC  D 4 2  ? 0.309   -20.451 -6.547  1.00 76.79  ? 3   DC  D N4    1 
ATOM   584 C  C5    . DC  D 4 2  ? -1.448  -20.556 -8.168  1.00 77.60  ? 3   DC  D C5    1 
ATOM   585 C  C6    . DC  D 4 2  ? -2.667  -21.011 -8.458  1.00 80.02  ? 3   DC  D C6    1 
ATOM   586 P  P     . DG  D 4 3  ? -8.860  -22.336 -7.681  1.00 108.45 ? 4   DG  D P     1 
ATOM   587 O  OP1   . DG  D 4 3  ? -9.683  -23.567 -7.646  1.00 104.39 ? 4   DG  D OP1   1 
ATOM   588 O  OP2   . DG  D 4 3  ? -9.456  -21.059 -8.135  1.00 108.82 ? 4   DG  D OP2   1 
ATOM   589 O  "O5'" . DG  D 4 3  ? -8.250  -22.108 -6.220  1.00 93.62  ? 4   DG  D "O5'" 1 
ATOM   590 C  "C5'" . DG  D 4 3  ? -7.809  -23.222 -5.451  1.00 94.00  ? 4   DG  D "C5'" 1 
ATOM   591 C  "C4'" . DG  D 4 3  ? -7.694  -22.849 -3.983  1.00 92.45  ? 4   DG  D "C4'" 1 
ATOM   592 O  "O4'" . DG  D 4 3  ? -6.355  -22.360 -3.704  1.00 89.44  ? 4   DG  D "O4'" 1 
ATOM   593 C  "C3'" . DG  D 4 3  ? -8.651  -21.752 -3.526  1.00 92.70  ? 4   DG  D "C3'" 1 
ATOM   594 O  "O3'" . DG  D 4 3  ? -9.137  -22.046 -2.227  1.00 94.12  ? 4   DG  D "O3'" 1 
ATOM   595 C  "C2'" . DG  D 4 3  ? -7.776  -20.500 -3.533  1.00 88.05  ? 4   DG  D "C2'" 1 
ATOM   596 C  "C1'" . DG  D 4 3  ? -6.416  -21.062 -3.149  1.00 82.63  ? 4   DG  D "C1'" 1 
ATOM   597 N  N9    . DG  D 4 3  ? -5.301  -20.287 -3.685  1.00 76.78  ? 4   DG  D N9    1 
ATOM   598 C  C8    . DG  D 4 3  ? -5.148  -19.852 -4.977  1.00 75.60  ? 4   DG  D C8    1 
ATOM   599 N  N7    . DG  D 4 3  ? -4.047  -19.182 -5.177  1.00 72.65  ? 4   DG  D N7    1 
ATOM   600 C  C5    . DG  D 4 3  ? -3.429  -19.170 -3.935  1.00 75.90  ? 4   DG  D C5    1 
ATOM   601 C  C6    . DG  D 4 3  ? -2.202  -18.589 -3.536  1.00 74.55  ? 4   DG  D C6    1 
ATOM   602 O  O6    . DG  D 4 3  ? -1.395  -17.949 -4.227  1.00 75.70  ? 4   DG  D O6    1 
ATOM   603 N  N1    . DG  D 4 3  ? -1.943  -18.808 -2.186  1.00 70.82  ? 4   DG  D N1    1 
ATOM   604 C  C2    . DG  D 4 3  ? -2.767  -19.501 -1.330  1.00 74.59  ? 4   DG  D C2    1 
ATOM   605 N  N2    . DG  D 4 3  ? -2.347  -19.608 -0.059  1.00 76.44  ? 4   DG  D N2    1 
ATOM   606 N  N3    . DG  D 4 3  ? -3.921  -20.051 -1.691  1.00 73.91  ? 4   DG  D N3    1 
ATOM   607 C  C4    . DG  D 4 3  ? -4.186  -19.846 -3.004  1.00 75.28  ? 4   DG  D C4    1 
ATOM   608 P  P     . DA  D 4 4  ? -10.274 -21.124 -1.563  1.00 106.31 ? 5   DA  D P     1 
ATOM   609 O  OP1   . DA  D 4 4  ? -11.224 -22.015 -0.857  1.00 105.04 ? 5   DA  D OP1   1 
ATOM   610 O  OP2   . DA  D 4 4  ? -10.775 -20.196 -2.603  1.00 97.46  ? 5   DA  D OP2   1 
ATOM   611 O  "O5'" . DA  D 4 4  ? -9.476  -20.269 -0.474  1.00 93.71  ? 5   DA  D "O5'" 1 
ATOM   612 C  "C5'" . DA  D 4 4  ? -8.713  -20.934 0.526   1.00 91.33  ? 5   DA  D "C5'" 1 
ATOM   613 C  "C4'" . DA  D 4 4  ? -7.827  -19.952 1.264   1.00 88.38  ? 5   DA  D "C4'" 1 
ATOM   614 O  "O4'" . DA  D 4 4  ? -6.779  -19.488 0.375   1.00 86.34  ? 5   DA  D "O4'" 1 
ATOM   615 C  "C3'" . DA  D 4 4  ? -8.549  -18.702 1.773   1.00 83.42  ? 5   DA  D "C3'" 1 
ATOM   616 O  "O3'" . DA  D 4 4  ? -8.228  -18.464 3.131   1.00 84.36  ? 5   DA  D "O3'" 1 
ATOM   617 C  "C2'" . DA  D 4 4  ? -8.026  -17.586 0.873   1.00 81.92  ? 5   DA  D "C2'" 1 
ATOM   618 C  "C1'" . DA  D 4 4  ? -6.643  -18.097 0.508   1.00 78.34  ? 5   DA  D "C1'" 1 
ATOM   619 N  N9    . DA  D 4 4  ? -6.149  -17.550 -0.749  1.00 72.60  ? 5   DA  D N9    1 
ATOM   620 C  C8    . DA  D 4 4  ? -6.760  -17.615 -1.969  1.00 74.05  ? 5   DA  D C8    1 
ATOM   621 N  N7    . DA  D 4 4  ? -6.091  -17.019 -2.926  1.00 73.31  ? 5   DA  D N7    1 
ATOM   622 C  C5    . DA  D 4 4  ? -4.967  -16.524 -2.287  1.00 70.28  ? 5   DA  D C5    1 
ATOM   623 C  C6    . DA  D 4 4  ? -3.860  -15.788 -2.750  1.00 71.04  ? 5   DA  D C6    1 
ATOM   624 N  N6    . DA  D 4 4  ? -3.707  -15.413 -4.025  1.00 73.40  ? 5   DA  D N6    1 
ATOM   625 N  N1    . DA  D 4 4  ? -2.912  -15.452 -1.850  1.00 67.75  ? 5   DA  D N1    1 
ATOM   626 C  C2    . DA  D 4 4  ? -3.070  -15.828 -0.576  1.00 68.42  ? 5   DA  D C2    1 
ATOM   627 N  N3    . DA  D 4 4  ? -4.066  -16.520 -0.025  1.00 70.10  ? 5   DA  D N3    1 
ATOM   628 C  C4    . DA  D 4 4  ? -4.990  -16.839 -0.944  1.00 69.77  ? 5   DA  D C4    1 
ATOM   629 P  P     . DG  D 4 5  ? -9.346  -17.881 4.126   1.00 98.79  ? 6   DG  D P     1 
ATOM   630 O  OP1   . DG  D 4 5  ? -9.846  -19.005 4.951   1.00 93.86  ? 6   DG  D OP1   1 
ATOM   631 O  OP2   . DG  D 4 5  ? -10.294 -17.090 3.311   1.00 86.61  ? 6   DG  D OP2   1 
ATOM   632 O  "O5'" . DG  D 4 5  ? -8.537  -16.873 5.071   1.00 91.68  ? 6   DG  D "O5'" 1 
ATOM   633 C  "C5'" . DG  D 4 5  ? -8.485  -15.485 4.756   1.00 83.39  ? 6   DG  D "C5'" 1 
ATOM   634 C  "C4'" . DG  D 4 5  ? -7.051  -15.019 4.584   1.00 80.48  ? 6   DG  D "C4'" 1 
ATOM   635 O  "O4'" . DG  D 4 5  ? -6.623  -15.291 3.240   1.00 78.54  ? 6   DG  D "O4'" 1 
ATOM   636 C  "C3'" . DG  D 4 5  ? -6.847  -13.525 4.758   1.00 78.69  ? 6   DG  D "C3'" 1 
ATOM   637 O  "O3'" . DG  D 4 5  ? -6.564  -13.235 6.118   1.00 77.80  ? 6   DG  D "O3'" 1 
ATOM   638 C  "C2'" . DG  D 4 5  ? -5.644  -13.212 3.859   1.00 72.60  ? 6   DG  D "C2'" 1 
ATOM   639 C  "C1'" . DG  D 4 5  ? -5.577  -14.408 2.903   1.00 70.22  ? 6   DG  D "C1'" 1 
ATOM   640 N  N9    . DG  D 4 5  ? -5.703  -14.060 1.489   1.00 66.41  ? 6   DG  D N9    1 
ATOM   641 C  C8    . DG  D 4 5  ? -6.689  -14.465 0.620   1.00 69.48  ? 6   DG  D C8    1 
ATOM   642 N  N7    . DG  D 4 5  ? -6.534  -14.012 -0.594  1.00 65.49  ? 6   DG  D N7    1 
ATOM   643 C  C5    . DG  D 4 5  ? -5.370  -13.260 -0.527  1.00 64.49  ? 6   DG  D C5    1 
ATOM   644 C  C6    . DG  D 4 5  ? -4.702  -12.526 -1.533  1.00 66.11  ? 6   DG  D C6    1 
ATOM   645 O  O6    . DG  D 4 5  ? -5.020  -12.390 -2.725  1.00 68.28  ? 6   DG  D O6    1 
ATOM   646 N  N1    . DG  D 4 5  ? -3.552  -11.909 -1.042  1.00 65.68  ? 6   DG  D N1    1 
ATOM   647 C  C2    . DG  D 4 5  ? -3.108  -11.992 0.258   1.00 65.62  ? 6   DG  D C2    1 
ATOM   648 N  N2    . DG  D 4 5  ? -1.976  -11.329 0.546   1.00 67.77  ? 6   DG  D N2    1 
ATOM   649 N  N3    . DG  D 4 5  ? -3.725  -12.676 1.210   1.00 64.75  ? 6   DG  D N3    1 
ATOM   650 C  C4    . DG  D 4 5  ? -4.845  -13.282 0.749   1.00 65.99  ? 6   DG  D C4    1 
ATOM   651 P  P     . DT  D 4 6  ? -7.049  -11.846 6.761   1.00 89.17  ? 7   DT  D P     1 
ATOM   652 O  OP1   . DT  D 4 6  ? -6.957  -11.983 8.232   1.00 90.97  ? 7   DT  D OP1   1 
ATOM   653 O  OP2   . DT  D 4 6  ? -8.340  -11.491 6.128   1.00 80.22  ? 7   DT  D OP2   1 
ATOM   654 O  "O5'" . DT  D 4 6  ? -5.954  -10.790 6.257   1.00 78.92  ? 7   DT  D "O5'" 1 
ATOM   655 C  "C5'" . DT  D 4 6  ? -4.577  -11.011 6.539   1.00 78.70  ? 7   DT  D "C5'" 1 
ATOM   656 C  "C4'" . DT  D 4 6  ? -3.707  -10.001 5.815   1.00 72.50  ? 7   DT  D "C4'" 1 
ATOM   657 O  "O4'" . DT  D 4 6  ? -3.779  -10.234 4.385   1.00 73.44  ? 7   DT  D "O4'" 1 
ATOM   658 C  "C3'" . DT  D 4 6  ? -4.098  -8.535  6.032   1.00 63.00  ? 7   DT  D "C3'" 1 
ATOM   659 O  "O3'" . DT  D 4 6  ? -2.941  -7.765  6.349   1.00 57.04  ? 7   DT  D "O3'" 1 
ATOM   660 C  "C2'" . DT  D 4 6  ? -4.698  -8.123  4.686   1.00 63.03  ? 7   DT  D "C2'" 1 
ATOM   661 C  "C1'" . DT  D 4 6  ? -3.913  -9.002  3.729   1.00 61.70  ? 7   DT  D "C1'" 1 
ATOM   662 N  N1    . DT  D 4 6  ? -4.587  -9.231  2.423   1.00 59.83  ? 7   DT  D N1    1 
ATOM   663 C  C2    . DT  D 4 6  ? -4.051  -8.670  1.289   1.00 63.24  ? 7   DT  D C2    1 
ATOM   664 O  O2    . DT  D 4 6  ? -3.046  -7.980  1.297   1.00 64.39  ? 7   DT  D O2    1 
ATOM   665 N  N3    . DT  D 4 6  ? -4.740  -8.942  0.135   1.00 61.34  ? 7   DT  D N3    1 
ATOM   666 C  C4    . DT  D 4 6  ? -5.884  -9.707  0.009   1.00 63.97  ? 7   DT  D C4    1 
ATOM   667 O  O4    . DT  D 4 6  ? -6.434  -9.896  -1.073  1.00 63.25  ? 7   DT  D O4    1 
ATOM   668 C  C5    . DT  D 4 6  ? -6.392  -10.268 1.238   1.00 61.39  ? 7   DT  D C5    1 
ATOM   669 C  C7    . DT  D 4 6  ? -7.627  -11.117 1.225   1.00 61.44  ? 7   DT  D C7    1 
ATOM   670 C  C6    . DT  D 4 6  ? -5.726  -10.008 2.372   1.00 61.69  ? 7   DT  D C6    1 
ATOM   671 P  P     . DC  D 4 7  ? -3.086  -6.229  6.800   1.00 65.44  ? 8   DC  D P     1 
ATOM   672 O  OP1   . DC  D 4 7  ? -1.911  -5.902  7.638   1.00 57.46  ? 8   DC  D OP1   1 
ATOM   673 O  OP2   . DC  D 4 7  ? -4.450  -6.042  7.338   1.00 63.70  ? 8   DC  D OP2   1 
ATOM   674 O  "O5'" . DC  D 4 7  ? -2.993  -5.412  5.428   1.00 64.79  ? 8   DC  D "O5'" 1 
ATOM   675 C  "C5'" . DC  D 4 7  ? -1.879  -5.606  4.566   1.00 64.02  ? 8   DC  D "C5'" 1 
ATOM   676 C  "C4'" . DC  D 4 7  ? -1.869  -4.585  3.438   1.00 63.85  ? 8   DC  D "C4'" 1 
ATOM   677 O  "O4'" . DC  D 4 7  ? -2.585  -5.107  2.284   1.00 62.64  ? 8   DC  D "O4'" 1 
ATOM   678 C  "C3'" . DC  D 4 7  ? -2.517  -3.242  3.759   1.00 57.85  ? 8   DC  D "C3'" 1 
ATOM   679 O  "O3'" . DC  D 4 7  ? -1.797  -2.212  3.102   1.00 56.36  ? 8   DC  D "O3'" 1 
ATOM   680 C  "C2'" . DC  D 4 7  ? -3.918  -3.404  3.172   1.00 58.84  ? 8   DC  D "C2'" 1 
ATOM   681 C  "C1'" . DC  D 4 7  ? -3.614  -4.209  1.919   1.00 58.10  ? 8   DC  D "C1'" 1 
ATOM   682 N  N1    . DC  D 4 7  ? -4.765  -5.009  1.408   1.00 54.96  ? 8   DC  D N1    1 
ATOM   683 C  C2    . DC  D 4 7  ? -5.049  -5.013  0.039   1.00 57.72  ? 8   DC  D C2    1 
ATOM   684 O  O2    . DC  D 4 7  ? -4.348  -4.339  -0.725  1.00 58.97  ? 8   DC  D O2    1 
ATOM   685 N  N3    . DC  D 4 7  ? -6.091  -5.756  -0.414  1.00 58.93  ? 8   DC  D N3    1 
ATOM   686 C  C4    . DC  D 4 7  ? -6.823  -6.470  0.444   1.00 60.96  ? 8   DC  D C4    1 
ATOM   687 N  N4    . DC  D 4 7  ? -7.841  -7.185  -0.047  1.00 64.25  ? 8   DC  D N4    1 
ATOM   688 C  C5    . DC  D 4 7  ? -6.545  -6.482  1.842   1.00 55.72  ? 8   DC  D C5    1 
ATOM   689 C  C6    . DC  D 4 7  ? -5.515  -5.746  2.276   1.00 56.08  ? 8   DC  D C6    1 
ATOM   690 P  P     . DA  D 4 8  ? -1.743  -0.734  3.723   1.00 58.57  ? 9   DA  D P     1 
ATOM   691 O  OP1   . DA  D 4 8  ? -0.320  -0.370  3.894   1.00 58.09  ? 9   DA  D OP1   1 
ATOM   692 O  OP2   . DA  D 4 8  ? -2.663  -0.702  4.880   1.00 60.47  ? 9   DA  D OP2   1 
ATOM   693 O  "O5'" . DA  D 4 8  ? -2.370  0.183   2.572   1.00 60.74  ? 9   DA  D "O5'" 1 
ATOM   694 C  "C5'" . DA  D 4 8  ? -1.701  0.313   1.329   1.00 59.35  ? 9   DA  D "C5'" 1 
ATOM   695 C  "C4'" . DA  D 4 8  ? -2.692  0.586   0.212   1.00 63.34  ? 9   DA  D "C4'" 1 
ATOM   696 O  "O4'" . DA  D 4 8  ? -3.611  -0.525  0.098   1.00 63.16  ? 9   DA  D "O4'" 1 
ATOM   697 C  "C3'" . DA  D 4 8  ? -3.562  1.837   0.404   1.00 59.82  ? 9   DA  D "C3'" 1 
ATOM   698 O  "O3'" . DA  D 4 8  ? -3.445  2.688   -0.721  1.00 56.35  ? 9   DA  D "O3'" 1 
ATOM   699 C  "C2'" . DA  D 4 8  ? -4.985  1.285   0.533   1.00 59.54  ? 9   DA  D "C2'" 1 
ATOM   700 C  "C1'" . DA  D 4 8  ? -4.874  -0.020  -0.232  1.00 56.94  ? 9   DA  D "C1'" 1 
ATOM   701 N  N9    . DA  D 4 8  ? -5.881  -0.998  0.148   1.00 52.18  ? 9   DA  D N9    1 
ATOM   702 C  C8    . DA  D 4 8  ? -6.172  -1.428  1.410   1.00 59.03  ? 9   DA  D C8    1 
ATOM   703 N  N7    . DA  D 4 8  ? -7.136  -2.316  1.457   1.00 58.09  ? 9   DA  D N7    1 
ATOM   704 C  C5    . DA  D 4 8  ? -7.501  -2.477  0.133   1.00 51.33  ? 9   DA  D C5    1 
ATOM   705 C  C6    . DA  D 4 8  ? -8.468  -3.285  -0.487  1.00 51.17  ? 9   DA  D C6    1 
ATOM   706 N  N6    . DA  D 4 8  ? -9.272  -4.110  0.187   1.00 59.20  ? 9   DA  D N6    1 
ATOM   707 N  N1    . DA  D 4 8  ? -8.580  -3.209  -1.829  1.00 50.74  ? 9   DA  D N1    1 
ATOM   708 C  C2    . DA  D 4 8  ? -7.770  -2.380  -2.498  1.00 54.68  ? 9   DA  D C2    1 
ATOM   709 N  N3    . DA  D 4 8  ? -6.822  -1.573  -2.023  1.00 55.51  ? 9   DA  D N3    1 
ATOM   710 C  C4    . DA  D 4 8  ? -6.739  -1.671  -0.687  1.00 50.53  ? 9   DA  D C4    1 
ATOM   711 P  P     . DG  D 4 9  ? -2.289  3.801   -0.756  1.00 67.60  ? 10  DG  D P     1 
ATOM   712 O  OP1   . DG  D 4 9  ? -1.609  3.705   -2.067  1.00 67.17  ? 10  DG  D OP1   1 
ATOM   713 O  OP2   . DG  D 4 9  ? -1.525  3.654   0.503   1.00 57.45  ? 10  DG  D OP2   1 
ATOM   714 O  "O5'" . DG  D 4 9  ? -3.072  5.197   -0.708  1.00 68.44  ? 10  DG  D "O5'" 1 
ATOM   715 C  "C5'" . DG  D 4 9  ? -4.087  5.412   0.258   1.00 62.05  ? 10  DG  D "C5'" 1 
ATOM   716 C  "C4'" . DG  D 4 9  ? -3.856  6.703   1.024   1.00 62.75  ? 10  DG  D "C4'" 1 
ATOM   717 O  "O4'" . DG  D 4 9  ? -3.632  6.386   2.412   1.00 58.10  ? 10  DG  D "O4'" 1 
ATOM   718 C  "C3'" . DG  D 4 9  ? -2.641  7.508   0.588   1.00 62.10  ? 10  DG  D "C3'" 1 
ATOM   719 O  "O3'" . DG  D 4 9  ? -3.021  8.448   -0.410  1.00 63.01  ? 10  DG  D "O3'" 1 
ATOM   720 C  "C2'" . DG  D 4 9  ? -2.221  8.219   1.872   1.00 60.27  ? 10  DG  D "C2'" 1 
ATOM   721 C  "C1'" . DG  D 4 9  ? -2.691  7.273   2.972   1.00 54.20  ? 10  DG  D "C1'" 1 
ATOM   722 N  N9    . DG  D 4 9  ? -1.631  6.482   3.575   1.00 51.56  ? 10  DG  D N9    1 
ATOM   723 C  C8    . DG  D 4 9  ? -1.500  5.117   3.533   1.00 57.07  ? 10  DG  D C8    1 
ATOM   724 N  N7    . DG  D 4 9  ? -0.460  4.677   4.181   1.00 55.34  ? 10  DG  D N7    1 
ATOM   725 C  C5    . DG  D 4 9  ? 0.135   5.824   4.685   1.00 52.96  ? 10  DG  D C5    1 
ATOM   726 C  C6    . DG  D 4 9  ? 1.299   5.973   5.470   1.00 56.21  ? 10  DG  D C6    1 
ATOM   727 O  O6    . DG  D 4 9  ? 2.060   5.090   5.887   1.00 55.01  ? 10  DG  D O6    1 
ATOM   728 N  N1    . DG  D 4 9  ? 1.552   7.309   5.766   1.00 58.87  ? 10  DG  D N1    1 
ATOM   729 C  C2    . DG  D 4 9  ? 0.775   8.365   5.356   1.00 63.22  ? 10  DG  D C2    1 
ATOM   730 N  N2    . DG  D 4 9  ? 1.177   9.588   5.742   1.00 70.21  ? 10  DG  D N2    1 
ATOM   731 N  N3    . DG  D 4 9  ? -0.321  8.238   4.618   1.00 54.98  ? 10  DG  D N3    1 
ATOM   732 C  C4    . DG  D 4 9  ? -0.577  6.943   4.323   1.00 52.43  ? 10  DG  D C4    1 
ATOM   733 P  P     . DT  D 4 10 ? -1.908  9.116   -1.354  1.00 64.25  ? 11  DT  D P     1 
ATOM   734 O  OP1   . DT  D 4 10 ? -2.610  9.996   -2.314  1.00 49.23  ? 11  DT  D OP1   1 
ATOM   735 O  OP2   . DT  D 4 10 ? -1.041  8.024   -1.844  1.00 66.21  ? 11  DT  D OP2   1 
ATOM   736 O  "O5'" . DT  D 4 10 ? -1.036  10.017  -0.359  1.00 51.81  ? 11  DT  D "O5'" 1 
ATOM   737 C  "C5'" . DT  D 4 10 ? -1.566  11.237  0.139   1.00 56.44  ? 11  DT  D "C5'" 1 
ATOM   738 C  "C4'" . DT  D 4 10 ? -0.567  11.916  1.054   1.00 60.64  ? 11  DT  D "C4'" 1 
ATOM   739 O  "O4'" . DT  D 4 10 ? -0.022  10.939  1.975   1.00 62.99  ? 11  DT  D "O4'" 1 
ATOM   740 C  "C3'" . DT  D 4 10 ? 0.633   12.535  0.346   1.00 65.97  ? 11  DT  D "C3'" 1 
ATOM   741 O  "O3'" . DT  D 4 10 ? 1.026   13.723  1.012   1.00 66.44  ? 11  DT  D "O3'" 1 
ATOM   742 C  "C2'" . DT  D 4 10 ? 1.697   11.448  0.468   1.00 71.34  ? 11  DT  D "C2'" 1 
ATOM   743 C  "C1'" . DT  D 4 10 ? 1.381   10.882  1.840   1.00 60.40  ? 11  DT  D "C1'" 1 
ATOM   744 N  N1    . DT  D 4 10 ? 1.802   9.475   2.017   1.00 55.28  ? 11  DT  D N1    1 
ATOM   745 C  C2    . DT  D 4 10 ? 2.836   9.191   2.873   1.00 62.16  ? 11  DT  D C2    1 
ATOM   746 O  O2    . DT  D 4 10 ? 3.440   10.047  3.496   1.00 67.70  ? 11  DT  D O2    1 
ATOM   747 N  N3    . DT  D 4 10 ? 3.144   7.863   2.977   1.00 60.18  ? 11  DT  D N3    1 
ATOM   748 C  C4    . DT  D 4 10 ? 2.529   6.813   2.324   1.00 57.43  ? 11  DT  D C4    1 
ATOM   749 O  O4    . DT  D 4 10 ? 2.879   5.650   2.480   1.00 57.62  ? 11  DT  D O4    1 
ATOM   750 C  C5    . DT  D 4 10 ? 1.450   7.180   1.442   1.00 56.57  ? 11  DT  D C5    1 
ATOM   751 C  C7    . DT  D 4 10 ? 0.709   6.123   0.679   1.00 57.28  ? 11  DT  D C7    1 
ATOM   752 C  C6    . DT  D 4 10 ? 1.141   8.479   1.332   1.00 55.12  ? 11  DT  D C6    1 
ATOM   753 P  P     . DG  D 4 11 ? 2.186   14.644  0.390   1.00 80.63  ? 12  DG  D P     1 
ATOM   754 O  OP1   . DG  D 4 11 ? 1.784   16.058  0.573   1.00 75.88  ? 12  DG  D OP1   1 
ATOM   755 O  OP2   . DG  D 4 11 ? 2.488   14.134  -0.967  1.00 76.25  ? 12  DG  D OP2   1 
ATOM   756 O  "O5'" . DG  D 4 11 ? 3.454   14.340  1.316   1.00 74.13  ? 12  DG  D "O5'" 1 
ATOM   757 C  "C5'" . DG  D 4 11 ? 3.422   14.683  2.690   1.00 72.40  ? 12  DG  D "C5'" 1 
ATOM   758 C  "C4'" . DG  D 4 11 ? 4.745   14.360  3.360   1.00 76.62  ? 12  DG  D "C4'" 1 
ATOM   759 O  "O4'" . DG  D 4 11 ? 4.922   12.921  3.428   1.00 74.28  ? 12  DG  D "O4'" 1 
ATOM   760 C  "C3'" . DG  D 4 11 ? 5.985   14.913  2.655   1.00 77.87  ? 12  DG  D "C3'" 1 
ATOM   761 O  "O3'" . DG  D 4 11 ? 6.873   15.472  3.618   1.00 84.94  ? 12  DG  D "O3'" 1 
ATOM   762 C  "C2'" . DG  D 4 11 ? 6.584   13.678  1.976   1.00 75.87  ? 12  DG  D "C2'" 1 
ATOM   763 C  "C1'" . DG  D 4 11 ? 6.203   12.579  2.954   1.00 73.63  ? 12  DG  D "C1'" 1 
ATOM   764 N  N9    . DG  D 4 11 ? 6.116   11.253  2.351   1.00 69.62  ? 12  DG  D N9    1 
ATOM   765 C  C8    . DG  D 4 11 ? 5.298   10.868  1.317   1.00 69.76  ? 12  DG  D C8    1 
ATOM   766 N  N7    . DG  D 4 11 ? 5.422   9.610   0.996   1.00 65.79  ? 12  DG  D N7    1 
ATOM   767 C  C5    . DG  D 4 11 ? 6.378   9.128   1.877   1.00 64.18  ? 12  DG  D C5    1 
ATOM   768 C  C6    . DG  D 4 11 ? 6.921   7.830   2.005   1.00 66.31  ? 12  DG  D C6    1 
ATOM   769 O  O6    . DG  D 4 11 ? 6.656   6.818   1.341   1.00 67.84  ? 12  DG  D O6    1 
ATOM   770 N  N1    . DG  D 4 11 ? 7.866   7.765   3.026   1.00 65.24  ? 12  DG  D N1    1 
ATOM   771 C  C2    . DG  D 4 11 ? 8.242   8.824   3.816   1.00 67.07  ? 12  DG  D C2    1 
ATOM   772 N  N2    . DG  D 4 11 ? 9.169   8.566   4.753   1.00 67.00  ? 12  DG  D N2    1 
ATOM   773 N  N3    . DG  D 4 11 ? 7.735   10.048  3.709   1.00 65.14  ? 12  DG  D N3    1 
ATOM   774 C  C4    . DG  D 4 11 ? 6.813   10.125  2.721   1.00 65.30  ? 12  DG  D C4    1 
ATOM   775 P  P     . DT  D 4 12 ? 8.232   16.197  3.160   1.00 92.10  ? 13  DT  D P     1 
ATOM   776 O  OP1   . DT  D 4 12 ? 8.504   17.280  4.131   1.00 83.82  ? 13  DT  D OP1   1 
ATOM   777 O  OP2   . DT  D 4 12 ? 8.117   16.515  1.715   1.00 82.38  ? 13  DT  D OP2   1 
ATOM   778 O  "O5'" . DT  D 4 12 ? 9.347   15.062  3.345   1.00 82.11  ? 13  DT  D "O5'" 1 
ATOM   779 C  "C5'" . DT  D 4 12 ? 9.481   14.407  4.599   1.00 78.43  ? 13  DT  D "C5'" 1 
ATOM   780 C  "C4'" . DT  D 4 12 ? 10.695  13.494  4.614   1.00 86.30  ? 13  DT  D "C4'" 1 
ATOM   781 O  "O4'" . DT  D 4 12 ? 10.346  12.198  4.054   1.00 85.67  ? 13  DT  D "O4'" 1 
ATOM   782 C  "C3'" . DT  D 4 12 ? 11.897  13.992  3.807   1.00 86.28  ? 13  DT  D "C3'" 1 
ATOM   783 O  "O3'" . DT  D 4 12 ? 13.100  13.692  4.504   1.00 91.34  ? 13  DT  D "O3'" 1 
ATOM   784 C  "C2'" . DT  D 4 12 ? 11.789  13.180  2.522   1.00 80.83  ? 13  DT  D "C2'" 1 
ATOM   785 C  "C1'" . DT  D 4 12 ? 11.298  11.854  3.074   1.00 77.35  ? 13  DT  D "C1'" 1 
ATOM   786 N  N1    . DT  D 4 12 ? 10.646  10.977  2.061   1.00 72.41  ? 13  DT  D N1    1 
ATOM   787 C  C2    . DT  D 4 12 ? 10.953  9.635   2.039   1.00 71.90  ? 13  DT  D C2    1 
ATOM   788 O  O2    . DT  D 4 12 ? 11.739  9.116   2.817   1.00 75.32  ? 13  DT  D O2    1 
ATOM   789 N  N3    . DT  D 4 12 ? 10.304  8.914   1.073   1.00 66.47  ? 13  DT  D N3    1 
ATOM   790 C  C4    . DT  D 4 12 ? 9.398   9.391   0.144   1.00 68.10  ? 13  DT  D C4    1 
ATOM   791 O  O4    . DT  D 4 12 ? 8.867   8.661   -0.689  1.00 66.71  ? 13  DT  D O4    1 
ATOM   792 C  C5    . DT  D 4 12 ? 9.121   10.807  0.220   1.00 68.06  ? 13  DT  D C5    1 
ATOM   793 C  C7    . DT  D 4 12 ? 8.155   11.438  -0.737  1.00 64.28  ? 13  DT  D C7    1 
ATOM   794 C  C6    . DT  D 4 12 ? 9.751   11.523  1.164   1.00 71.69  ? 13  DT  D C6    1 
ATOM   795 P  P     . DC  D 4 13 ? 14.345  14.707  4.446   1.00 100.14 ? 14  DC  D P     1 
ATOM   796 O  OP1   . DC  D 4 13 ? 15.312  14.282  5.487   1.00 90.49  ? 14  DC  D OP1   1 
ATOM   797 O  OP2   . DC  D 4 13 ? 13.798  16.082  4.461   1.00 93.05  ? 14  DC  D OP2   1 
ATOM   798 O  "O5'" . DC  D 4 13 ? 14.986  14.458  3.000   1.00 93.14  ? 14  DC  D "O5'" 1 
ATOM   799 C  "C5'" . DC  D 4 13 ? 16.322  13.972  2.882   1.00 92.49  ? 14  DC  D "C5'" 1 
ATOM   800 C  "C4'" . DC  D 4 13 ? 16.367  12.467  3.080   1.00 94.20  ? 14  DC  D "C4'" 1 
ATOM   801 O  "O4'" . DC  D 4 13 ? 15.133  11.897  2.617   1.00 91.89  ? 14  DC  D "O4'" 1 
ATOM   802 C  "C3'" . DC  D 4 13 ? 17.463  11.755  2.303   1.00 90.87  ? 14  DC  D "C3'" 1 
ATOM   803 O  "O3'" . DC  D 4 13 ? 18.613  11.604  3.129   1.00 94.12  ? 14  DC  D "O3'" 1 
ATOM   804 C  "C2'" . DC  D 4 13 ? 16.849  10.393  1.942   1.00 85.20  ? 14  DC  D "C2'" 1 
ATOM   805 C  "C1'" . DC  D 4 13 ? 15.348  10.575  2.185   1.00 85.08  ? 14  DC  D "C1'" 1 
ATOM   806 N  N1    . DC  D 4 13 ? 14.474  10.335  0.989   1.00 76.45  ? 14  DC  D N1    1 
ATOM   807 C  C2    . DC  D 4 13 ? 14.320  9.041   0.469   1.00 72.41  ? 14  DC  D C2    1 
ATOM   808 O  O2    . DC  D 4 13 ? 14.945  8.103   0.979   1.00 74.43  ? 14  DC  D O2    1 
ATOM   809 N  N3    . DC  D 4 13 ? 13.495  8.857   -0.595  1.00 70.10  ? 14  DC  D N3    1 
ATOM   810 C  C4    . DC  D 4 13 ? 12.834  9.896   -1.120  1.00 74.78  ? 14  DC  D C4    1 
ATOM   811 N  N4    . DC  D 4 13 ? 12.033  9.668   -2.166  1.00 71.76  ? 14  DC  D N4    1 
ATOM   812 C  C5    . DC  D 4 13 ? 12.969  11.213  -0.594  1.00 73.92  ? 14  DC  D C5    1 
ATOM   813 C  C6    . DC  D 4 13 ? 13.785  11.383  0.450   1.00 77.00  ? 14  DC  D C6    1 
ATOM   814 P  P     . DG  D 4 14 ? 19.942  10.905  2.558   1.00 99.20  ? 15  DG  D P     1 
ATOM   815 O  OP1   . DG  D 4 14 ? 21.085  11.454  3.319   1.00 96.15  ? 15  DG  D OP1   1 
ATOM   816 O  OP2   . DG  D 4 14 ? 19.912  11.014  1.083   1.00 91.25  ? 15  DG  D OP2   1 
ATOM   817 O  "O5'" . DG  D 4 14 ? 19.779  9.365   2.968   1.00 91.90  ? 15  DG  D "O5'" 1 
ATOM   818 C  "C5'" . DG  D 4 14 ? 20.852  8.450   2.750   1.00 89.84  ? 15  DG  D "C5'" 1 
ATOM   819 C  "C4'" . DG  D 4 14 ? 20.631  7.644   1.481   1.00 90.82  ? 15  DG  D "C4'" 1 
ATOM   820 O  "O4'" . DG  D 4 14 ? 19.290  7.856   1.004   1.00 88.06  ? 15  DG  D "O4'" 1 
ATOM   821 C  "C3'" . DG  D 4 14 ? 21.506  8.041   0.303   1.00 93.06  ? 15  DG  D "C3'" 1 
ATOM   822 O  "O3'" . DG  D 4 14 ? 22.808  7.369   0.330   1.00 92.48  ? 15  DG  D "O3'" 1 
ATOM   823 C  "C2'" . DG  D 4 14 ? 20.666  7.649   -0.917  1.00 87.58  ? 15  DG  D "C2'" 1 
ATOM   824 C  "C1'" . DG  D 4 14 ? 19.243  7.498   -0.359  1.00 84.85  ? 15  DG  D "C1'" 1 
ATOM   825 N  N9    . DG  D 4 14 ? 18.267  8.340   -1.047  1.00 77.80  ? 15  DG  D N9    1 
ATOM   826 C  C8    . DG  D 4 14 ? 18.106  9.697   -0.919  1.00 77.77  ? 15  DG  D C8    1 
ATOM   827 N  N7    . DG  D 4 14 ? 17.159  10.184  -1.671  1.00 73.87  ? 15  DG  D N7    1 
ATOM   828 C  C5    . DG  D 4 14 ? 16.667  9.082   -2.354  1.00 70.73  ? 15  DG  D C5    1 
ATOM   829 C  C6    . DG  D 4 14 ? 15.631  8.992   -3.312  1.00 69.62  ? 15  DG  D C6    1 
ATOM   830 O  O6    . DG  D 4 14 ? 14.921  9.903   -3.762  1.00 67.21  ? 15  DG  D O6    1 
ATOM   831 N  N1    . DG  D 4 14 ? 15.452  7.684   -3.756  1.00 69.39  ? 15  DG  D N1    1 
ATOM   832 C  C2    . DG  D 4 14 ? 16.183  6.599   -3.326  1.00 71.46  ? 15  DG  D C2    1 
ATOM   833 N  N2    . DG  D 4 14 ? 15.864  5.414   -3.870  1.00 71.63  ? 15  DG  D N2    1 
ATOM   834 N  N3    . DG  D 4 14 ? 17.157  6.670   -2.426  1.00 70.43  ? 15  DG  D N3    1 
ATOM   835 C  C4    . DG  D 4 14 ? 17.342  7.937   -1.986  1.00 72.75  ? 15  DG  D C4    1 
ATOM   836 P  P     . DT  D 4 15 ? 22.983  5.767   0.461   1.00 103.09 ? 16  DT  D P     1 
ATOM   837 O  OP1   . DT  D 4 15 ? 22.432  5.277   1.744   1.00 111.14 ? 16  DT  D OP1   1 
ATOM   838 O  OP2   . DT  D 4 15 ? 24.406  5.501   0.163   1.00 97.11  ? 16  DT  D OP2   1 
ATOM   839 O  "O5'" . DT  D 4 15 ? 22.151  5.141   -0.752  1.00 90.93  ? 16  DT  D "O5'" 1 
ATOM   840 C  "C5'" . DT  D 4 15 ? 22.763  4.968   -2.019  1.00 87.34  ? 16  DT  D "C5'" 1 
ATOM   841 C  "C4'" . DT  D 4 15 ? 21.866  4.162   -2.938  1.00 85.05  ? 16  DT  D "C4'" 1 
ATOM   842 O  "O4'" . DT  D 4 15 ? 20.646  4.908   -3.201  1.00 84.60  ? 16  DT  D "O4'" 1 
ATOM   843 C  "C3'" . DT  D 4 15 ? 22.465  3.842   -4.305  1.00 86.96  ? 16  DT  D "C3'" 1 
ATOM   844 O  "O3'" . DT  D 4 15 ? 22.085  2.532   -4.707  1.00 93.05  ? 16  DT  D "O3'" 1 
ATOM   845 C  "C2'" . DT  D 4 15 ? 21.845  4.907   -5.203  1.00 82.08  ? 16  DT  D "C2'" 1 
ATOM   846 C  "C1'" . DT  D 4 15 ? 20.461  5.036   -4.593  1.00 80.08  ? 16  DT  D "C1'" 1 
ATOM   847 N  N1    . DT  D 4 15 ? 19.807  6.344   -4.869  1.00 74.82  ? 16  DT  D N1    1 
ATOM   848 C  C2    . DT  D 4 15 ? 18.780  6.402   -5.778  1.00 73.79  ? 16  DT  D C2    1 
ATOM   849 O  O2    . DT  D 4 15 ? 18.366  5.426   -6.380  1.00 77.53  ? 16  DT  D O2    1 
ATOM   850 N  N3    . DT  D 4 15 ? 18.245  7.650   -5.959  1.00 70.27  ? 16  DT  D N3    1 
ATOM   851 C  C4    . DT  D 4 15 ? 18.631  8.823   -5.335  1.00 69.69  ? 16  DT  D C4    1 
ATOM   852 O  O4    . DT  D 4 15 ? 18.089  9.899   -5.565  1.00 69.87  ? 16  DT  D O4    1 
ATOM   853 C  C5    . DT  D 4 15 ? 19.712  8.690   -4.392  1.00 70.87  ? 16  DT  D C5    1 
ATOM   854 C  C7    . DT  D 4 15 ? 20.219  9.894   -3.657  1.00 73.50  ? 16  DT  D C7    1 
ATOM   855 C  C6    . DT  D 4 15 ? 20.244  7.472   -4.210  1.00 73.98  ? 16  DT  D C6    1 
HETATM 856 AS AS    . CAC E 5 .  ? -9.847  -4.052  4.473   1.00 118.76 ? 101 CAC C AS    1 
HETATM 857 AS AS    . CAC F 5 .  ? -14.819 5.349   0.560   1.00 152.11 ? 102 CAC C AS    1 
# 
loop_
_pdbx_poly_seq_scheme.asym_id 
_pdbx_poly_seq_scheme.entity_id 
_pdbx_poly_seq_scheme.seq_id 
_pdbx_poly_seq_scheme.mon_id 
_pdbx_poly_seq_scheme.ndb_seq_num 
_pdbx_poly_seq_scheme.pdb_seq_num 
_pdbx_poly_seq_scheme.auth_seq_num 
_pdbx_poly_seq_scheme.pdb_mon_id 
_pdbx_poly_seq_scheme.auth_mon_id 
_pdbx_poly_seq_scheme.pdb_strand_id 
_pdbx_poly_seq_scheme.pdb_ins_code 
_pdbx_poly_seq_scheme.hetero 
A 1 1  DG 1  1  1  DG DG A . n 
A 1 2  DA 2  2  2  DA DA A . n 
A 1 3  DA 3  3  3  DA DA A . n 
A 1 4  DC 4  4  4  DC DC A . n 
A 1 5  DG 5  5  5  DG DG A . n 
A 1 6  DA 6  6  6  DA DA A . n 
A 1 7  DC 7  7  7  DC DC A . n 
A 1 8  DA 8  8  8  DA DA A . n 
A 1 9  DT 9  9  9  DT DT A . n 
A 1 10 DT 10 10 10 DT DT A . n 
A 1 11 DG 11 11 11 DG DG A . n 
A 1 12 DA 12 12 12 DA DA A . n 
B 2 1  DC 1  12 12 DC DC B . n 
B 2 2  DG 2  13 13 DG DG B . n 
B 2 3  DA 3  14 14 DA DA B . n 
B 2 4  DC 4  15 15 DC DC B . n 
B 2 5  DG 5  16 16 DG DG B . n 
B 2 6  DA 6  17 17 DA DA B . n 
B 2 7  DC 7  18 18 DC DC B . n 
B 2 8  DT 8  19 19 DT DT B . n 
B 2 9  DC 9  20 20 DC DC B . n 
C 3 1  DT 1  0  0  DT DT C . n 
C 3 2  DC 2  1  1  DC DC C . n 
C 3 3  DA 3  2  2  DA DA C . n 
C 3 4  DT 4  3  3  DT DT C . n 
C 3 5  DC 5  4  4  DC DC C . n 
C 3 6  DG 6  5  5  DG DG C . n 
D 4 1  DT 1  2  2  DT DT D . n 
D 4 2  DC 2  3  3  DC DC D . n 
D 4 3  DG 3  4  4  DG DG D . n 
D 4 4  DA 4  5  5  DA DA D . n 
D 4 5  DG 5  6  6  DG DG D . n 
D 4 6  DT 6  7  7  DT DT D . n 
D 4 7  DC 7  8  8  DC DC D . n 
D 4 8  DA 8  9  9  DA DA D . n 
D 4 9  DG 9  10 10 DG DG D . n 
D 4 10 DT 10 11 11 DT DT D . n 
D 4 11 DG 11 12 12 DG DG D . n 
D 4 12 DT 12 13 13 DT DT D . n 
D 4 13 DC 13 14 14 DC DC D . n 
D 4 14 DG 14 15 15 DG DG D . n 
D 4 15 DT 15 16 16 DT DT D . n 
# 
loop_
_pdbx_nonpoly_scheme.asym_id 
_pdbx_nonpoly_scheme.entity_id 
_pdbx_nonpoly_scheme.mon_id 
_pdbx_nonpoly_scheme.ndb_seq_num 
_pdbx_nonpoly_scheme.pdb_seq_num 
_pdbx_nonpoly_scheme.auth_seq_num 
_pdbx_nonpoly_scheme.pdb_mon_id 
_pdbx_nonpoly_scheme.auth_mon_id 
_pdbx_nonpoly_scheme.pdb_strand_id 
_pdbx_nonpoly_scheme.pdb_ins_code 
E 5 CAC 1 101 1 CAC AS C . 
F 5 CAC 1 102 2 CAC AS C . 
# 
_pdbx_struct_assembly.id                   1 
_pdbx_struct_assembly.details              author_and_software_defined_assembly 
_pdbx_struct_assembly.method_details       PISA 
_pdbx_struct_assembly.oligomeric_details   tetrameric 
_pdbx_struct_assembly.oligomeric_count     4 
# 
_pdbx_struct_assembly_gen.assembly_id       1 
_pdbx_struct_assembly_gen.oper_expression   1 
_pdbx_struct_assembly_gen.asym_id_list      A,B,C,D,E,F 
# 
loop_
_pdbx_struct_assembly_prop.biol_id 
_pdbx_struct_assembly_prop.type 
_pdbx_struct_assembly_prop.value 
_pdbx_struct_assembly_prop.details 
1 'ABSA (A^2)' 2670 ? 
1 MORE         -14  ? 
1 'SSA (A^2)'  7820 ? 
# 
_pdbx_struct_oper_list.id                   1 
_pdbx_struct_oper_list.type                 'identity operation' 
_pdbx_struct_oper_list.name                 1_555 
_pdbx_struct_oper_list.symmetry_operation   x,y,z 
_pdbx_struct_oper_list.matrix[1][1]         1.0000000000 
_pdbx_struct_oper_list.matrix[1][2]         0.0000000000 
_pdbx_struct_oper_list.matrix[1][3]         0.0000000000 
_pdbx_struct_oper_list.vector[1]            0.0000000000 
_pdbx_struct_oper_list.matrix[2][1]         0.0000000000 
_pdbx_struct_oper_list.matrix[2][2]         1.0000000000 
_pdbx_struct_oper_list.matrix[2][3]         0.0000000000 
_pdbx_struct_oper_list.vector[2]            0.0000000000 
_pdbx_struct_oper_list.matrix[3][1]         0.0000000000 
_pdbx_struct_oper_list.matrix[3][2]         0.0000000000 
_pdbx_struct_oper_list.matrix[3][3]         1.0000000000 
_pdbx_struct_oper_list.vector[3]            0.0000000000 
# 
loop_
_pdbx_audit_revision_history.ordinal 
_pdbx_audit_revision_history.data_content_type 
_pdbx_audit_revision_history.major_revision 
_pdbx_audit_revision_history.minor_revision 
_pdbx_audit_revision_history.revision_date 
1 'Structure model' 1 0 2021-07-14 
2 'Structure model' 1 1 2022-07-06 
3 'Structure model' 1 2 2023-10-18 
# 
_pdbx_audit_revision_details.ordinal             1 
_pdbx_audit_revision_details.revision_ordinal    1 
_pdbx_audit_revision_details.data_content_type   'Structure model' 
_pdbx_audit_revision_details.provider            repository 
_pdbx_audit_revision_details.type                'Initial release' 
_pdbx_audit_revision_details.description         ? 
_pdbx_audit_revision_details.details             ? 
# 
loop_
_pdbx_audit_revision_group.ordinal 
_pdbx_audit_revision_group.revision_ordinal 
_pdbx_audit_revision_group.data_content_type 
_pdbx_audit_revision_group.group 
1 2 'Structure model' 'Database references'    
2 3 'Structure model' 'Data collection'        
3 3 'Structure model' 'Refinement description' 
# 
loop_
_pdbx_audit_revision_category.ordinal 
_pdbx_audit_revision_category.revision_ordinal 
_pdbx_audit_revision_category.data_content_type 
_pdbx_audit_revision_category.category 
1 2 'Structure model' citation                      
2 2 'Structure model' citation_author               
3 2 'Structure model' database_2                    
4 3 'Structure model' chem_comp_atom                
5 3 'Structure model' chem_comp_bond                
6 3 'Structure model' pdbx_initial_refinement_model 
# 
loop_
_pdbx_audit_revision_item.ordinal 
_pdbx_audit_revision_item.revision_ordinal 
_pdbx_audit_revision_item.data_content_type 
_pdbx_audit_revision_item.item 
1  2 'Structure model' '_citation.country'                   
2  2 'Structure model' '_citation.journal_abbrev'            
3  2 'Structure model' '_citation.journal_id_CSD'            
4  2 'Structure model' '_citation.journal_id_ISSN'           
5  2 'Structure model' '_citation.journal_volume'            
6  2 'Structure model' '_citation.page_first'                
7  2 'Structure model' '_citation.page_last'                 
8  2 'Structure model' '_citation.pdbx_database_id_DOI'      
9  2 'Structure model' '_citation.pdbx_database_id_PubMed'   
10 2 'Structure model' '_citation.title'                     
11 2 'Structure model' '_citation.year'                      
12 2 'Structure model' '_database_2.pdbx_DOI'                
13 2 'Structure model' '_database_2.pdbx_database_accession' 
# 
loop_
_software.citation_id 
_software.classification 
_software.compiler_name 
_software.compiler_version 
_software.contact_author 
_software.contact_author_email 
_software.date 
_software.description 
_software.dependencies 
_software.hardware 
_software.language 
_software.location 
_software.mods 
_software.name 
_software.os 
_software.os_version 
_software.type 
_software.version 
_software.pdbx_ordinal 
? 'data reduction'  ? ? ? ? ? ? ? ? ? ? ? HKL-2000    ? ? ? .           1 
? 'data scaling'    ? ? ? ? ? ? ? ? ? ? ? HKL-2000    ? ? ? .           2 
? refinement        ? ? ? ? ? ? ? ? ? ? ? PHENIX      ? ? ? 1.11.1_2575 3 
? 'data extraction' ? ? ? ? ? ? ? ? ? ? ? PDB_EXTRACT ? ? ? 3.25        4 
? phasing           ? ? ? ? ? ? ? ? ? ? ? PHASER      ? ? ? .           5 
# 
_pdbx_entry_details.entry_id                 7JIM 
_pdbx_entry_details.has_ligand_of_interest   N 
_pdbx_entry_details.compound_details         ? 
_pdbx_entry_details.source_details           ? 
_pdbx_entry_details.nonpolymer_details       ? 
_pdbx_entry_details.sequence_details         ? 
# 
loop_
_pdbx_unobs_or_zero_occ_atoms.id 
_pdbx_unobs_or_zero_occ_atoms.PDB_model_num 
_pdbx_unobs_or_zero_occ_atoms.polymer_flag 
_pdbx_unobs_or_zero_occ_atoms.occupancy_flag 
_pdbx_unobs_or_zero_occ_atoms.auth_asym_id 
_pdbx_unobs_or_zero_occ_atoms.auth_comp_id 
_pdbx_unobs_or_zero_occ_atoms.auth_seq_id 
_pdbx_unobs_or_zero_occ_atoms.PDB_ins_code 
_pdbx_unobs_or_zero_occ_atoms.auth_atom_id 
_pdbx_unobs_or_zero_occ_atoms.label_alt_id 
_pdbx_unobs_or_zero_occ_atoms.label_asym_id 
_pdbx_unobs_or_zero_occ_atoms.label_comp_id 
_pdbx_unobs_or_zero_occ_atoms.label_seq_id 
_pdbx_unobs_or_zero_occ_atoms.label_atom_id 
1 1 N 1 C CAC 101 ? O1 ? E CAC 1 O1 
2 1 N 1 C CAC 101 ? O2 ? E CAC 1 O2 
3 1 N 1 C CAC 101 ? C1 ? E CAC 1 C1 
4 1 N 1 C CAC 101 ? C2 ? E CAC 1 C2 
5 1 N 1 C CAC 102 ? O1 ? F CAC 1 O1 
6 1 N 1 C CAC 102 ? O2 ? F CAC 1 O2 
7 1 N 1 C CAC 102 ? C1 ? F CAC 1 C1 
8 1 N 1 C CAC 102 ? C2 ? F CAC 1 C2 
# 
loop_
_chem_comp_atom.comp_id 
_chem_comp_atom.atom_id 
_chem_comp_atom.type_symbol 
_chem_comp_atom.pdbx_aromatic_flag 
_chem_comp_atom.pdbx_stereo_config 
_chem_comp_atom.pdbx_ordinal 
CAC AS     AS N N 1   
CAC O1     O  N N 2   
CAC O2     O  N N 3   
CAC C1     C  N N 4   
CAC C2     C  N N 5   
CAC H11    H  N N 6   
CAC H12    H  N N 7   
CAC H13    H  N N 8   
CAC H21    H  N N 9   
CAC H22    H  N N 10  
CAC H23    H  N N 11  
DA  OP3    O  N N 12  
DA  P      P  N N 13  
DA  OP1    O  N N 14  
DA  OP2    O  N N 15  
DA  "O5'"  O  N N 16  
DA  "C5'"  C  N N 17  
DA  "C4'"  C  N R 18  
DA  "O4'"  O  N N 19  
DA  "C3'"  C  N S 20  
DA  "O3'"  O  N N 21  
DA  "C2'"  C  N N 22  
DA  "C1'"  C  N R 23  
DA  N9     N  Y N 24  
DA  C8     C  Y N 25  
DA  N7     N  Y N 26  
DA  C5     C  Y N 27  
DA  C6     C  Y N 28  
DA  N6     N  N N 29  
DA  N1     N  Y N 30  
DA  C2     C  Y N 31  
DA  N3     N  Y N 32  
DA  C4     C  Y N 33  
DA  HOP3   H  N N 34  
DA  HOP2   H  N N 35  
DA  "H5'"  H  N N 36  
DA  "H5''" H  N N 37  
DA  "H4'"  H  N N 38  
DA  "H3'"  H  N N 39  
DA  "HO3'" H  N N 40  
DA  "H2'"  H  N N 41  
DA  "H2''" H  N N 42  
DA  "H1'"  H  N N 43  
DA  H8     H  N N 44  
DA  H61    H  N N 45  
DA  H62    H  N N 46  
DA  H2     H  N N 47  
DC  OP3    O  N N 48  
DC  P      P  N N 49  
DC  OP1    O  N N 50  
DC  OP2    O  N N 51  
DC  "O5'"  O  N N 52  
DC  "C5'"  C  N N 53  
DC  "C4'"  C  N R 54  
DC  "O4'"  O  N N 55  
DC  "C3'"  C  N S 56  
DC  "O3'"  O  N N 57  
DC  "C2'"  C  N N 58  
DC  "C1'"  C  N R 59  
DC  N1     N  N N 60  
DC  C2     C  N N 61  
DC  O2     O  N N 62  
DC  N3     N  N N 63  
DC  C4     C  N N 64  
DC  N4     N  N N 65  
DC  C5     C  N N 66  
DC  C6     C  N N 67  
DC  HOP3   H  N N 68  
DC  HOP2   H  N N 69  
DC  "H5'"  H  N N 70  
DC  "H5''" H  N N 71  
DC  "H4'"  H  N N 72  
DC  "H3'"  H  N N 73  
DC  "HO3'" H  N N 74  
DC  "H2'"  H  N N 75  
DC  "H2''" H  N N 76  
DC  "H1'"  H  N N 77  
DC  H41    H  N N 78  
DC  H42    H  N N 79  
DC  H5     H  N N 80  
DC  H6     H  N N 81  
DG  OP3    O  N N 82  
DG  P      P  N N 83  
DG  OP1    O  N N 84  
DG  OP2    O  N N 85  
DG  "O5'"  O  N N 86  
DG  "C5'"  C  N N 87  
DG  "C4'"  C  N R 88  
DG  "O4'"  O  N N 89  
DG  "C3'"  C  N S 90  
DG  "O3'"  O  N N 91  
DG  "C2'"  C  N N 92  
DG  "C1'"  C  N R 93  
DG  N9     N  Y N 94  
DG  C8     C  Y N 95  
DG  N7     N  Y N 96  
DG  C5     C  Y N 97  
DG  C6     C  N N 98  
DG  O6     O  N N 99  
DG  N1     N  N N 100 
DG  C2     C  N N 101 
DG  N2     N  N N 102 
DG  N3     N  N N 103 
DG  C4     C  Y N 104 
DG  HOP3   H  N N 105 
DG  HOP2   H  N N 106 
DG  "H5'"  H  N N 107 
DG  "H5''" H  N N 108 
DG  "H4'"  H  N N 109 
DG  "H3'"  H  N N 110 
DG  "HO3'" H  N N 111 
DG  "H2'"  H  N N 112 
DG  "H2''" H  N N 113 
DG  "H1'"  H  N N 114 
DG  H8     H  N N 115 
DG  H1     H  N N 116 
DG  H21    H  N N 117 
DG  H22    H  N N 118 
DT  OP3    O  N N 119 
DT  P      P  N N 120 
DT  OP1    O  N N 121 
DT  OP2    O  N N 122 
DT  "O5'"  O  N N 123 
DT  "C5'"  C  N N 124 
DT  "C4'"  C  N R 125 
DT  "O4'"  O  N N 126 
DT  "C3'"  C  N S 127 
DT  "O3'"  O  N N 128 
DT  "C2'"  C  N N 129 
DT  "C1'"  C  N R 130 
DT  N1     N  N N 131 
DT  C2     C  N N 132 
DT  O2     O  N N 133 
DT  N3     N  N N 134 
DT  C4     C  N N 135 
DT  O4     O  N N 136 
DT  C5     C  N N 137 
DT  C7     C  N N 138 
DT  C6     C  N N 139 
DT  HOP3   H  N N 140 
DT  HOP2   H  N N 141 
DT  "H5'"  H  N N 142 
DT  "H5''" H  N N 143 
DT  "H4'"  H  N N 144 
DT  "H3'"  H  N N 145 
DT  "HO3'" H  N N 146 
DT  "H2'"  H  N N 147 
DT  "H2''" H  N N 148 
DT  "H1'"  H  N N 149 
DT  H3     H  N N 150 
DT  H71    H  N N 151 
DT  H72    H  N N 152 
DT  H73    H  N N 153 
DT  H6     H  N N 154 
# 
loop_
_chem_comp_bond.comp_id 
_chem_comp_bond.atom_id_1 
_chem_comp_bond.atom_id_2 
_chem_comp_bond.value_order 
_chem_comp_bond.pdbx_aromatic_flag 
_chem_comp_bond.pdbx_stereo_config 
_chem_comp_bond.pdbx_ordinal 
CAC AS    O1     doub N N 1   
CAC AS    O2     sing N N 2   
CAC AS    C1     sing N N 3   
CAC AS    C2     sing N N 4   
CAC C1    H11    sing N N 5   
CAC C1    H12    sing N N 6   
CAC C1    H13    sing N N 7   
CAC C2    H21    sing N N 8   
CAC C2    H22    sing N N 9   
CAC C2    H23    sing N N 10  
DA  OP3   P      sing N N 11  
DA  OP3   HOP3   sing N N 12  
DA  P     OP1    doub N N 13  
DA  P     OP2    sing N N 14  
DA  P     "O5'"  sing N N 15  
DA  OP2   HOP2   sing N N 16  
DA  "O5'" "C5'"  sing N N 17  
DA  "C5'" "C4'"  sing N N 18  
DA  "C5'" "H5'"  sing N N 19  
DA  "C5'" "H5''" sing N N 20  
DA  "C4'" "O4'"  sing N N 21  
DA  "C4'" "C3'"  sing N N 22  
DA  "C4'" "H4'"  sing N N 23  
DA  "O4'" "C1'"  sing N N 24  
DA  "C3'" "O3'"  sing N N 25  
DA  "C3'" "C2'"  sing N N 26  
DA  "C3'" "H3'"  sing N N 27  
DA  "O3'" "HO3'" sing N N 28  
DA  "C2'" "C1'"  sing N N 29  
DA  "C2'" "H2'"  sing N N 30  
DA  "C2'" "H2''" sing N N 31  
DA  "C1'" N9     sing N N 32  
DA  "C1'" "H1'"  sing N N 33  
DA  N9    C8     sing Y N 34  
DA  N9    C4     sing Y N 35  
DA  C8    N7     doub Y N 36  
DA  C8    H8     sing N N 37  
DA  N7    C5     sing Y N 38  
DA  C5    C6     sing Y N 39  
DA  C5    C4     doub Y N 40  
DA  C6    N6     sing N N 41  
DA  C6    N1     doub Y N 42  
DA  N6    H61    sing N N 43  
DA  N6    H62    sing N N 44  
DA  N1    C2     sing Y N 45  
DA  C2    N3     doub Y N 46  
DA  C2    H2     sing N N 47  
DA  N3    C4     sing Y N 48  
DC  OP3   P      sing N N 49  
DC  OP3   HOP3   sing N N 50  
DC  P     OP1    doub N N 51  
DC  P     OP2    sing N N 52  
DC  P     "O5'"  sing N N 53  
DC  OP2   HOP2   sing N N 54  
DC  "O5'" "C5'"  sing N N 55  
DC  "C5'" "C4'"  sing N N 56  
DC  "C5'" "H5'"  sing N N 57  
DC  "C5'" "H5''" sing N N 58  
DC  "C4'" "O4'"  sing N N 59  
DC  "C4'" "C3'"  sing N N 60  
DC  "C4'" "H4'"  sing N N 61  
DC  "O4'" "C1'"  sing N N 62  
DC  "C3'" "O3'"  sing N N 63  
DC  "C3'" "C2'"  sing N N 64  
DC  "C3'" "H3'"  sing N N 65  
DC  "O3'" "HO3'" sing N N 66  
DC  "C2'" "C1'"  sing N N 67  
DC  "C2'" "H2'"  sing N N 68  
DC  "C2'" "H2''" sing N N 69  
DC  "C1'" N1     sing N N 70  
DC  "C1'" "H1'"  sing N N 71  
DC  N1    C2     sing N N 72  
DC  N1    C6     sing N N 73  
DC  C2    O2     doub N N 74  
DC  C2    N3     sing N N 75  
DC  N3    C4     doub N N 76  
DC  C4    N4     sing N N 77  
DC  C4    C5     sing N N 78  
DC  N4    H41    sing N N 79  
DC  N4    H42    sing N N 80  
DC  C5    C6     doub N N 81  
DC  C5    H5     sing N N 82  
DC  C6    H6     sing N N 83  
DG  OP3   P      sing N N 84  
DG  OP3   HOP3   sing N N 85  
DG  P     OP1    doub N N 86  
DG  P     OP2    sing N N 87  
DG  P     "O5'"  sing N N 88  
DG  OP2   HOP2   sing N N 89  
DG  "O5'" "C5'"  sing N N 90  
DG  "C5'" "C4'"  sing N N 91  
DG  "C5'" "H5'"  sing N N 92  
DG  "C5'" "H5''" sing N N 93  
DG  "C4'" "O4'"  sing N N 94  
DG  "C4'" "C3'"  sing N N 95  
DG  "C4'" "H4'"  sing N N 96  
DG  "O4'" "C1'"  sing N N 97  
DG  "C3'" "O3'"  sing N N 98  
DG  "C3'" "C2'"  sing N N 99  
DG  "C3'" "H3'"  sing N N 100 
DG  "O3'" "HO3'" sing N N 101 
DG  "C2'" "C1'"  sing N N 102 
DG  "C2'" "H2'"  sing N N 103 
DG  "C2'" "H2''" sing N N 104 
DG  "C1'" N9     sing N N 105 
DG  "C1'" "H1'"  sing N N 106 
DG  N9    C8     sing Y N 107 
DG  N9    C4     sing Y N 108 
DG  C8    N7     doub Y N 109 
DG  C8    H8     sing N N 110 
DG  N7    C5     sing Y N 111 
DG  C5    C6     sing N N 112 
DG  C5    C4     doub Y N 113 
DG  C6    O6     doub N N 114 
DG  C6    N1     sing N N 115 
DG  N1    C2     sing N N 116 
DG  N1    H1     sing N N 117 
DG  C2    N2     sing N N 118 
DG  C2    N3     doub N N 119 
DG  N2    H21    sing N N 120 
DG  N2    H22    sing N N 121 
DG  N3    C4     sing N N 122 
DT  OP3   P      sing N N 123 
DT  OP3   HOP3   sing N N 124 
DT  P     OP1    doub N N 125 
DT  P     OP2    sing N N 126 
DT  P     "O5'"  sing N N 127 
DT  OP2   HOP2   sing N N 128 
DT  "O5'" "C5'"  sing N N 129 
DT  "C5'" "C4'"  sing N N 130 
DT  "C5'" "H5'"  sing N N 131 
DT  "C5'" "H5''" sing N N 132 
DT  "C4'" "O4'"  sing N N 133 
DT  "C4'" "C3'"  sing N N 134 
DT  "C4'" "H4'"  sing N N 135 
DT  "O4'" "C1'"  sing N N 136 
DT  "C3'" "O3'"  sing N N 137 
DT  "C3'" "C2'"  sing N N 138 
DT  "C3'" "H3'"  sing N N 139 
DT  "O3'" "HO3'" sing N N 140 
DT  "C2'" "C1'"  sing N N 141 
DT  "C2'" "H2'"  sing N N 142 
DT  "C2'" "H2''" sing N N 143 
DT  "C1'" N1     sing N N 144 
DT  "C1'" "H1'"  sing N N 145 
DT  N1    C2     sing N N 146 
DT  N1    C6     sing N N 147 
DT  C2    O2     doub N N 148 
DT  C2    N3     sing N N 149 
DT  N3    C4     sing N N 150 
DT  N3    H3     sing N N 151 
DT  C4    O4     doub N N 152 
DT  C4    C5     sing N N 153 
DT  C5    C7     sing N N 154 
DT  C5    C6     doub N N 155 
DT  C7    H71    sing N N 156 
DT  C7    H72    sing N N 157 
DT  C7    H73    sing N N 158 
DT  C6    H6     sing N N 159 
# 
loop_
_ndb_struct_conf_na.entry_id 
_ndb_struct_conf_na.feature 
7JIM 'double helix'        
7JIM 'a-form double helix' 
7JIM 'b-form double helix' 
# 
loop_
_ndb_struct_na_base_pair.model_number 
_ndb_struct_na_base_pair.i_label_asym_id 
_ndb_struct_na_base_pair.i_label_comp_id 
_ndb_struct_na_base_pair.i_label_seq_id 
_ndb_struct_na_base_pair.i_symmetry 
_ndb_struct_na_base_pair.j_label_asym_id 
_ndb_struct_na_base_pair.j_label_comp_id 
_ndb_struct_na_base_pair.j_label_seq_id 
_ndb_struct_na_base_pair.j_symmetry 
_ndb_struct_na_base_pair.shear 
_ndb_struct_na_base_pair.stretch 
_ndb_struct_na_base_pair.stagger 
_ndb_struct_na_base_pair.buckle 
_ndb_struct_na_base_pair.propeller 
_ndb_struct_na_base_pair.opening 
_ndb_struct_na_base_pair.pair_number 
_ndb_struct_na_base_pair.pair_name 
_ndb_struct_na_base_pair.i_auth_asym_id 
_ndb_struct_na_base_pair.i_auth_seq_id 
_ndb_struct_na_base_pair.i_PDB_ins_code 
_ndb_struct_na_base_pair.j_auth_asym_id 
_ndb_struct_na_base_pair.j_auth_seq_id 
_ndb_struct_na_base_pair.j_PDB_ins_code 
_ndb_struct_na_base_pair.hbond_type_28 
_ndb_struct_na_base_pair.hbond_type_12 
1 A DA 3  1_555 D DT 15 1_555 0.679  -0.049 0.394 2.624  -2.973  -0.485  1  A_DA3:DT16_D A 3  ? D 16 ? 20 1 
1 A DC 4  1_555 D DG 14 1_555 -0.675 -0.093 0.261 0.782  -5.094  -5.623  2  A_DC4:DG15_D A 4  ? D 15 ? 19 1 
1 A DG 5  1_555 D DC 13 1_555 0.563  -0.295 0.410 6.013  -10.793 -8.780  3  A_DG5:DC14_D A 5  ? D 14 ? 19 1 
1 A DA 6  1_555 D DT 12 1_555 0.169  -0.373 0.275 2.091  -10.805 -2.073  4  A_DA6:DT13_D A 6  ? D 13 ? 20 1 
1 A DC 7  1_555 D DG 11 1_555 0.447  -0.468 0.466 -0.073 -9.436  -0.664  5  A_DC7:DG12_D A 7  ? D 12 ? 19 1 
1 A DA 8  1_555 D DT 10 1_555 -0.309 -0.360 0.679 -2.419 -8.636  -2.627  6  A_DA8:DT11_D A 8  ? D 11 ? 20 1 
1 A DT 9  1_555 D DG 9  1_555 -0.402 -0.267 0.980 -1.187 -10.168 -10.963 7  A_DT9:DG10_D A 9  ? D 10 ? ?  1 
1 A DT 10 1_555 C DA 3  1_555 -0.733 -0.241 0.680 -7.307 -7.185  -2.742  8  A_DT10:DA2_C A 10 ? C 2  ? 20 1 
1 A DG 11 1_555 C DC 2  1_555 -0.374 -0.584 0.278 -1.943 -0.358  -0.591  9  A_DG11:DC1_C A 11 ? C 1  ? 19 1 
1 A DA 12 1_555 C DT 1  1_555 0.468  -0.174 0.386 4.228  -4.151  -3.933  10 A_DA12:DT0_C A 12 ? C 0  ? 20 1 
1 B DC 1  1_555 C DG 6  1_555 -0.150 -0.176 0.344 4.869  -11.438 -10.958 11 B_DC12:DG5_C B 12 ? C 5  ? 19 1 
1 B DG 2  1_555 C DC 5  1_555 0.019  -0.331 0.580 4.909  -15.895 -8.257  12 B_DG13:DC4_C B 13 ? C 4  ? 19 1 
1 B DA 3  1_555 C DT 4  1_555 0.468  -0.404 0.406 -3.297 -15.208 -4.675  13 B_DA14:DT3_C B 14 ? C 3  ? 20 1 
1 B DC 4  1_555 D DA 8  1_555 -0.328 -0.042 0.604 -4.011 -10.368 -4.253  14 B_DC15:DA9_D B 15 ? D 9  ? ?  1 
1 B DG 5  1_555 D DC 7  1_555 0.063  -0.275 0.634 1.050  -5.384  -1.927  15 B_DG16:DC8_D B 16 ? D 8  ? 19 1 
1 B DA 6  1_555 D DT 6  1_555 0.949  -0.273 0.522 -0.097 -4.019  -9.457  16 B_DA17:DT7_D B 17 ? D 7  ? 20 1 
1 B DC 7  1_555 D DG 5  1_555 0.800  -0.513 0.457 4.882  -6.994  -3.695  17 B_DC18:DG6_D B 18 ? D 6  ? 19 1 
1 B DT 8  1_555 D DA 4  1_555 -0.784 -0.346 0.143 1.698  -5.001  -3.747  18 B_DT19:DA5_D B 19 ? D 5  ? 20 1 
1 B DC 9  1_555 D DG 3  1_555 0.299  -0.506 0.070 0.961  -5.633  -5.111  19 B_DC20:DG4_D B 20 ? D 4  ? 19 1 
# 
loop_
_ndb_struct_na_base_pair_step.model_number 
_ndb_struct_na_base_pair_step.i_label_asym_id_1 
_ndb_struct_na_base_pair_step.i_label_comp_id_1 
_ndb_struct_na_base_pair_step.i_label_seq_id_1 
_ndb_struct_na_base_pair_step.i_symmetry_1 
_ndb_struct_na_base_pair_step.j_label_asym_id_1 
_ndb_struct_na_base_pair_step.j_label_comp_id_1 
_ndb_struct_na_base_pair_step.j_label_seq_id_1 
_ndb_struct_na_base_pair_step.j_symmetry_1 
_ndb_struct_na_base_pair_step.i_label_asym_id_2 
_ndb_struct_na_base_pair_step.i_label_comp_id_2 
_ndb_struct_na_base_pair_step.i_label_seq_id_2 
_ndb_struct_na_base_pair_step.i_symmetry_2 
_ndb_struct_na_base_pair_step.j_label_asym_id_2 
_ndb_struct_na_base_pair_step.j_label_comp_id_2 
_ndb_struct_na_base_pair_step.j_label_seq_id_2 
_ndb_struct_na_base_pair_step.j_symmetry_2 
_ndb_struct_na_base_pair_step.shift 
_ndb_struct_na_base_pair_step.slide 
_ndb_struct_na_base_pair_step.rise 
_ndb_struct_na_base_pair_step.tilt 
_ndb_struct_na_base_pair_step.roll 
_ndb_struct_na_base_pair_step.twist 
_ndb_struct_na_base_pair_step.x_displacement 
_ndb_struct_na_base_pair_step.y_displacement 
_ndb_struct_na_base_pair_step.helical_rise 
_ndb_struct_na_base_pair_step.inclination 
_ndb_struct_na_base_pair_step.tip 
_ndb_struct_na_base_pair_step.helical_twist 
_ndb_struct_na_base_pair_step.step_number 
_ndb_struct_na_base_pair_step.step_name 
_ndb_struct_na_base_pair_step.i_auth_asym_id_1 
_ndb_struct_na_base_pair_step.i_auth_seq_id_1 
_ndb_struct_na_base_pair_step.i_PDB_ins_code_1 
_ndb_struct_na_base_pair_step.j_auth_asym_id_1 
_ndb_struct_na_base_pair_step.j_auth_seq_id_1 
_ndb_struct_na_base_pair_step.j_PDB_ins_code_1 
_ndb_struct_na_base_pair_step.i_auth_asym_id_2 
_ndb_struct_na_base_pair_step.i_auth_seq_id_2 
_ndb_struct_na_base_pair_step.i_PDB_ins_code_2 
_ndb_struct_na_base_pair_step.j_auth_asym_id_2 
_ndb_struct_na_base_pair_step.j_auth_seq_id_2 
_ndb_struct_na_base_pair_step.j_PDB_ins_code_2 
1 A DA 3  1_555 D DT 15 1_555 A DC 4  1_555 D DG 14 1_555 -0.196 -0.880 3.366 -0.320 0.470   25.601 -2.123 0.348  3.352 1.060   
0.723  25.608 1  AA_DA3DC4:DG15DT16_DD A 3  ? D 16 ? A 4  ? D 15 ? 
1 A DC 4  1_555 D DG 14 1_555 A DG 5  1_555 D DC 13 1_555 0.158  0.110  3.288 -1.765 2.795   42.776 -0.129 -0.393 3.280 3.825   
2.415  42.898 2  AA_DC4DG5:DC14DG15_DD A 4  ? D 15 ? A 5  ? D 14 ? 
1 A DG 5  1_555 D DC 13 1_555 A DA 6  1_555 D DT 12 1_555 -0.120 -0.066 3.398 0.782  -0.041  32.291 -0.111 0.359  3.394 -0.073  
-1.406 32.301 3  AA_DG5DA6:DT13DC14_DD A 5  ? D 14 ? A 6  ? D 13 ? 
1 A DA 6  1_555 D DT 12 1_555 A DC 7  1_555 D DG 11 1_555 0.337  -0.930 3.317 -1.693 0.170   33.929 -1.619 -0.851 3.292 0.290   
2.899  33.970 4  AA_DA6DC7:DG12DT13_DD A 6  ? D 13 ? A 7  ? D 12 ? 
1 A DC 7  1_555 D DG 11 1_555 A DA 8  1_555 D DT 10 1_555 0.261  -1.070 3.285 1.355  -11.024 34.650 -0.089 -0.219 3.461 -17.946 
-2.206 36.335 5  AA_DC7DA8:DT11DG12_DD A 7  ? D 12 ? A 8  ? D 11 ? 
1 A DA 8  1_555 D DT 10 1_555 A DT 9  1_555 D DG 9  1_555 -0.050 -1.013 3.199 -3.589 -2.162  35.715 -1.336 -0.425 3.242 -3.510  
5.826  35.952 6  AA_DA8DT9:DG10DT11_DD A 8  ? D 11 ? A 9  ? D 10 ? 
1 A DT 9  1_555 D DG 9  1_555 A DT 10 1_555 C DA 3  1_555 -0.479 -1.514 3.275 1.526  0.257   26.542 -3.359 1.441  3.228 0.559   
-3.320 26.586 7  AA_DT9DT10:DA2DG10_CD A 9  ? D 10 ? A 10 ? C 2  ? 
1 A DT 10 1_555 C DA 3  1_555 A DG 11 1_555 C DC 2  1_555 -0.158 0.117  3.172 -1.557 6.314   31.734 -0.876 0.016  3.140 11.397  
2.810  32.377 8  AA_DT10DG11:DC1DA2_CC A 10 ? C 2  ? A 11 ? C 1  ? 
1 A DG 11 1_555 C DC 2  1_555 A DA 12 1_555 C DT 1  1_555 -0.334 0.359  3.169 -0.002 2.919   46.406 0.216  0.423  3.185 3.700   
0.003  46.492 9  AA_DG11DA12:DT0DC1_CC A 11 ? C 1  ? A 12 ? C 0  ? 
1 B DC 1  1_555 C DG 6  1_555 B DG 2  1_555 C DC 5  1_555 -0.011 -0.344 3.426 -1.852 0.430   33.047 -0.680 -0.307 3.417 0.755   
3.252  33.100 10 BB_DC12DG13:DC4DG5_CC B 12 ? C 5  ? B 13 ? C 4  ? 
1 B DG 2  1_555 C DC 5  1_555 B DA 3  1_555 C DT 4  1_555 0.422  -0.833 3.539 -3.017 -1.293  39.298 -1.070 -1.011 3.523 -1.919  
4.476  39.430 11 BB_DG13DA14:DT3DC4_CC B 13 ? C 4  ? B 14 ? C 3  ? 
1 B DA 3  1_555 C DT 4  1_555 B DC 4  1_555 D DA 8  1_555 -0.838 -1.535 3.118 -3.397 1.142   25.124 -3.810 0.966  3.130 2.608   
7.759  25.374 12 BB_DA14DC15:DA9DT3_DC B 14 ? C 3  ? B 15 ? D 9  ? 
1 B DC 4  1_555 D DA 8  1_555 B DG 5  1_555 D DC 7  1_555 0.128  0.181  3.307 0.826  4.336   35.979 -0.326 -0.089 3.307 6.988   
-1.332 36.239 13 BB_DC15DG16:DC8DA9_DD B 15 ? D 9  ? B 16 ? D 8  ? 
1 B DG 5  1_555 D DC 7  1_555 B DA 6  1_555 D DT 6  1_555 -0.437 -0.616 3.194 0.413  4.451   40.110 -1.378 0.679  3.107 6.466   
-0.600 40.348 14 BB_DG16DA17:DT7DC8_DD B 16 ? D 8  ? B 17 ? D 7  ? 
1 B DA 6  1_555 D DT 6  1_555 B DC 7  1_555 D DG 5  1_555 0.705  -1.207 3.094 0.373  3.471   34.416 -2.528 -1.132 2.969 5.848   
-0.629 34.587 15 BB_DA17DC18:DG6DT7_DD B 17 ? D 7  ? B 18 ? D 6  ? 
1 B DC 7  1_555 D DG 5  1_555 B DT 8  1_555 D DA 4  1_555 -0.229 -0.833 3.330 4.129  0.810   25.668 -2.075 1.653  3.226 1.809   
-9.214 26.005 16 BB_DC18DT19:DA5DG6_DD B 18 ? D 6  ? B 19 ? D 5  ? 
1 B DT 8  1_555 D DA 4  1_555 B DC 9  1_555 D DG 3  1_555 -0.101 -0.307 3.382 2.129  2.170   38.162 -0.749 0.430  3.350 3.313   
-3.250 38.278 17 BB_DT19DC20:DG4DA5_DD B 19 ? D 5  ? B 20 ? D 4  ? 
# 
loop_
_pdbx_audit_support.funding_organization 
_pdbx_audit_support.country 
_pdbx_audit_support.grant_number 
_pdbx_audit_support.ordinal 
'National Science Foundation (NSF, United States)'                                         'United States' 1360635     1 
'National Institutes of Health/National Institute of General Medical Sciences (NIH/NIGMS)' 'United States' R01GM104960 2 
'National Science Foundation (NSF, United States)'                                         'United States' NSF2004250  3 
# 
_pdbx_entity_nonpoly.entity_id   5 
_pdbx_entity_nonpoly.name        'CACODYLATE ION' 
_pdbx_entity_nonpoly.comp_id     CAC 
# 
_pdbx_initial_refinement_model.id               1 
_pdbx_initial_refinement_model.entity_id_list   ? 
_pdbx_initial_refinement_model.type             'experimental model' 
_pdbx_initial_refinement_model.source_name      PDB 
_pdbx_initial_refinement_model.accession_code   6XNA 
_pdbx_initial_refinement_model.details          ? 
# 
_pdbx_struct_assembly_auth_evidence.id                     1 
_pdbx_struct_assembly_auth_evidence.assembly_id            1 
_pdbx_struct_assembly_auth_evidence.experimental_support   none 
_pdbx_struct_assembly_auth_evidence.details                ? 
# 
